data_1BOW
# 
_entry.id   1BOW 
# 
_audit_conform.dict_name       mmcif_pdbx.dic 
_audit_conform.dict_version    5.385 
_audit_conform.dict_location   http://mmcif.pdb.org/dictionaries/ascii/mmcif_pdbx.dic 
# 
loop_
_database_2.database_id 
_database_2.database_code 
_database_2.pdbx_database_accession 
_database_2.pdbx_DOI 
PDB   1BOW         pdb_00001bow 10.2210/pdb1bow/pdb 
WWPDB D_1000171972 ?            ?                   
# 
loop_
_pdbx_audit_revision_history.ordinal 
_pdbx_audit_revision_history.data_content_type 
_pdbx_audit_revision_history.major_revision 
_pdbx_audit_revision_history.minor_revision 
_pdbx_audit_revision_history.revision_date 
1 'Structure model' 1 0 1999-08-06 
2 'Structure model' 1 1 2008-03-03 
3 'Structure model' 1 2 2011-07-13 
4 'Structure model' 1 3 2024-02-07 
# 
_pdbx_audit_revision_details.ordinal             1 
_pdbx_audit_revision_details.revision_ordinal    1 
_pdbx_audit_revision_details.data_content_type   'Structure model' 
_pdbx_audit_revision_details.provider            repository 
_pdbx_audit_revision_details.type                'Initial release' 
_pdbx_audit_revision_details.description         ? 
_pdbx_audit_revision_details.details             ? 
# 
loop_
_pdbx_audit_revision_group.ordinal 
_pdbx_audit_revision_group.revision_ordinal 
_pdbx_audit_revision_group.data_content_type 
_pdbx_audit_revision_group.group 
1 2 'Structure model' 'Version format compliance' 
2 3 'Structure model' 'Version format compliance' 
3 4 'Structure model' 'Data collection'           
4 4 'Structure model' 'Database references'       
5 4 'Structure model' 'Derived calculations'      
# 
loop_
_pdbx_audit_revision_category.ordinal 
_pdbx_audit_revision_category.revision_ordinal 
_pdbx_audit_revision_category.data_content_type 
_pdbx_audit_revision_category.category 
1 4 'Structure model' chem_comp_atom         
2 4 'Structure model' chem_comp_bond         
3 4 'Structure model' database_2             
4 4 'Structure model' pdbx_struct_conn_angle 
5 4 'Structure model' struct_conn            
6 4 'Structure model' struct_ref_seq_dif     
7 4 'Structure model' struct_site            
# 
loop_
_pdbx_audit_revision_item.ordinal 
_pdbx_audit_revision_item.revision_ordinal 
_pdbx_audit_revision_item.data_content_type 
_pdbx_audit_revision_item.item 
1  4 'Structure model' '_database_2.pdbx_DOI'                        
2  4 'Structure model' '_database_2.pdbx_database_accession'         
3  4 'Structure model' '_pdbx_struct_conn_angle.ptnr1_auth_comp_id'  
4  4 'Structure model' '_pdbx_struct_conn_angle.ptnr1_auth_seq_id'   
5  4 'Structure model' '_pdbx_struct_conn_angle.ptnr1_label_atom_id' 
6  4 'Structure model' '_pdbx_struct_conn_angle.ptnr1_label_comp_id' 
7  4 'Structure model' '_pdbx_struct_conn_angle.ptnr1_label_seq_id'  
8  4 'Structure model' '_pdbx_struct_conn_angle.ptnr1_symmetry'      
9  4 'Structure model' '_pdbx_struct_conn_angle.ptnr3_auth_comp_id'  
10 4 'Structure model' '_pdbx_struct_conn_angle.ptnr3_auth_seq_id'   
11 4 'Structure model' '_pdbx_struct_conn_angle.ptnr3_label_atom_id' 
12 4 'Structure model' '_pdbx_struct_conn_angle.ptnr3_label_comp_id' 
13 4 'Structure model' '_pdbx_struct_conn_angle.ptnr3_label_seq_id'  
14 4 'Structure model' '_pdbx_struct_conn_angle.ptnr3_symmetry'      
15 4 'Structure model' '_pdbx_struct_conn_angle.value'               
16 4 'Structure model' '_struct_conn.pdbx_dist_value'                
17 4 'Structure model' '_struct_conn.ptnr1_auth_comp_id'             
18 4 'Structure model' '_struct_conn.ptnr1_auth_seq_id'              
19 4 'Structure model' '_struct_conn.ptnr1_label_asym_id'            
20 4 'Structure model' '_struct_conn.ptnr1_label_atom_id'            
21 4 'Structure model' '_struct_conn.ptnr1_label_comp_id'            
22 4 'Structure model' '_struct_conn.ptnr1_label_seq_id'             
23 4 'Structure model' '_struct_conn.ptnr1_symmetry'                 
24 4 'Structure model' '_struct_conn.ptnr2_auth_comp_id'             
25 4 'Structure model' '_struct_conn.ptnr2_auth_seq_id'              
26 4 'Structure model' '_struct_conn.ptnr2_label_asym_id'            
27 4 'Structure model' '_struct_conn.ptnr2_label_atom_id'            
28 4 'Structure model' '_struct_conn.ptnr2_label_comp_id'            
29 4 'Structure model' '_struct_conn.ptnr2_label_seq_id'             
30 4 'Structure model' '_struct_conn.ptnr2_symmetry'                 
31 4 'Structure model' '_struct_ref_seq_dif.details'                 
32 4 'Structure model' '_struct_site.pdbx_auth_asym_id'              
33 4 'Structure model' '_struct_site.pdbx_auth_comp_id'              
34 4 'Structure model' '_struct_site.pdbx_auth_seq_id'               
# 
_pdbx_database_status.status_code                     REL 
_pdbx_database_status.entry_id                        1BOW 
_pdbx_database_status.recvd_initial_deposition_date   1998-08-06 
_pdbx_database_status.deposit_site                    ? 
_pdbx_database_status.process_site                    BNL 
_pdbx_database_status.SG_entry                        . 
_pdbx_database_status.pdb_format_compatible           Y 
_pdbx_database_status.status_code_mr                  ? 
_pdbx_database_status.status_code_sf                  ? 
_pdbx_database_status.status_code_cs                  ? 
_pdbx_database_status.status_code_nmr_data            ? 
_pdbx_database_status.methods_development_category    ? 
# 
loop_
_audit_author.name 
_audit_author.pdbx_ordinal 
'Zheleznova, E.E.' 1 
'Markham, P.N.'    2 
'Neyfakh, A.A.'    3 
'Brennan, R.G.'    4 
# 
_citation.id                        primary 
_citation.title                     
'Structural basis of multidrug recognition by BmrR, a transcription activator of a multidrug transporter.' 
_citation.journal_abbrev            'Cell(Cambridge,Mass.)' 
_citation.journal_volume            96 
_citation.page_first                353 
_citation.page_last                 362 
_citation.year                      1999 
_citation.journal_id_ASTM           CELLB5 
_citation.country                   US 
_citation.journal_id_ISSN           0092-8674 
_citation.journal_id_CSD            0998 
_citation.book_publisher            ? 
_citation.pdbx_database_id_PubMed   10025401 
_citation.pdbx_database_id_DOI      '10.1016/S0092-8674(00)80548-6' 
# 
loop_
_citation_author.citation_id 
_citation_author.name 
_citation_author.ordinal 
_citation_author.identifier_ORCID 
primary 'Zheleznova, E.E.' 1 ? 
primary 'Markham, P.N.'    2 ? 
primary 'Neyfakh, A.A.'    3 ? 
primary 'Brennan, R.G.'    4 ? 
# 
loop_
_entity.id 
_entity.type 
_entity.src_method 
_entity.pdbx_description 
_entity.formula_weight 
_entity.pdbx_number_of_molecules 
_entity.pdbx_ec 
_entity.pdbx_mutation 
_entity.pdbx_fragment 
_entity.details 
1 polymer     man 'MULTIDRUG-EFFLUX TRANSPORTER 1 REGULATOR BMRR' 18492.049 1  ? ? 'MULTIDRUG-BINDING DOMAIN' ? 
2 non-polymer syn 'MANGANESE (II) ION'                            54.938    1  ? ? ?                          ? 
3 water       nat water                                           18.015    30 ? ? ?                          ? 
# 
_entity_name_com.entity_id   1 
_entity_name_com.name        BRC 
# 
_entity_poly.entity_id                      1 
_entity_poly.type                           'polypeptide(L)' 
_entity_poly.nstd_linkage                   no 
_entity_poly.nstd_monomer                   no 
_entity_poly.pdbx_seq_one_letter_code       
;RLGEVFVLDEEEIRIIQTEAEGIGPENVLNASYSKLKKFIESADGFTNNSYGATFSFQPYTSIDEMTYRHIFTPVLTNKQ
ISSITPDMEITTIPKGRYACIAYNFSPEHYFLNLQKLIKYIADRQLTVVSDVYELIIPIHYSPKKQEEYRVEMKIRILE
;
_entity_poly.pdbx_seq_one_letter_code_can   
;RLGEVFVLDEEEIRIIQTEAEGIGPENVLNASYSKLKKFIESADGFTNNSYGATFSFQPYTSIDEMTYRHIFTPVLTNKQ
ISSITPDMEITTIPKGRYACIAYNFSPEHYFLNLQKLIKYIADRQLTVVSDVYELIIPIHYSPKKQEEYRVEMKIRILE
;
_entity_poly.pdbx_strand_id                 A 
_entity_poly.pdbx_target_identifier         ? 
# 
loop_
_pdbx_entity_nonpoly.entity_id 
_pdbx_entity_nonpoly.name 
_pdbx_entity_nonpoly.comp_id 
2 'MANGANESE (II) ION' MN  
3 water                HOH 
# 
loop_
_entity_poly_seq.entity_id 
_entity_poly_seq.num 
_entity_poly_seq.mon_id 
_entity_poly_seq.hetero 
1 1   ARG n 
1 2   LEU n 
1 3   GLY n 
1 4   GLU n 
1 5   VAL n 
1 6   PHE n 
1 7   VAL n 
1 8   LEU n 
1 9   ASP n 
1 10  GLU n 
1 11  GLU n 
1 12  GLU n 
1 13  ILE n 
1 14  ARG n 
1 15  ILE n 
1 16  ILE n 
1 17  GLN n 
1 18  THR n 
1 19  GLU n 
1 20  ALA n 
1 21  GLU n 
1 22  GLY n 
1 23  ILE n 
1 24  GLY n 
1 25  PRO n 
1 26  GLU n 
1 27  ASN n 
1 28  VAL n 
1 29  LEU n 
1 30  ASN n 
1 31  ALA n 
1 32  SER n 
1 33  TYR n 
1 34  SER n 
1 35  LYS n 
1 36  LEU n 
1 37  LYS n 
1 38  LYS n 
1 39  PHE n 
1 40  ILE n 
1 41  GLU n 
1 42  SER n 
1 43  ALA n 
1 44  ASP n 
1 45  GLY n 
1 46  PHE n 
1 47  THR n 
1 48  ASN n 
1 49  ASN n 
1 50  SER n 
1 51  TYR n 
1 52  GLY n 
1 53  ALA n 
1 54  THR n 
1 55  PHE n 
1 56  SER n 
1 57  PHE n 
1 58  GLN n 
1 59  PRO n 
1 60  TYR n 
1 61  THR n 
1 62  SER n 
1 63  ILE n 
1 64  ASP n 
1 65  GLU n 
1 66  MET n 
1 67  THR n 
1 68  TYR n 
1 69  ARG n 
1 70  HIS n 
1 71  ILE n 
1 72  PHE n 
1 73  THR n 
1 74  PRO n 
1 75  VAL n 
1 76  LEU n 
1 77  THR n 
1 78  ASN n 
1 79  LYS n 
1 80  GLN n 
1 81  ILE n 
1 82  SER n 
1 83  SER n 
1 84  ILE n 
1 85  THR n 
1 86  PRO n 
1 87  ASP n 
1 88  MET n 
1 89  GLU n 
1 90  ILE n 
1 91  THR n 
1 92  THR n 
1 93  ILE n 
1 94  PRO n 
1 95  LYS n 
1 96  GLY n 
1 97  ARG n 
1 98  TYR n 
1 99  ALA n 
1 100 CYS n 
1 101 ILE n 
1 102 ALA n 
1 103 TYR n 
1 104 ASN n 
1 105 PHE n 
1 106 SER n 
1 107 PRO n 
1 108 GLU n 
1 109 HIS n 
1 110 TYR n 
1 111 PHE n 
1 112 LEU n 
1 113 ASN n 
1 114 LEU n 
1 115 GLN n 
1 116 LYS n 
1 117 LEU n 
1 118 ILE n 
1 119 LYS n 
1 120 TYR n 
1 121 ILE n 
1 122 ALA n 
1 123 ASP n 
1 124 ARG n 
1 125 GLN n 
1 126 LEU n 
1 127 THR n 
1 128 VAL n 
1 129 VAL n 
1 130 SER n 
1 131 ASP n 
1 132 VAL n 
1 133 TYR n 
1 134 GLU n 
1 135 LEU n 
1 136 ILE n 
1 137 ILE n 
1 138 PRO n 
1 139 ILE n 
1 140 HIS n 
1 141 TYR n 
1 142 SER n 
1 143 PRO n 
1 144 LYS n 
1 145 LYS n 
1 146 GLN n 
1 147 GLU n 
1 148 GLU n 
1 149 TYR n 
1 150 ARG n 
1 151 VAL n 
1 152 GLU n 
1 153 MET n 
1 154 LYS n 
1 155 ILE n 
1 156 ARG n 
1 157 ILE n 
1 158 LEU n 
1 159 GLU n 
# 
_entity_src_gen.entity_id                          1 
_entity_src_gen.pdbx_src_id                        1 
_entity_src_gen.pdbx_alt_source_flag               sample 
_entity_src_gen.pdbx_seq_type                      ? 
_entity_src_gen.pdbx_beg_seq_num                   ? 
_entity_src_gen.pdbx_end_seq_num                   ? 
_entity_src_gen.gene_src_common_name               ? 
_entity_src_gen.gene_src_genus                     Bacillus 
_entity_src_gen.pdbx_gene_src_gene                 ? 
_entity_src_gen.gene_src_species                   ? 
_entity_src_gen.gene_src_strain                    ? 
_entity_src_gen.gene_src_tissue                    ? 
_entity_src_gen.gene_src_tissue_fraction           ? 
_entity_src_gen.gene_src_details                   ? 
_entity_src_gen.pdbx_gene_src_fragment             ? 
_entity_src_gen.pdbx_gene_src_scientific_name      'Bacillus subtilis' 
_entity_src_gen.pdbx_gene_src_ncbi_taxonomy_id     1423 
_entity_src_gen.pdbx_gene_src_variant              ? 
_entity_src_gen.pdbx_gene_src_cell_line            ? 
_entity_src_gen.pdbx_gene_src_atcc                 ? 
_entity_src_gen.pdbx_gene_src_organ                ? 
_entity_src_gen.pdbx_gene_src_organelle            ? 
_entity_src_gen.pdbx_gene_src_cell                 ? 
_entity_src_gen.pdbx_gene_src_cellular_location    ? 
_entity_src_gen.host_org_common_name               ? 
_entity_src_gen.pdbx_host_org_scientific_name      'Escherichia coli' 
_entity_src_gen.pdbx_host_org_ncbi_taxonomy_id     562 
_entity_src_gen.host_org_genus                     Escherichia 
_entity_src_gen.pdbx_host_org_gene                 ? 
_entity_src_gen.pdbx_host_org_organ                ? 
_entity_src_gen.host_org_species                   ? 
_entity_src_gen.pdbx_host_org_tissue               ? 
_entity_src_gen.pdbx_host_org_tissue_fraction      ? 
_entity_src_gen.pdbx_host_org_strain               ? 
_entity_src_gen.pdbx_host_org_variant              ? 
_entity_src_gen.pdbx_host_org_cell_line            ? 
_entity_src_gen.pdbx_host_org_atcc                 ? 
_entity_src_gen.pdbx_host_org_culture_collection   ? 
_entity_src_gen.pdbx_host_org_cell                 ? 
_entity_src_gen.pdbx_host_org_organelle            ? 
_entity_src_gen.pdbx_host_org_cellular_location    ? 
_entity_src_gen.pdbx_host_org_vector_type          ? 
_entity_src_gen.pdbx_host_org_vector               ? 
_entity_src_gen.host_org_details                   ? 
_entity_src_gen.expression_system_id               ? 
_entity_src_gen.plasmid_name                       ? 
_entity_src_gen.plasmid_details                    ? 
_entity_src_gen.pdbx_description                   ? 
# 
loop_
_chem_comp.id 
_chem_comp.type 
_chem_comp.mon_nstd_flag 
_chem_comp.name 
_chem_comp.pdbx_synonyms 
_chem_comp.formula 
_chem_comp.formula_weight 
ALA 'L-peptide linking' y ALANINE              ? 'C3 H7 N O2'     89.093  
ARG 'L-peptide linking' y ARGININE             ? 'C6 H15 N4 O2 1' 175.209 
ASN 'L-peptide linking' y ASPARAGINE           ? 'C4 H8 N2 O3'    132.118 
ASP 'L-peptide linking' y 'ASPARTIC ACID'      ? 'C4 H7 N O4'     133.103 
CYS 'L-peptide linking' y CYSTEINE             ? 'C3 H7 N O2 S'   121.158 
GLN 'L-peptide linking' y GLUTAMINE            ? 'C5 H10 N2 O3'   146.144 
GLU 'L-peptide linking' y 'GLUTAMIC ACID'      ? 'C5 H9 N O4'     147.129 
GLY 'peptide linking'   y GLYCINE              ? 'C2 H5 N O2'     75.067  
HIS 'L-peptide linking' y HISTIDINE            ? 'C6 H10 N3 O2 1' 156.162 
HOH non-polymer         . WATER                ? 'H2 O'           18.015  
ILE 'L-peptide linking' y ISOLEUCINE           ? 'C6 H13 N O2'    131.173 
LEU 'L-peptide linking' y LEUCINE              ? 'C6 H13 N O2'    131.173 
LYS 'L-peptide linking' y LYSINE               ? 'C6 H15 N2 O2 1' 147.195 
MET 'L-peptide linking' y METHIONINE           ? 'C5 H11 N O2 S'  149.211 
MN  non-polymer         . 'MANGANESE (II) ION' ? 'Mn 2'           54.938  
PHE 'L-peptide linking' y PHENYLALANINE        ? 'C9 H11 N O2'    165.189 
PRO 'L-peptide linking' y PROLINE              ? 'C5 H9 N O2'     115.130 
SER 'L-peptide linking' y SERINE               ? 'C3 H7 N O3'     105.093 
THR 'L-peptide linking' y THREONINE            ? 'C4 H9 N O3'     119.119 
TYR 'L-peptide linking' y TYROSINE             ? 'C9 H11 N O3'    181.189 
VAL 'L-peptide linking' y VALINE               ? 'C5 H11 N O2'    117.146 
# 
loop_
_pdbx_poly_seq_scheme.asym_id 
_pdbx_poly_seq_scheme.entity_id 
_pdbx_poly_seq_scheme.seq_id 
_pdbx_poly_seq_scheme.mon_id 
_pdbx_poly_seq_scheme.ndb_seq_num 
_pdbx_poly_seq_scheme.pdb_seq_num 
_pdbx_poly_seq_scheme.auth_seq_num 
_pdbx_poly_seq_scheme.pdb_mon_id 
_pdbx_poly_seq_scheme.auth_mon_id 
_pdbx_poly_seq_scheme.pdb_strand_id 
_pdbx_poly_seq_scheme.pdb_ins_code 
_pdbx_poly_seq_scheme.hetero 
A 1 1   ARG 1   1   1   ARG ARG A . n 
A 1 2   LEU 2   2   2   LEU LEU A . n 
A 1 3   GLY 3   3   3   GLY GLY A . n 
A 1 4   GLU 4   4   4   GLU GLU A . n 
A 1 5   VAL 5   5   5   VAL VAL A . n 
A 1 6   PHE 6   6   6   PHE PHE A . n 
A 1 7   VAL 7   7   7   VAL VAL A . n 
A 1 8   LEU 8   8   8   LEU LEU A . n 
A 1 9   ASP 9   9   9   ASP ASP A . n 
A 1 10  GLU 10  10  10  GLU GLU A . n 
A 1 11  GLU 11  11  11  GLU GLU A . n 
A 1 12  GLU 12  12  12  GLU GLU A . n 
A 1 13  ILE 13  13  13  ILE ILE A . n 
A 1 14  ARG 14  14  14  ARG ARG A . n 
A 1 15  ILE 15  15  15  ILE ILE A . n 
A 1 16  ILE 16  16  16  ILE ILE A . n 
A 1 17  GLN 17  17  17  GLN GLN A . n 
A 1 18  THR 18  18  18  THR THR A . n 
A 1 19  GLU 19  19  19  GLU GLU A . n 
A 1 20  ALA 20  20  20  ALA ALA A . n 
A 1 21  GLU 21  21  21  GLU GLU A . n 
A 1 22  GLY 22  22  22  GLY GLY A . n 
A 1 23  ILE 23  23  23  ILE ILE A . n 
A 1 24  GLY 24  24  24  GLY GLY A . n 
A 1 25  PRO 25  25  25  PRO PRO A . n 
A 1 26  GLU 26  26  26  GLU GLU A . n 
A 1 27  ASN 27  27  27  ASN ASN A . n 
A 1 28  VAL 28  28  28  VAL VAL A . n 
A 1 29  LEU 29  29  29  LEU LEU A . n 
A 1 30  ASN 30  30  30  ASN ASN A . n 
A 1 31  ALA 31  31  31  ALA ALA A . n 
A 1 32  SER 32  32  32  SER SER A . n 
A 1 33  TYR 33  33  33  TYR TYR A . n 
A 1 34  SER 34  34  34  SER SER A . n 
A 1 35  LYS 35  35  35  LYS LYS A . n 
A 1 36  LEU 36  36  36  LEU LEU A . n 
A 1 37  LYS 37  37  37  LYS LYS A . n 
A 1 38  LYS 38  38  38  LYS LYS A . n 
A 1 39  PHE 39  39  39  PHE PHE A . n 
A 1 40  ILE 40  40  40  ILE ILE A . n 
A 1 41  GLU 41  41  41  GLU GLU A . n 
A 1 42  SER 42  42  42  SER SER A . n 
A 1 43  ALA 43  43  ?   ?   ?   A . n 
A 1 44  ASP 44  44  ?   ?   ?   A . n 
A 1 45  GLY 45  45  ?   ?   ?   A . n 
A 1 46  PHE 46  46  ?   ?   ?   A . n 
A 1 47  THR 47  47  ?   ?   ?   A . n 
A 1 48  ASN 48  48  48  ASN ASN A . n 
A 1 49  ASN 49  49  49  ASN ASN A . n 
A 1 50  SER 50  50  50  SER SER A . n 
A 1 51  TYR 51  51  51  TYR TYR A . n 
A 1 52  GLY 52  52  52  GLY GLY A . n 
A 1 53  ALA 53  53  53  ALA ALA A . n 
A 1 54  THR 54  54  54  THR THR A . n 
A 1 55  PHE 55  55  55  PHE PHE A . n 
A 1 56  SER 56  56  56  SER SER A . n 
A 1 57  PHE 57  57  57  PHE PHE A . n 
A 1 58  GLN 58  58  58  GLN GLN A . n 
A 1 59  PRO 59  59  59  PRO PRO A . n 
A 1 60  TYR 60  60  60  TYR TYR A . n 
A 1 61  THR 61  61  61  THR THR A . n 
A 1 62  SER 62  62  62  SER SER A . n 
A 1 63  ILE 63  63  63  ILE ILE A . n 
A 1 64  ASP 64  64  64  ASP ASP A . n 
A 1 65  GLU 65  65  65  GLU GLU A . n 
A 1 66  MET 66  66  66  MET MET A . n 
A 1 67  THR 67  67  67  THR THR A . n 
A 1 68  TYR 68  68  68  TYR TYR A . n 
A 1 69  ARG 69  69  69  ARG ARG A . n 
A 1 70  HIS 70  70  70  HIS HIS A . n 
A 1 71  ILE 71  71  71  ILE ILE A . n 
A 1 72  PHE 72  72  72  PHE PHE A . n 
A 1 73  THR 73  73  73  THR THR A . n 
A 1 74  PRO 74  74  74  PRO PRO A . n 
A 1 75  VAL 75  75  75  VAL VAL A . n 
A 1 76  LEU 76  76  76  LEU LEU A . n 
A 1 77  THR 77  77  ?   ?   ?   A . n 
A 1 78  ASN 78  78  ?   ?   ?   A . n 
A 1 79  LYS 79  79  ?   ?   ?   A . n 
A 1 80  GLN 80  80  ?   ?   ?   A . n 
A 1 81  ILE 81  81  81  ILE ILE A . n 
A 1 82  SER 82  82  82  SER SER A . n 
A 1 83  SER 83  83  83  SER SER A . n 
A 1 84  ILE 84  84  84  ILE ILE A . n 
A 1 85  THR 85  85  85  THR THR A . n 
A 1 86  PRO 86  86  86  PRO PRO A . n 
A 1 87  ASP 87  87  87  ASP ASP A . n 
A 1 88  MET 88  88  88  MET MET A . n 
A 1 89  GLU 89  89  89  GLU GLU A . n 
A 1 90  ILE 90  90  90  ILE ILE A . n 
A 1 91  THR 91  91  91  THR THR A . n 
A 1 92  THR 92  92  92  THR THR A . n 
A 1 93  ILE 93  93  93  ILE ILE A . n 
A 1 94  PRO 94  94  94  PRO PRO A . n 
A 1 95  LYS 95  95  95  LYS LYS A . n 
A 1 96  GLY 96  96  96  GLY GLY A . n 
A 1 97  ARG 97  97  97  ARG ARG A . n 
A 1 98  TYR 98  98  98  TYR TYR A . n 
A 1 99  ALA 99  99  99  ALA ALA A . n 
A 1 100 CYS 100 100 100 CYS CYS A . n 
A 1 101 ILE 101 101 101 ILE ILE A . n 
A 1 102 ALA 102 102 102 ALA ALA A . n 
A 1 103 TYR 103 103 103 TYR TYR A . n 
A 1 104 ASN 104 104 104 ASN ASN A . n 
A 1 105 PHE 105 105 105 PHE PHE A . n 
A 1 106 SER 106 106 106 SER SER A . n 
A 1 107 PRO 107 107 107 PRO PRO A . n 
A 1 108 GLU 108 108 108 GLU GLU A . n 
A 1 109 HIS 109 109 109 HIS HIS A . n 
A 1 110 TYR 110 110 110 TYR TYR A . n 
A 1 111 PHE 111 111 111 PHE PHE A . n 
A 1 112 LEU 112 112 112 LEU LEU A . n 
A 1 113 ASN 113 113 113 ASN ASN A . n 
A 1 114 LEU 114 114 114 LEU LEU A . n 
A 1 115 GLN 115 115 115 GLN GLN A . n 
A 1 116 LYS 116 116 116 LYS LYS A . n 
A 1 117 LEU 117 117 117 LEU LEU A . n 
A 1 118 ILE 118 118 118 ILE ILE A . n 
A 1 119 LYS 119 119 119 LYS LYS A . n 
A 1 120 TYR 120 120 120 TYR TYR A . n 
A 1 121 ILE 121 121 121 ILE ILE A . n 
A 1 122 ALA 122 122 122 ALA ALA A . n 
A 1 123 ASP 123 123 123 ASP ASP A . n 
A 1 124 ARG 124 124 124 ARG ARG A . n 
A 1 125 GLN 125 125 125 GLN GLN A . n 
A 1 126 LEU 126 126 126 LEU LEU A . n 
A 1 127 THR 127 127 127 THR THR A . n 
A 1 128 VAL 128 128 128 VAL VAL A . n 
A 1 129 VAL 129 129 129 VAL VAL A . n 
A 1 130 SER 130 130 130 SER SER A . n 
A 1 131 ASP 131 131 131 ASP ASP A . n 
A 1 132 VAL 132 132 132 VAL VAL A . n 
A 1 133 TYR 133 133 133 TYR TYR A . n 
A 1 134 GLU 134 134 134 GLU GLU A . n 
A 1 135 LEU 135 135 135 LEU LEU A . n 
A 1 136 ILE 136 136 136 ILE ILE A . n 
A 1 137 ILE 137 137 137 ILE ILE A . n 
A 1 138 PRO 138 138 138 PRO PRO A . n 
A 1 139 ILE 139 139 139 ILE ILE A . n 
A 1 140 HIS 140 140 140 HIS HIS A . n 
A 1 141 TYR 141 141 141 TYR TYR A . n 
A 1 142 SER 142 142 ?   ?   ?   A . n 
A 1 143 PRO 143 143 ?   ?   ?   A . n 
A 1 144 LYS 144 144 ?   ?   ?   A . n 
A 1 145 LYS 145 145 ?   ?   ?   A . n 
A 1 146 GLN 146 146 ?   ?   ?   A . n 
A 1 147 GLU 147 147 ?   ?   ?   A . n 
A 1 148 GLU 148 148 148 GLU GLU A . n 
A 1 149 TYR 149 149 149 TYR TYR A . n 
A 1 150 ARG 150 150 150 ARG ARG A . n 
A 1 151 VAL 151 151 151 VAL VAL A . n 
A 1 152 GLU 152 152 152 GLU GLU A . n 
A 1 153 MET 153 153 153 MET MET A . n 
A 1 154 LYS 154 154 154 LYS LYS A . n 
A 1 155 ILE 155 155 155 ILE ILE A . n 
A 1 156 ARG 156 156 156 ARG ARG A . n 
A 1 157 ILE 157 157 157 ILE ILE A . n 
A 1 158 LEU 158 158 158 LEU LEU A . n 
A 1 159 GLU 159 159 ?   ?   ?   A . n 
# 
loop_
_pdbx_nonpoly_scheme.asym_id 
_pdbx_nonpoly_scheme.entity_id 
_pdbx_nonpoly_scheme.mon_id 
_pdbx_nonpoly_scheme.ndb_seq_num 
_pdbx_nonpoly_scheme.pdb_seq_num 
_pdbx_nonpoly_scheme.auth_seq_num 
_pdbx_nonpoly_scheme.pdb_mon_id 
_pdbx_nonpoly_scheme.auth_mon_id 
_pdbx_nonpoly_scheme.pdb_strand_id 
_pdbx_nonpoly_scheme.pdb_ins_code 
B 2 MN  1  160 1  MN  MN  A . 
C 3 HOH 1  161 1  HOH HOH A . 
C 3 HOH 2  162 2  HOH HOH A . 
C 3 HOH 3  163 3  HOH HOH A . 
C 3 HOH 4  164 4  HOH HOH A . 
C 3 HOH 5  165 5  HOH HOH A . 
C 3 HOH 6  166 6  HOH HOH A . 
C 3 HOH 7  167 7  HOH HOH A . 
C 3 HOH 8  168 8  HOH HOH A . 
C 3 HOH 9  169 9  HOH HOH A . 
C 3 HOH 10 170 10 HOH HOH A . 
C 3 HOH 11 171 11 HOH HOH A . 
C 3 HOH 12 172 12 HOH HOH A . 
C 3 HOH 13 173 13 HOH HOH A . 
C 3 HOH 14 174 14 HOH HOH A . 
C 3 HOH 15 175 15 HOH HOH A . 
C 3 HOH 16 176 16 HOH HOH A . 
C 3 HOH 17 177 17 HOH HOH A . 
C 3 HOH 18 178 18 HOH HOH A . 
C 3 HOH 19 179 19 HOH HOH A . 
C 3 HOH 20 180 20 HOH HOH A . 
C 3 HOH 21 181 21 HOH HOH A . 
C 3 HOH 22 182 22 HOH HOH A . 
C 3 HOH 23 183 23 HOH HOH A . 
C 3 HOH 24 184 24 HOH HOH A . 
C 3 HOH 25 185 25 HOH HOH A . 
C 3 HOH 26 186 26 HOH HOH A . 
C 3 HOH 27 187 27 HOH HOH A . 
C 3 HOH 28 188 28 HOH HOH A . 
C 3 HOH 29 189 29 HOH HOH A . 
C 3 HOH 30 190 30 HOH HOH A . 
# 
loop_
_pdbx_unobs_or_zero_occ_atoms.id 
_pdbx_unobs_or_zero_occ_atoms.PDB_model_num 
_pdbx_unobs_or_zero_occ_atoms.polymer_flag 
_pdbx_unobs_or_zero_occ_atoms.occupancy_flag 
_pdbx_unobs_or_zero_occ_atoms.auth_asym_id 
_pdbx_unobs_or_zero_occ_atoms.auth_comp_id 
_pdbx_unobs_or_zero_occ_atoms.auth_seq_id 
_pdbx_unobs_or_zero_occ_atoms.PDB_ins_code 
_pdbx_unobs_or_zero_occ_atoms.auth_atom_id 
_pdbx_unobs_or_zero_occ_atoms.label_alt_id 
_pdbx_unobs_or_zero_occ_atoms.label_asym_id 
_pdbx_unobs_or_zero_occ_atoms.label_comp_id 
_pdbx_unobs_or_zero_occ_atoms.label_seq_id 
_pdbx_unobs_or_zero_occ_atoms.label_atom_id 
1  1 Y 1 A ARG 1  ? CG  ? A ARG 1  CG  
2  1 Y 1 A ARG 1  ? CD  ? A ARG 1  CD  
3  1 Y 1 A ARG 1  ? NE  ? A ARG 1  NE  
4  1 Y 1 A ARG 1  ? CZ  ? A ARG 1  CZ  
5  1 Y 1 A ARG 1  ? NH1 ? A ARG 1  NH1 
6  1 Y 1 A ARG 1  ? NH2 ? A ARG 1  NH2 
7  1 Y 1 A GLU 11 ? CB  ? A GLU 11 CB  
8  1 Y 1 A GLU 11 ? CG  ? A GLU 11 CG  
9  1 Y 1 A GLU 11 ? CD  ? A GLU 11 CD  
10 1 Y 1 A GLU 11 ? OE1 ? A GLU 11 OE1 
11 1 Y 1 A GLU 11 ? OE2 ? A GLU 11 OE2 
# 
loop_
_software.name 
_software.classification 
_software.version 
_software.citation_id 
_software.pdbx_ordinal 
PHASES  phasing           .  ? 1 
TNT     refinement        5D ? 2 
ADSC    'data collection' .  ? 3 
LOSCALE 'data scaling'    .  ? 4 
# 
_cell.entry_id           1BOW 
_cell.length_a           76.300 
_cell.length_b           76.300 
_cell.length_c           96.000 
_cell.angle_alpha        90.00 
_cell.angle_beta         90.00 
_cell.angle_gamma        90.00 
_cell.Z_PDB              8 
_cell.pdbx_unique_axis   ? 
# 
_symmetry.entry_id                         1BOW 
_symmetry.space_group_name_H-M             'P 41 21 2' 
_symmetry.pdbx_full_space_group_name_H-M   ? 
_symmetry.cell_setting                     ? 
_symmetry.Int_Tables_number                92 
# 
_exptl.entry_id          1BOW 
_exptl.method            'X-RAY DIFFRACTION' 
_exptl.crystals_number   1 
# 
_exptl_crystal.id                    1 
_exptl_crystal.density_meas          ? 
_exptl_crystal.density_Matthews      3.78 
_exptl_crystal.density_percent_sol   67.43 
_exptl_crystal.description           ? 
# 
_exptl_crystal_grow.crystal_id      1 
_exptl_crystal_grow.method          ? 
_exptl_crystal_grow.temp            ? 
_exptl_crystal_grow.temp_details    ? 
_exptl_crystal_grow.pH              8.5 
_exptl_crystal_grow.pdbx_pH_range   ? 
_exptl_crystal_grow.pdbx_details    'pH 8.5' 
# 
_diffrn.id                     1 
_diffrn.ambient_temp           293 
_diffrn.ambient_temp_details   ? 
_diffrn.crystal_id             1 
# 
_diffrn_detector.diffrn_id              1 
_diffrn_detector.detector               'AREA DETECTOR' 
_diffrn_detector.type                   ADSC 
_diffrn_detector.pdbx_collection_date   ? 
_diffrn_detector.details                ? 
# 
_diffrn_radiation.diffrn_id                        1 
_diffrn_radiation.wavelength_id                    1 
_diffrn_radiation.pdbx_monochromatic_or_laue_m_l   M 
_diffrn_radiation.monochromator                    'NI FILTER' 
_diffrn_radiation.pdbx_diffrn_protocol             ? 
_diffrn_radiation.pdbx_scattering_type             x-ray 
# 
_diffrn_radiation_wavelength.id           1 
_diffrn_radiation_wavelength.wavelength   1.5418 
_diffrn_radiation_wavelength.wt           1.0 
# 
_diffrn_source.diffrn_id                   1 
_diffrn_source.source                      'ROTATING ANODE' 
_diffrn_source.type                        'RIGAKU RUH2R' 
_diffrn_source.pdbx_synchrotron_site       ? 
_diffrn_source.pdbx_synchrotron_beamline   ? 
_diffrn_source.pdbx_wavelength             1.5418 
_diffrn_source.pdbx_wavelength_list        ? 
# 
_reflns.entry_id                     1BOW 
_reflns.observed_criterion_sigma_I   0 
_reflns.observed_criterion_sigma_F   ? 
_reflns.d_resolution_low             24.0 
_reflns.d_resolution_high            2.7 
_reflns.number_obs                   8264 
_reflns.number_all                   ? 
_reflns.percent_possible_obs         100 
_reflns.pdbx_Rmerge_I_obs            ? 
_reflns.pdbx_Rsym_value              0.0600000 
_reflns.pdbx_netI_over_sigmaI        10.3 
_reflns.B_iso_Wilson_estimate        ? 
_reflns.pdbx_redundancy              7.9 
_reflns.pdbx_diffrn_id               1 
_reflns.pdbx_ordinal                 1 
# 
_reflns_shell.d_res_high             2.7 
_reflns_shell.d_res_low              2.8 
_reflns_shell.percent_possible_all   100 
_reflns_shell.Rmerge_I_obs           ? 
_reflns_shell.pdbx_Rsym_value        ? 
_reflns_shell.meanI_over_sigI_obs    1.6 
_reflns_shell.pdbx_redundancy        ? 
_reflns_shell.pdbx_diffrn_id         ? 
_reflns_shell.pdbx_ordinal           1 
# 
_refine.entry_id                                 1BOW 
_refine.ls_number_reflns_obs                     8250 
_refine.ls_number_reflns_all                     ? 
_refine.pdbx_ls_sigma_I                          ? 
_refine.pdbx_ls_sigma_F                          0.0 
_refine.pdbx_data_cutoff_high_absF               ? 
_refine.pdbx_data_cutoff_low_absF                ? 
_refine.pdbx_data_cutoff_high_rms_absF           ? 
_refine.ls_d_res_low                             20.0 
_refine.ls_d_res_high                            2.7 
_refine.ls_percent_reflns_obs                    100.0 
_refine.ls_R_factor_obs                          0.2020000 
_refine.ls_R_factor_all                          0.2020000 
_refine.ls_R_factor_R_work                       ? 
_refine.ls_R_factor_R_free                       0.2700000 
_refine.ls_R_factor_R_free_error                 ? 
_refine.ls_R_factor_R_free_error_details         ? 
_refine.ls_percent_reflns_R_free                 10 
_refine.ls_number_reflns_R_free                  ? 
_refine.ls_number_parameters                     ? 
_refine.ls_number_restraints                     ? 
_refine.occupancy_min                            ? 
_refine.occupancy_max                            ? 
_refine.B_iso_mean                               ? 
_refine.aniso_B[1][1]                            ? 
_refine.aniso_B[2][2]                            ? 
_refine.aniso_B[3][3]                            ? 
_refine.aniso_B[1][2]                            ? 
_refine.aniso_B[1][3]                            ? 
_refine.aniso_B[2][3]                            ? 
_refine.solvent_model_details                    ? 
_refine.solvent_model_param_ksol                 ? 
_refine.solvent_model_param_bsol                 ? 
_refine.pdbx_ls_cross_valid_method               RFREE 
_refine.details                                  ? 
_refine.pdbx_starting_model                      ? 
_refine.pdbx_method_to_determine_struct          MIR 
_refine.pdbx_isotropic_thermal_model             'TNT BCORREL' 
_refine.pdbx_stereochemistry_target_values       'TNT CSDX_PROTGEO' 
_refine.pdbx_stereochem_target_val_spec_case     ? 
_refine.pdbx_R_Free_selection_details            RANDOM 
_refine.pdbx_overall_ESU_R                       ? 
_refine.pdbx_overall_ESU_R_Free                  ? 
_refine.overall_SU_ML                            ? 
_refine.overall_SU_B                             ? 
_refine.pdbx_refine_id                           'X-RAY DIFFRACTION' 
_refine.pdbx_diffrn_id                           1 
_refine.pdbx_TLS_residual_ADP_flag               ? 
_refine.correlation_coeff_Fo_to_Fc               ? 
_refine.correlation_coeff_Fo_to_Fc_free          ? 
_refine.pdbx_solvent_vdw_probe_radii             ? 
_refine.pdbx_solvent_ion_probe_radii             ? 
_refine.pdbx_solvent_shrinkage_radii             ? 
_refine.pdbx_overall_phase_error                 ? 
_refine.overall_SU_R_Cruickshank_DPI             ? 
_refine.pdbx_overall_SU_R_free_Cruickshank_DPI   ? 
_refine.pdbx_overall_SU_R_Blow_DPI               ? 
_refine.pdbx_overall_SU_R_free_Blow_DPI          ? 
# 
_refine_hist.pdbx_refine_id                   'X-RAY DIFFRACTION' 
_refine_hist.cycle_id                         LAST 
_refine_hist.pdbx_number_atoms_protein        1166 
_refine_hist.pdbx_number_atoms_nucleic_acid   0 
_refine_hist.pdbx_number_atoms_ligand         1 
_refine_hist.number_atoms_solvent             30 
_refine_hist.number_atoms_total               1197 
_refine_hist.d_res_high                       2.7 
_refine_hist.d_res_low                        20.0 
# 
loop_
_refine_ls_restr.type 
_refine_ls_restr.dev_ideal 
_refine_ls_restr.dev_ideal_target 
_refine_ls_restr.weight 
_refine_ls_restr.number 
_refine_ls_restr.pdbx_refine_id 
_refine_ls_restr.pdbx_restraint_function 
t_bond_d           0.011 ? ? ? 'X-RAY DIFFRACTION' ? 
t_angle_deg        1.29  ? ? ? 'X-RAY DIFFRACTION' ? 
t_dihedral_angle_d ?     ? ? ? 'X-RAY DIFFRACTION' ? 
t_incorr_chiral_ct 0     ? ? ? 'X-RAY DIFFRACTION' ? 
t_pseud_angle      ?     ? ? ? 'X-RAY DIFFRACTION' ? 
t_trig_c_planes    ?     ? ? ? 'X-RAY DIFFRACTION' ? 
t_gen_planes       ?     ? ? ? 'X-RAY DIFFRACTION' ? 
t_it               4.70  ? ? ? 'X-RAY DIFFRACTION' ? 
t_nbd              ?     ? ? ? 'X-RAY DIFFRACTION' ? 
# 
_pdbx_refine.entry_id                                    1BOW 
_pdbx_refine.R_factor_all_no_cutoff                      0.2020000 
_pdbx_refine.R_factor_obs_no_cutoff                      ? 
_pdbx_refine.free_R_factor_no_cutoff                     0.2740000 
_pdbx_refine.free_R_val_test_set_size_perc_no_cutoff     10 
_pdbx_refine.free_R_val_test_set_ct_no_cutoff            ? 
_pdbx_refine.R_factor_all_4sig_cutoff                    ? 
_pdbx_refine.R_factor_obs_4sig_cutoff                    ? 
_pdbx_refine.free_R_factor_4sig_cutoff                   ? 
_pdbx_refine.free_R_val_test_set_size_perc_4sig_cutoff   ? 
_pdbx_refine.free_R_val_test_set_ct_4sig_cutoff          ? 
_pdbx_refine.number_reflns_obs_4sig_cutoff               ? 
_pdbx_refine.pdbx_refine_id                              'X-RAY DIFFRACTION' 
_pdbx_refine.free_R_error_no_cutoff                      ? 
# 
_struct.entry_id                  1BOW 
_struct.title                     'MULTIDRUG-BINDING DOMAIN OF TRANSCRIPTION ACTIVATOR BMRR (APO FORM)' 
_struct.pdbx_model_details        ? 
_struct.pdbx_CASP_flag            ? 
_struct.pdbx_model_type_details   ? 
# 
_struct_keywords.entry_id        1BOW 
_struct_keywords.pdbx_keywords   'TRANSCRIPTION ACTIVATOR' 
_struct_keywords.text            'TRANSCRIPTION ACTIVATOR, MULTIDRUG BINDING' 
# 
loop_
_struct_asym.id 
_struct_asym.pdbx_blank_PDB_chainid_flag 
_struct_asym.pdbx_modified 
_struct_asym.entity_id 
_struct_asym.details 
A N N 1 ? 
B N N 2 ? 
C N N 3 ? 
# 
_struct_ref.id                         1 
_struct_ref.db_name                    UNP 
_struct_ref.db_code                    BMRR_BACSU 
_struct_ref.entity_id                  1 
_struct_ref.pdbx_db_accession          P39075 
_struct_ref.pdbx_align_begin           1 
_struct_ref.pdbx_seq_one_letter_code   
;MKESYYSIGEVSKLANVSIKALRYYDKIDLFKPAYVDPDTSYRYYTDSQLIHLDLIKSLKYIGTPLEEMKKAQGLRDGRT
VCFLYRAGEANQGEIRLFISPGANHFIGEKADETADGISRRLGEVFVLDEEEIRIIQTEAEGIGPENVLNASYSKLKKFI
ESADGFTNNSYGATFSFQPYTSIDEMTYRHIFTPVLTNKQISSITPDMEITTIPKGRYACIAYNFSPEHYFLNLQKLIKY
IADRQLTVVSDVYELIIPIHYSPKKQEEYRVEMKIRIAE
;
_struct_ref.pdbx_db_isoform            ? 
# 
_struct_ref_seq.align_id                      1 
_struct_ref_seq.ref_id                        1 
_struct_ref_seq.pdbx_PDB_id_code              1BOW 
_struct_ref_seq.pdbx_strand_id                A 
_struct_ref_seq.seq_align_beg                 1 
_struct_ref_seq.pdbx_seq_align_beg_ins_code   ? 
_struct_ref_seq.seq_align_end                 159 
_struct_ref_seq.pdbx_seq_align_end_ins_code   ? 
_struct_ref_seq.pdbx_db_accession             P39075 
_struct_ref_seq.db_align_beg                  121 
_struct_ref_seq.pdbx_db_align_beg_ins_code    ? 
_struct_ref_seq.db_align_end                  279 
_struct_ref_seq.pdbx_db_align_end_ins_code    ? 
_struct_ref_seq.pdbx_auth_seq_align_beg       1 
_struct_ref_seq.pdbx_auth_seq_align_end       159 
# 
_struct_ref_seq_dif.align_id                     1 
_struct_ref_seq_dif.pdbx_pdb_id_code             1BOW 
_struct_ref_seq_dif.mon_id                       LEU 
_struct_ref_seq_dif.pdbx_pdb_strand_id           A 
_struct_ref_seq_dif.seq_num                      158 
_struct_ref_seq_dif.pdbx_pdb_ins_code            ? 
_struct_ref_seq_dif.pdbx_seq_db_name             UNP 
_struct_ref_seq_dif.pdbx_seq_db_accession_code   P39075 
_struct_ref_seq_dif.db_mon_id                    ALA 
_struct_ref_seq_dif.pdbx_seq_db_seq_num          278 
_struct_ref_seq_dif.details                      'cloning artifact' 
_struct_ref_seq_dif.pdbx_auth_seq_num            158 
_struct_ref_seq_dif.pdbx_ordinal                 1 
# 
_pdbx_struct_assembly.id                   1 
_pdbx_struct_assembly.details              author_defined_assembly 
_pdbx_struct_assembly.method_details       ? 
_pdbx_struct_assembly.oligomeric_details   dimeric 
_pdbx_struct_assembly.oligomeric_count     2 
# 
_pdbx_struct_assembly_gen.assembly_id       1 
_pdbx_struct_assembly_gen.oper_expression   1,2 
_pdbx_struct_assembly_gen.asym_id_list      A,B,C 
# 
loop_
_pdbx_struct_oper_list.id 
_pdbx_struct_oper_list.type 
_pdbx_struct_oper_list.name 
_pdbx_struct_oper_list.symmetry_operation 
_pdbx_struct_oper_list.matrix[1][1] 
_pdbx_struct_oper_list.matrix[1][2] 
_pdbx_struct_oper_list.matrix[1][3] 
_pdbx_struct_oper_list.vector[1] 
_pdbx_struct_oper_list.matrix[2][1] 
_pdbx_struct_oper_list.matrix[2][2] 
_pdbx_struct_oper_list.matrix[2][3] 
_pdbx_struct_oper_list.vector[2] 
_pdbx_struct_oper_list.matrix[3][1] 
_pdbx_struct_oper_list.matrix[3][2] 
_pdbx_struct_oper_list.matrix[3][3] 
_pdbx_struct_oper_list.vector[3] 
1 'identity operation'         1_555 x,y,z    1.0000000000 0.0000000000  0.0000000000 0.0000000000 0.0000000000  1.0000000000  0.0000000000  0.0000000000   0.0000000000 0.0000000000  1.0000000000  0.0000000000   
2 'crystal symmetry operation' 7_556 y,x,-z+1 0.3627945891 -0.8267864225 0.4298887039 0.2642685670 -0.8267864225 -0.4984014511 -0.2608068350 -11.8717964002 0.4298887039 -0.2608068350 -0.8643931380 -23.6702750171 
# 
_struct_biol.id   1 
# 
loop_
_struct_conf.conf_type_id 
_struct_conf.id 
_struct_conf.pdbx_PDB_helix_id 
_struct_conf.beg_label_comp_id 
_struct_conf.beg_label_asym_id 
_struct_conf.beg_label_seq_id 
_struct_conf.pdbx_beg_PDB_ins_code 
_struct_conf.end_label_comp_id 
_struct_conf.end_label_asym_id 
_struct_conf.end_label_seq_id 
_struct_conf.pdbx_end_PDB_ins_code 
_struct_conf.beg_auth_comp_id 
_struct_conf.beg_auth_asym_id 
_struct_conf.beg_auth_seq_id 
_struct_conf.end_auth_comp_id 
_struct_conf.end_auth_asym_id 
_struct_conf.end_auth_seq_id 
_struct_conf.pdbx_PDB_helix_class 
_struct_conf.details 
_struct_conf.pdbx_PDB_helix_length 
HELX_P HELX_P1 1 PRO A 25  ? ASN A 30  ? PRO A 25  ASN A 30  1 ? 6  
HELX_P HELX_P2 2 TYR A 33  ? ILE A 40  ? TYR A 33  ILE A 40  5 ? 8  
HELX_P HELX_P3 3 PRO A 107 ? ASP A 123 ? PRO A 107 ASP A 123 1 ? 17 
# 
_struct_conf_type.id          HELX_P 
_struct_conf_type.criteria    ? 
_struct_conf_type.reference   ? 
# 
loop_
_struct_conn.id 
_struct_conn.conn_type_id 
_struct_conn.pdbx_leaving_atom_flag 
_struct_conn.pdbx_PDB_id 
_struct_conn.ptnr1_label_asym_id 
_struct_conn.ptnr1_label_comp_id 
_struct_conn.ptnr1_label_seq_id 
_struct_conn.ptnr1_label_atom_id 
_struct_conn.pdbx_ptnr1_label_alt_id 
_struct_conn.pdbx_ptnr1_PDB_ins_code 
_struct_conn.pdbx_ptnr1_standard_comp_id 
_struct_conn.ptnr1_symmetry 
_struct_conn.ptnr2_label_asym_id 
_struct_conn.ptnr2_label_comp_id 
_struct_conn.ptnr2_label_seq_id 
_struct_conn.ptnr2_label_atom_id 
_struct_conn.pdbx_ptnr2_label_alt_id 
_struct_conn.pdbx_ptnr2_PDB_ins_code 
_struct_conn.ptnr1_auth_asym_id 
_struct_conn.ptnr1_auth_comp_id 
_struct_conn.ptnr1_auth_seq_id 
_struct_conn.ptnr2_auth_asym_id 
_struct_conn.ptnr2_auth_comp_id 
_struct_conn.ptnr2_auth_seq_id 
_struct_conn.ptnr2_symmetry 
_struct_conn.pdbx_ptnr3_label_atom_id 
_struct_conn.pdbx_ptnr3_label_seq_id 
_struct_conn.pdbx_ptnr3_label_comp_id 
_struct_conn.pdbx_ptnr3_label_asym_id 
_struct_conn.pdbx_ptnr3_label_alt_id 
_struct_conn.pdbx_ptnr3_PDB_ins_code 
_struct_conn.details 
_struct_conn.pdbx_dist_value 
_struct_conn.pdbx_value_order 
_struct_conn.pdbx_role 
metalc1 metalc ? ? A GLU 19 OE2 ? ? ? 1_555 B MN . MN ? ? A GLU 19 A MN 160 1_555 ? ? ? ? ? ? ? 1.811 ? ? 
metalc2 metalc ? ? A GLU 19 OE2 ? ? ? 7_556 B MN . MN ? ? A GLU 19 A MN 160 1_555 ? ? ? ? ? ? ? 1.831 ? ? 
metalc3 metalc ? ? A HIS 70 NE2 ? ? ? 1_555 B MN . MN ? ? A HIS 70 A MN 160 1_555 ? ? ? ? ? ? ? 1.911 ? ? 
metalc4 metalc ? ? A HIS 70 NE2 ? ? ? 7_556 B MN . MN ? ? A HIS 70 A MN 160 1_555 ? ? ? ? ? ? ? 1.965 ? ? 
# 
_struct_conn_type.id          metalc 
_struct_conn_type.criteria    ? 
_struct_conn_type.reference   ? 
# 
loop_
_pdbx_struct_conn_angle.id 
_pdbx_struct_conn_angle.ptnr1_label_atom_id 
_pdbx_struct_conn_angle.ptnr1_label_alt_id 
_pdbx_struct_conn_angle.ptnr1_label_asym_id 
_pdbx_struct_conn_angle.ptnr1_label_comp_id 
_pdbx_struct_conn_angle.ptnr1_label_seq_id 
_pdbx_struct_conn_angle.ptnr1_auth_atom_id 
_pdbx_struct_conn_angle.ptnr1_auth_asym_id 
_pdbx_struct_conn_angle.ptnr1_auth_comp_id 
_pdbx_struct_conn_angle.ptnr1_auth_seq_id 
_pdbx_struct_conn_angle.ptnr1_PDB_ins_code 
_pdbx_struct_conn_angle.ptnr1_symmetry 
_pdbx_struct_conn_angle.ptnr2_label_atom_id 
_pdbx_struct_conn_angle.ptnr2_label_alt_id 
_pdbx_struct_conn_angle.ptnr2_label_asym_id 
_pdbx_struct_conn_angle.ptnr2_label_comp_id 
_pdbx_struct_conn_angle.ptnr2_label_seq_id 
_pdbx_struct_conn_angle.ptnr2_auth_atom_id 
_pdbx_struct_conn_angle.ptnr2_auth_asym_id 
_pdbx_struct_conn_angle.ptnr2_auth_comp_id 
_pdbx_struct_conn_angle.ptnr2_auth_seq_id 
_pdbx_struct_conn_angle.ptnr2_PDB_ins_code 
_pdbx_struct_conn_angle.ptnr2_symmetry 
_pdbx_struct_conn_angle.ptnr3_label_atom_id 
_pdbx_struct_conn_angle.ptnr3_label_alt_id 
_pdbx_struct_conn_angle.ptnr3_label_asym_id 
_pdbx_struct_conn_angle.ptnr3_label_comp_id 
_pdbx_struct_conn_angle.ptnr3_label_seq_id 
_pdbx_struct_conn_angle.ptnr3_auth_atom_id 
_pdbx_struct_conn_angle.ptnr3_auth_asym_id 
_pdbx_struct_conn_angle.ptnr3_auth_comp_id 
_pdbx_struct_conn_angle.ptnr3_auth_seq_id 
_pdbx_struct_conn_angle.ptnr3_PDB_ins_code 
_pdbx_struct_conn_angle.ptnr3_symmetry 
_pdbx_struct_conn_angle.value 
_pdbx_struct_conn_angle.value_esd 
1 OE2 ? A GLU 19 ? A GLU 19 ? 1_555 MN ? B MN . ? A MN 160 ? 1_555 OE2 ? A GLU 19 ? A GLU 19 ? 7_556 66.5  ? 
2 OE2 ? A GLU 19 ? A GLU 19 ? 1_555 MN ? B MN . ? A MN 160 ? 1_555 NE2 ? A HIS 70 ? A HIS 70 ? 1_555 88.1  ? 
3 OE2 ? A GLU 19 ? A GLU 19 ? 7_556 MN ? B MN . ? A MN 160 ? 1_555 NE2 ? A HIS 70 ? A HIS 70 ? 1_555 142.9 ? 
4 OE2 ? A GLU 19 ? A GLU 19 ? 1_555 MN ? B MN . ? A MN 160 ? 1_555 NE2 ? A HIS 70 ? A HIS 70 ? 7_556 139.9 ? 
5 OE2 ? A GLU 19 ? A GLU 19 ? 7_556 MN ? B MN . ? A MN 160 ? 1_555 NE2 ? A HIS 70 ? A HIS 70 ? 7_556 85.9  ? 
6 NE2 ? A HIS 70 ? A HIS 70 ? 1_555 MN ? B MN . ? A MN 160 ? 1_555 NE2 ? A HIS 70 ? A HIS 70 ? 7_556 128.3 ? 
# 
_struct_sheet.id               A 
_struct_sheet.type             ? 
_struct_sheet.number_strands   8 
_struct_sheet.details          ? 
# 
loop_
_struct_sheet_order.sheet_id 
_struct_sheet_order.range_id_1 
_struct_sheet_order.range_id_2 
_struct_sheet_order.offset 
_struct_sheet_order.sense 
A 1 2 ? anti-parallel 
A 2 3 ? anti-parallel 
A 3 4 ? anti-parallel 
A 4 5 ? anti-parallel 
A 5 6 ? anti-parallel 
A 6 7 ? anti-parallel 
A 7 8 ? anti-parallel 
# 
loop_
_struct_sheet_range.sheet_id 
_struct_sheet_range.id 
_struct_sheet_range.beg_label_comp_id 
_struct_sheet_range.beg_label_asym_id 
_struct_sheet_range.beg_label_seq_id 
_struct_sheet_range.pdbx_beg_PDB_ins_code 
_struct_sheet_range.end_label_comp_id 
_struct_sheet_range.end_label_asym_id 
_struct_sheet_range.end_label_seq_id 
_struct_sheet_range.pdbx_end_PDB_ins_code 
_struct_sheet_range.beg_auth_comp_id 
_struct_sheet_range.beg_auth_asym_id 
_struct_sheet_range.beg_auth_seq_id 
_struct_sheet_range.end_auth_comp_id 
_struct_sheet_range.end_auth_asym_id 
_struct_sheet_range.end_auth_seq_id 
A 1 PHE A 6   ? GLU A 10  ? PHE A 6   GLU A 10  
A 2 GLY A 96  ? ASN A 104 ? GLY A 96  ASN A 104 
A 3 TYR A 149 ? ILE A 157 ? TYR A 149 ILE A 157 
A 4 VAL A 132 ? PRO A 138 ? VAL A 132 PRO A 138 
A 5 TYR A 51  ? PHE A 55  ? TYR A 51  PHE A 55  
A 6 ARG A 69  ? PRO A 74  ? ARG A 69  PRO A 74  
A 7 ILE A 13  ? THR A 18  ? ILE A 13  THR A 18  
A 8 GLU A 89  ? ILE A 93  ? GLU A 89  ILE A 93  
# 
loop_
_pdbx_struct_sheet_hbond.sheet_id 
_pdbx_struct_sheet_hbond.range_id_1 
_pdbx_struct_sheet_hbond.range_id_2 
_pdbx_struct_sheet_hbond.range_1_label_atom_id 
_pdbx_struct_sheet_hbond.range_1_label_comp_id 
_pdbx_struct_sheet_hbond.range_1_label_asym_id 
_pdbx_struct_sheet_hbond.range_1_label_seq_id 
_pdbx_struct_sheet_hbond.range_1_PDB_ins_code 
_pdbx_struct_sheet_hbond.range_1_auth_atom_id 
_pdbx_struct_sheet_hbond.range_1_auth_comp_id 
_pdbx_struct_sheet_hbond.range_1_auth_asym_id 
_pdbx_struct_sheet_hbond.range_1_auth_seq_id 
_pdbx_struct_sheet_hbond.range_2_label_atom_id 
_pdbx_struct_sheet_hbond.range_2_label_comp_id 
_pdbx_struct_sheet_hbond.range_2_label_asym_id 
_pdbx_struct_sheet_hbond.range_2_label_seq_id 
_pdbx_struct_sheet_hbond.range_2_PDB_ins_code 
_pdbx_struct_sheet_hbond.range_2_auth_atom_id 
_pdbx_struct_sheet_hbond.range_2_auth_comp_id 
_pdbx_struct_sheet_hbond.range_2_auth_asym_id 
_pdbx_struct_sheet_hbond.range_2_auth_seq_id 
A 1 2 O PHE A 6   ? O PHE A 6   N CYS A 100 ? N CYS A 100 
A 2 3 O ARG A 97  ? O ARG A 97  N ILE A 157 ? N ILE A 157 
A 3 4 O ARG A 150 ? O ARG A 150 N ILE A 137 ? N ILE A 137 
A 4 5 O VAL A 132 ? O VAL A 132 N PHE A 55  ? N PHE A 55  
A 5 6 O GLY A 52  ? O GLY A 52  N PHE A 72  ? N PHE A 72  
A 6 7 O ILE A 71  ? O ILE A 71  N THR A 18  ? N THR A 18  
A 7 8 O ILE A 13  ? O ILE A 13  N ILE A 93  ? N ILE A 93  
# 
_struct_site.id                   AC1 
_struct_site.pdbx_evidence_code   Software 
_struct_site.pdbx_auth_asym_id    A 
_struct_site.pdbx_auth_comp_id    MN 
_struct_site.pdbx_auth_seq_id     160 
_struct_site.pdbx_auth_ins_code   ? 
_struct_site.pdbx_num_residues    4 
_struct_site.details              'BINDING SITE FOR RESIDUE MN A 160' 
# 
loop_
_struct_site_gen.id 
_struct_site_gen.site_id 
_struct_site_gen.pdbx_num_res 
_struct_site_gen.label_comp_id 
_struct_site_gen.label_asym_id 
_struct_site_gen.label_seq_id 
_struct_site_gen.pdbx_auth_ins_code 
_struct_site_gen.auth_comp_id 
_struct_site_gen.auth_asym_id 
_struct_site_gen.auth_seq_id 
_struct_site_gen.label_atom_id 
_struct_site_gen.label_alt_id 
_struct_site_gen.symmetry 
_struct_site_gen.details 
1 AC1 4 GLU A 19 ? GLU A 19 . ? 7_556 ? 
2 AC1 4 GLU A 19 ? GLU A 19 . ? 1_555 ? 
3 AC1 4 HIS A 70 ? HIS A 70 . ? 1_555 ? 
4 AC1 4 HIS A 70 ? HIS A 70 . ? 7_556 ? 
# 
_pdbx_validate_symm_contact.id                1 
_pdbx_validate_symm_contact.PDB_model_num     1 
_pdbx_validate_symm_contact.auth_atom_id_1    OE2 
_pdbx_validate_symm_contact.auth_asym_id_1    A 
_pdbx_validate_symm_contact.auth_comp_id_1    GLU 
_pdbx_validate_symm_contact.auth_seq_id_1     19 
_pdbx_validate_symm_contact.PDB_ins_code_1    ? 
_pdbx_validate_symm_contact.label_alt_id_1    ? 
_pdbx_validate_symm_contact.site_symmetry_1   1_555 
_pdbx_validate_symm_contact.auth_atom_id_2    OE2 
_pdbx_validate_symm_contact.auth_asym_id_2    A 
_pdbx_validate_symm_contact.auth_comp_id_2    GLU 
_pdbx_validate_symm_contact.auth_seq_id_2     19 
_pdbx_validate_symm_contact.PDB_ins_code_2    ? 
_pdbx_validate_symm_contact.label_alt_id_2    ? 
_pdbx_validate_symm_contact.site_symmetry_2   7_556 
_pdbx_validate_symm_contact.dist              2.00 
# 
_pdbx_validate_rmsd_angle.id                         1 
_pdbx_validate_rmsd_angle.PDB_model_num              1 
_pdbx_validate_rmsd_angle.auth_atom_id_1             C 
_pdbx_validate_rmsd_angle.auth_asym_id_1             A 
_pdbx_validate_rmsd_angle.auth_comp_id_1             ILE 
_pdbx_validate_rmsd_angle.auth_seq_id_1              93 
_pdbx_validate_rmsd_angle.PDB_ins_code_1             ? 
_pdbx_validate_rmsd_angle.label_alt_id_1             ? 
_pdbx_validate_rmsd_angle.auth_atom_id_2             N 
_pdbx_validate_rmsd_angle.auth_asym_id_2             A 
_pdbx_validate_rmsd_angle.auth_comp_id_2             PRO 
_pdbx_validate_rmsd_angle.auth_seq_id_2              94 
_pdbx_validate_rmsd_angle.PDB_ins_code_2             ? 
_pdbx_validate_rmsd_angle.label_alt_id_2             ? 
_pdbx_validate_rmsd_angle.auth_atom_id_3             CD 
_pdbx_validate_rmsd_angle.auth_asym_id_3             A 
_pdbx_validate_rmsd_angle.auth_comp_id_3             PRO 
_pdbx_validate_rmsd_angle.auth_seq_id_3              94 
_pdbx_validate_rmsd_angle.PDB_ins_code_3             ? 
_pdbx_validate_rmsd_angle.label_alt_id_3             ? 
_pdbx_validate_rmsd_angle.angle_value                99.45 
_pdbx_validate_rmsd_angle.angle_target_value         128.40 
_pdbx_validate_rmsd_angle.angle_deviation            -28.95 
_pdbx_validate_rmsd_angle.angle_standard_deviation   2.10 
_pdbx_validate_rmsd_angle.linker_flag                Y 
# 
loop_
_pdbx_validate_torsion.id 
_pdbx_validate_torsion.PDB_model_num 
_pdbx_validate_torsion.auth_comp_id 
_pdbx_validate_torsion.auth_asym_id 
_pdbx_validate_torsion.auth_seq_id 
_pdbx_validate_torsion.PDB_ins_code 
_pdbx_validate_torsion.label_alt_id 
_pdbx_validate_torsion.phi 
_pdbx_validate_torsion.psi 
1  1 GLU A 21  ? ? -45.35  95.83   
2  1 ILE A 23  ? ? -36.44  137.78  
3  1 ALA A 31  ? ? -153.40 -130.69 
4  1 SER A 62  ? ? -178.96 148.44  
5  1 ASP A 64  ? ? 152.03  -28.03  
6  1 PRO A 86  ? ? -79.11  -157.52 
7  1 PRO A 94  ? ? -34.17  146.03  
8  1 SER A 106 ? ? -170.11 131.48  
9  1 TYR A 110 ? ? -34.08  -76.33  
10 1 ARG A 124 ? ? 70.14   -5.67   
11 1 GLN A 125 ? ? 28.89   52.35   
# 
_pdbx_struct_special_symmetry.id              1 
_pdbx_struct_special_symmetry.PDB_model_num   1 
_pdbx_struct_special_symmetry.auth_asym_id    A 
_pdbx_struct_special_symmetry.auth_comp_id    MN 
_pdbx_struct_special_symmetry.auth_seq_id     160 
_pdbx_struct_special_symmetry.PDB_ins_code    ? 
_pdbx_struct_special_symmetry.label_asym_id   B 
_pdbx_struct_special_symmetry.label_comp_id   MN 
_pdbx_struct_special_symmetry.label_seq_id    . 
# 
loop_
_pdbx_unobs_or_zero_occ_residues.id 
_pdbx_unobs_or_zero_occ_residues.PDB_model_num 
_pdbx_unobs_or_zero_occ_residues.polymer_flag 
_pdbx_unobs_or_zero_occ_residues.occupancy_flag 
_pdbx_unobs_or_zero_occ_residues.auth_asym_id 
_pdbx_unobs_or_zero_occ_residues.auth_comp_id 
_pdbx_unobs_or_zero_occ_residues.auth_seq_id 
_pdbx_unobs_or_zero_occ_residues.PDB_ins_code 
_pdbx_unobs_or_zero_occ_residues.label_asym_id 
_pdbx_unobs_or_zero_occ_residues.label_comp_id 
_pdbx_unobs_or_zero_occ_residues.label_seq_id 
1  1 Y 1 A ALA 43  ? A ALA 43  
2  1 Y 1 A ASP 44  ? A ASP 44  
3  1 Y 1 A GLY 45  ? A GLY 45  
4  1 Y 1 A PHE 46  ? A PHE 46  
5  1 Y 1 A THR 47  ? A THR 47  
6  1 Y 1 A THR 77  ? A THR 77  
7  1 Y 1 A ASN 78  ? A ASN 78  
8  1 Y 1 A LYS 79  ? A LYS 79  
9  1 Y 1 A GLN 80  ? A GLN 80  
10 1 Y 1 A SER 142 ? A SER 142 
11 1 Y 1 A PRO 143 ? A PRO 143 
12 1 Y 1 A LYS 144 ? A LYS 144 
13 1 Y 1 A LYS 145 ? A LYS 145 
14 1 Y 1 A GLN 146 ? A GLN 146 
15 1 Y 1 A GLU 147 ? A GLU 147 
16 1 Y 1 A GLU 159 ? A GLU 159 
# 
loop_
_chem_comp_atom.comp_id 
_chem_comp_atom.atom_id 
_chem_comp_atom.type_symbol 
_chem_comp_atom.pdbx_aromatic_flag 
_chem_comp_atom.pdbx_stereo_config 
_chem_comp_atom.pdbx_ordinal 
ALA N    N  N N 1   
ALA CA   C  N S 2   
ALA C    C  N N 3   
ALA O    O  N N 4   
ALA CB   C  N N 5   
ALA OXT  O  N N 6   
ALA H    H  N N 7   
ALA H2   H  N N 8   
ALA HA   H  N N 9   
ALA HB1  H  N N 10  
ALA HB2  H  N N 11  
ALA HB3  H  N N 12  
ALA HXT  H  N N 13  
ARG N    N  N N 14  
ARG CA   C  N S 15  
ARG C    C  N N 16  
ARG O    O  N N 17  
ARG CB   C  N N 18  
ARG CG   C  N N 19  
ARG CD   C  N N 20  
ARG NE   N  N N 21  
ARG CZ   C  N N 22  
ARG NH1  N  N N 23  
ARG NH2  N  N N 24  
ARG OXT  O  N N 25  
ARG H    H  N N 26  
ARG H2   H  N N 27  
ARG HA   H  N N 28  
ARG HB2  H  N N 29  
ARG HB3  H  N N 30  
ARG HG2  H  N N 31  
ARG HG3  H  N N 32  
ARG HD2  H  N N 33  
ARG HD3  H  N N 34  
ARG HE   H  N N 35  
ARG HH11 H  N N 36  
ARG HH12 H  N N 37  
ARG HH21 H  N N 38  
ARG HH22 H  N N 39  
ARG HXT  H  N N 40  
ASN N    N  N N 41  
ASN CA   C  N S 42  
ASN C    C  N N 43  
ASN O    O  N N 44  
ASN CB   C  N N 45  
ASN CG   C  N N 46  
ASN OD1  O  N N 47  
ASN ND2  N  N N 48  
ASN OXT  O  N N 49  
ASN H    H  N N 50  
ASN H2   H  N N 51  
ASN HA   H  N N 52  
ASN HB2  H  N N 53  
ASN HB3  H  N N 54  
ASN HD21 H  N N 55  
ASN HD22 H  N N 56  
ASN HXT  H  N N 57  
ASP N    N  N N 58  
ASP CA   C  N S 59  
ASP C    C  N N 60  
ASP O    O  N N 61  
ASP CB   C  N N 62  
ASP CG   C  N N 63  
ASP OD1  O  N N 64  
ASP OD2  O  N N 65  
ASP OXT  O  N N 66  
ASP H    H  N N 67  
ASP H2   H  N N 68  
ASP HA   H  N N 69  
ASP HB2  H  N N 70  
ASP HB3  H  N N 71  
ASP HD2  H  N N 72  
ASP HXT  H  N N 73  
CYS N    N  N N 74  
CYS CA   C  N R 75  
CYS C    C  N N 76  
CYS O    O  N N 77  
CYS CB   C  N N 78  
CYS SG   S  N N 79  
CYS OXT  O  N N 80  
CYS H    H  N N 81  
CYS H2   H  N N 82  
CYS HA   H  N N 83  
CYS HB2  H  N N 84  
CYS HB3  H  N N 85  
CYS HG   H  N N 86  
CYS HXT  H  N N 87  
GLN N    N  N N 88  
GLN CA   C  N S 89  
GLN C    C  N N 90  
GLN O    O  N N 91  
GLN CB   C  N N 92  
GLN CG   C  N N 93  
GLN CD   C  N N 94  
GLN OE1  O  N N 95  
GLN NE2  N  N N 96  
GLN OXT  O  N N 97  
GLN H    H  N N 98  
GLN H2   H  N N 99  
GLN HA   H  N N 100 
GLN HB2  H  N N 101 
GLN HB3  H  N N 102 
GLN HG2  H  N N 103 
GLN HG3  H  N N 104 
GLN HE21 H  N N 105 
GLN HE22 H  N N 106 
GLN HXT  H  N N 107 
GLU N    N  N N 108 
GLU CA   C  N S 109 
GLU C    C  N N 110 
GLU O    O  N N 111 
GLU CB   C  N N 112 
GLU CG   C  N N 113 
GLU CD   C  N N 114 
GLU OE1  O  N N 115 
GLU OE2  O  N N 116 
GLU OXT  O  N N 117 
GLU H    H  N N 118 
GLU H2   H  N N 119 
GLU HA   H  N N 120 
GLU HB2  H  N N 121 
GLU HB3  H  N N 122 
GLU HG2  H  N N 123 
GLU HG3  H  N N 124 
GLU HE2  H  N N 125 
GLU HXT  H  N N 126 
GLY N    N  N N 127 
GLY CA   C  N N 128 
GLY C    C  N N 129 
GLY O    O  N N 130 
GLY OXT  O  N N 131 
GLY H    H  N N 132 
GLY H2   H  N N 133 
GLY HA2  H  N N 134 
GLY HA3  H  N N 135 
GLY HXT  H  N N 136 
HIS N    N  N N 137 
HIS CA   C  N S 138 
HIS C    C  N N 139 
HIS O    O  N N 140 
HIS CB   C  N N 141 
HIS CG   C  Y N 142 
HIS ND1  N  Y N 143 
HIS CD2  C  Y N 144 
HIS CE1  C  Y N 145 
HIS NE2  N  Y N 146 
HIS OXT  O  N N 147 
HIS H    H  N N 148 
HIS H2   H  N N 149 
HIS HA   H  N N 150 
HIS HB2  H  N N 151 
HIS HB3  H  N N 152 
HIS HD1  H  N N 153 
HIS HD2  H  N N 154 
HIS HE1  H  N N 155 
HIS HE2  H  N N 156 
HIS HXT  H  N N 157 
HOH O    O  N N 158 
HOH H1   H  N N 159 
HOH H2   H  N N 160 
ILE N    N  N N 161 
ILE CA   C  N S 162 
ILE C    C  N N 163 
ILE O    O  N N 164 
ILE CB   C  N S 165 
ILE CG1  C  N N 166 
ILE CG2  C  N N 167 
ILE CD1  C  N N 168 
ILE OXT  O  N N 169 
ILE H    H  N N 170 
ILE H2   H  N N 171 
ILE HA   H  N N 172 
ILE HB   H  N N 173 
ILE HG12 H  N N 174 
ILE HG13 H  N N 175 
ILE HG21 H  N N 176 
ILE HG22 H  N N 177 
ILE HG23 H  N N 178 
ILE HD11 H  N N 179 
ILE HD12 H  N N 180 
ILE HD13 H  N N 181 
ILE HXT  H  N N 182 
LEU N    N  N N 183 
LEU CA   C  N S 184 
LEU C    C  N N 185 
LEU O    O  N N 186 
LEU CB   C  N N 187 
LEU CG   C  N N 188 
LEU CD1  C  N N 189 
LEU CD2  C  N N 190 
LEU OXT  O  N N 191 
LEU H    H  N N 192 
LEU H2   H  N N 193 
LEU HA   H  N N 194 
LEU HB2  H  N N 195 
LEU HB3  H  N N 196 
LEU HG   H  N N 197 
LEU HD11 H  N N 198 
LEU HD12 H  N N 199 
LEU HD13 H  N N 200 
LEU HD21 H  N N 201 
LEU HD22 H  N N 202 
LEU HD23 H  N N 203 
LEU HXT  H  N N 204 
LYS N    N  N N 205 
LYS CA   C  N S 206 
LYS C    C  N N 207 
LYS O    O  N N 208 
LYS CB   C  N N 209 
LYS CG   C  N N 210 
LYS CD   C  N N 211 
LYS CE   C  N N 212 
LYS NZ   N  N N 213 
LYS OXT  O  N N 214 
LYS H    H  N N 215 
LYS H2   H  N N 216 
LYS HA   H  N N 217 
LYS HB2  H  N N 218 
LYS HB3  H  N N 219 
LYS HG2  H  N N 220 
LYS HG3  H  N N 221 
LYS HD2  H  N N 222 
LYS HD3  H  N N 223 
LYS HE2  H  N N 224 
LYS HE3  H  N N 225 
LYS HZ1  H  N N 226 
LYS HZ2  H  N N 227 
LYS HZ3  H  N N 228 
LYS HXT  H  N N 229 
MET N    N  N N 230 
MET CA   C  N S 231 
MET C    C  N N 232 
MET O    O  N N 233 
MET CB   C  N N 234 
MET CG   C  N N 235 
MET SD   S  N N 236 
MET CE   C  N N 237 
MET OXT  O  N N 238 
MET H    H  N N 239 
MET H2   H  N N 240 
MET HA   H  N N 241 
MET HB2  H  N N 242 
MET HB3  H  N N 243 
MET HG2  H  N N 244 
MET HG3  H  N N 245 
MET HE1  H  N N 246 
MET HE2  H  N N 247 
MET HE3  H  N N 248 
MET HXT  H  N N 249 
MN  MN   MN N N 250 
PHE N    N  N N 251 
PHE CA   C  N S 252 
PHE C    C  N N 253 
PHE O    O  N N 254 
PHE CB   C  N N 255 
PHE CG   C  Y N 256 
PHE CD1  C  Y N 257 
PHE CD2  C  Y N 258 
PHE CE1  C  Y N 259 
PHE CE2  C  Y N 260 
PHE CZ   C  Y N 261 
PHE OXT  O  N N 262 
PHE H    H  N N 263 
PHE H2   H  N N 264 
PHE HA   H  N N 265 
PHE HB2  H  N N 266 
PHE HB3  H  N N 267 
PHE HD1  H  N N 268 
PHE HD2  H  N N 269 
PHE HE1  H  N N 270 
PHE HE2  H  N N 271 
PHE HZ   H  N N 272 
PHE HXT  H  N N 273 
PRO N    N  N N 274 
PRO CA   C  N S 275 
PRO C    C  N N 276 
PRO O    O  N N 277 
PRO CB   C  N N 278 
PRO CG   C  N N 279 
PRO CD   C  N N 280 
PRO OXT  O  N N 281 
PRO H    H  N N 282 
PRO HA   H  N N 283 
PRO HB2  H  N N 284 
PRO HB3  H  N N 285 
PRO HG2  H  N N 286 
PRO HG3  H  N N 287 
PRO HD2  H  N N 288 
PRO HD3  H  N N 289 
PRO HXT  H  N N 290 
SER N    N  N N 291 
SER CA   C  N S 292 
SER C    C  N N 293 
SER O    O  N N 294 
SER CB   C  N N 295 
SER OG   O  N N 296 
SER OXT  O  N N 297 
SER H    H  N N 298 
SER H2   H  N N 299 
SER HA   H  N N 300 
SER HB2  H  N N 301 
SER HB3  H  N N 302 
SER HG   H  N N 303 
SER HXT  H  N N 304 
THR N    N  N N 305 
THR CA   C  N S 306 
THR C    C  N N 307 
THR O    O  N N 308 
THR CB   C  N R 309 
THR OG1  O  N N 310 
THR CG2  C  N N 311 
THR OXT  O  N N 312 
THR H    H  N N 313 
THR H2   H  N N 314 
THR HA   H  N N 315 
THR HB   H  N N 316 
THR HG1  H  N N 317 
THR HG21 H  N N 318 
THR HG22 H  N N 319 
THR HG23 H  N N 320 
THR HXT  H  N N 321 
TYR N    N  N N 322 
TYR CA   C  N S 323 
TYR C    C  N N 324 
TYR O    O  N N 325 
TYR CB   C  N N 326 
TYR CG   C  Y N 327 
TYR CD1  C  Y N 328 
TYR CD2  C  Y N 329 
TYR CE1  C  Y N 330 
TYR CE2  C  Y N 331 
TYR CZ   C  Y N 332 
TYR OH   O  N N 333 
TYR OXT  O  N N 334 
TYR H    H  N N 335 
TYR H2   H  N N 336 
TYR HA   H  N N 337 
TYR HB2  H  N N 338 
TYR HB3  H  N N 339 
TYR HD1  H  N N 340 
TYR HD2  H  N N 341 
TYR HE1  H  N N 342 
TYR HE2  H  N N 343 
TYR HH   H  N N 344 
TYR HXT  H  N N 345 
VAL N    N  N N 346 
VAL CA   C  N S 347 
VAL C    C  N N 348 
VAL O    O  N N 349 
VAL CB   C  N N 350 
VAL CG1  C  N N 351 
VAL CG2  C  N N 352 
VAL OXT  O  N N 353 
VAL H    H  N N 354 
VAL H2   H  N N 355 
VAL HA   H  N N 356 
VAL HB   H  N N 357 
VAL HG11 H  N N 358 
VAL HG12 H  N N 359 
VAL HG13 H  N N 360 
VAL HG21 H  N N 361 
VAL HG22 H  N N 362 
VAL HG23 H  N N 363 
VAL HXT  H  N N 364 
# 
loop_
_chem_comp_bond.comp_id 
_chem_comp_bond.atom_id_1 
_chem_comp_bond.atom_id_2 
_chem_comp_bond.value_order 
_chem_comp_bond.pdbx_aromatic_flag 
_chem_comp_bond.pdbx_stereo_config 
_chem_comp_bond.pdbx_ordinal 
ALA N   CA   sing N N 1   
ALA N   H    sing N N 2   
ALA N   H2   sing N N 3   
ALA CA  C    sing N N 4   
ALA CA  CB   sing N N 5   
ALA CA  HA   sing N N 6   
ALA C   O    doub N N 7   
ALA C   OXT  sing N N 8   
ALA CB  HB1  sing N N 9   
ALA CB  HB2  sing N N 10  
ALA CB  HB3  sing N N 11  
ALA OXT HXT  sing N N 12  
ARG N   CA   sing N N 13  
ARG N   H    sing N N 14  
ARG N   H2   sing N N 15  
ARG CA  C    sing N N 16  
ARG CA  CB   sing N N 17  
ARG CA  HA   sing N N 18  
ARG C   O    doub N N 19  
ARG C   OXT  sing N N 20  
ARG CB  CG   sing N N 21  
ARG CB  HB2  sing N N 22  
ARG CB  HB3  sing N N 23  
ARG CG  CD   sing N N 24  
ARG CG  HG2  sing N N 25  
ARG CG  HG3  sing N N 26  
ARG CD  NE   sing N N 27  
ARG CD  HD2  sing N N 28  
ARG CD  HD3  sing N N 29  
ARG NE  CZ   sing N N 30  
ARG NE  HE   sing N N 31  
ARG CZ  NH1  sing N N 32  
ARG CZ  NH2  doub N N 33  
ARG NH1 HH11 sing N N 34  
ARG NH1 HH12 sing N N 35  
ARG NH2 HH21 sing N N 36  
ARG NH2 HH22 sing N N 37  
ARG OXT HXT  sing N N 38  
ASN N   CA   sing N N 39  
ASN N   H    sing N N 40  
ASN N   H2   sing N N 41  
ASN CA  C    sing N N 42  
ASN CA  CB   sing N N 43  
ASN CA  HA   sing N N 44  
ASN C   O    doub N N 45  
ASN C   OXT  sing N N 46  
ASN CB  CG   sing N N 47  
ASN CB  HB2  sing N N 48  
ASN CB  HB3  sing N N 49  
ASN CG  OD1  doub N N 50  
ASN CG  ND2  sing N N 51  
ASN ND2 HD21 sing N N 52  
ASN ND2 HD22 sing N N 53  
ASN OXT HXT  sing N N 54  
ASP N   CA   sing N N 55  
ASP N   H    sing N N 56  
ASP N   H2   sing N N 57  
ASP CA  C    sing N N 58  
ASP CA  CB   sing N N 59  
ASP CA  HA   sing N N 60  
ASP C   O    doub N N 61  
ASP C   OXT  sing N N 62  
ASP CB  CG   sing N N 63  
ASP CB  HB2  sing N N 64  
ASP CB  HB3  sing N N 65  
ASP CG  OD1  doub N N 66  
ASP CG  OD2  sing N N 67  
ASP OD2 HD2  sing N N 68  
ASP OXT HXT  sing N N 69  
CYS N   CA   sing N N 70  
CYS N   H    sing N N 71  
CYS N   H2   sing N N 72  
CYS CA  C    sing N N 73  
CYS CA  CB   sing N N 74  
CYS CA  HA   sing N N 75  
CYS C   O    doub N N 76  
CYS C   OXT  sing N N 77  
CYS CB  SG   sing N N 78  
CYS CB  HB2  sing N N 79  
CYS CB  HB3  sing N N 80  
CYS SG  HG   sing N N 81  
CYS OXT HXT  sing N N 82  
GLN N   CA   sing N N 83  
GLN N   H    sing N N 84  
GLN N   H2   sing N N 85  
GLN CA  C    sing N N 86  
GLN CA  CB   sing N N 87  
GLN CA  HA   sing N N 88  
GLN C   O    doub N N 89  
GLN C   OXT  sing N N 90  
GLN CB  CG   sing N N 91  
GLN CB  HB2  sing N N 92  
GLN CB  HB3  sing N N 93  
GLN CG  CD   sing N N 94  
GLN CG  HG2  sing N N 95  
GLN CG  HG3  sing N N 96  
GLN CD  OE1  doub N N 97  
GLN CD  NE2  sing N N 98  
GLN NE2 HE21 sing N N 99  
GLN NE2 HE22 sing N N 100 
GLN OXT HXT  sing N N 101 
GLU N   CA   sing N N 102 
GLU N   H    sing N N 103 
GLU N   H2   sing N N 104 
GLU CA  C    sing N N 105 
GLU CA  CB   sing N N 106 
GLU CA  HA   sing N N 107 
GLU C   O    doub N N 108 
GLU C   OXT  sing N N 109 
GLU CB  CG   sing N N 110 
GLU CB  HB2  sing N N 111 
GLU CB  HB3  sing N N 112 
GLU CG  CD   sing N N 113 
GLU CG  HG2  sing N N 114 
GLU CG  HG3  sing N N 115 
GLU CD  OE1  doub N N 116 
GLU CD  OE2  sing N N 117 
GLU OE2 HE2  sing N N 118 
GLU OXT HXT  sing N N 119 
GLY N   CA   sing N N 120 
GLY N   H    sing N N 121 
GLY N   H2   sing N N 122 
GLY CA  C    sing N N 123 
GLY CA  HA2  sing N N 124 
GLY CA  HA3  sing N N 125 
GLY C   O    doub N N 126 
GLY C   OXT  sing N N 127 
GLY OXT HXT  sing N N 128 
HIS N   CA   sing N N 129 
HIS N   H    sing N N 130 
HIS N   H2   sing N N 131 
HIS CA  C    sing N N 132 
HIS CA  CB   sing N N 133 
HIS CA  HA   sing N N 134 
HIS C   O    doub N N 135 
HIS C   OXT  sing N N 136 
HIS CB  CG   sing N N 137 
HIS CB  HB2  sing N N 138 
HIS CB  HB3  sing N N 139 
HIS CG  ND1  sing Y N 140 
HIS CG  CD2  doub Y N 141 
HIS ND1 CE1  doub Y N 142 
HIS ND1 HD1  sing N N 143 
HIS CD2 NE2  sing Y N 144 
HIS CD2 HD2  sing N N 145 
HIS CE1 NE2  sing Y N 146 
HIS CE1 HE1  sing N N 147 
HIS NE2 HE2  sing N N 148 
HIS OXT HXT  sing N N 149 
HOH O   H1   sing N N 150 
HOH O   H2   sing N N 151 
ILE N   CA   sing N N 152 
ILE N   H    sing N N 153 
ILE N   H2   sing N N 154 
ILE CA  C    sing N N 155 
ILE CA  CB   sing N N 156 
ILE CA  HA   sing N N 157 
ILE C   O    doub N N 158 
ILE C   OXT  sing N N 159 
ILE CB  CG1  sing N N 160 
ILE CB  CG2  sing N N 161 
ILE CB  HB   sing N N 162 
ILE CG1 CD1  sing N N 163 
ILE CG1 HG12 sing N N 164 
ILE CG1 HG13 sing N N 165 
ILE CG2 HG21 sing N N 166 
ILE CG2 HG22 sing N N 167 
ILE CG2 HG23 sing N N 168 
ILE CD1 HD11 sing N N 169 
ILE CD1 HD12 sing N N 170 
ILE CD1 HD13 sing N N 171 
ILE OXT HXT  sing N N 172 
LEU N   CA   sing N N 173 
LEU N   H    sing N N 174 
LEU N   H2   sing N N 175 
LEU CA  C    sing N N 176 
LEU CA  CB   sing N N 177 
LEU CA  HA   sing N N 178 
LEU C   O    doub N N 179 
LEU C   OXT  sing N N 180 
LEU CB  CG   sing N N 181 
LEU CB  HB2  sing N N 182 
LEU CB  HB3  sing N N 183 
LEU CG  CD1  sing N N 184 
LEU CG  CD2  sing N N 185 
LEU CG  HG   sing N N 186 
LEU CD1 HD11 sing N N 187 
LEU CD1 HD12 sing N N 188 
LEU CD1 HD13 sing N N 189 
LEU CD2 HD21 sing N N 190 
LEU CD2 HD22 sing N N 191 
LEU CD2 HD23 sing N N 192 
LEU OXT HXT  sing N N 193 
LYS N   CA   sing N N 194 
LYS N   H    sing N N 195 
LYS N   H2   sing N N 196 
LYS CA  C    sing N N 197 
LYS CA  CB   sing N N 198 
LYS CA  HA   sing N N 199 
LYS C   O    doub N N 200 
LYS C   OXT  sing N N 201 
LYS CB  CG   sing N N 202 
LYS CB  HB2  sing N N 203 
LYS CB  HB3  sing N N 204 
LYS CG  CD   sing N N 205 
LYS CG  HG2  sing N N 206 
LYS CG  HG3  sing N N 207 
LYS CD  CE   sing N N 208 
LYS CD  HD2  sing N N 209 
LYS CD  HD3  sing N N 210 
LYS CE  NZ   sing N N 211 
LYS CE  HE2  sing N N 212 
LYS CE  HE3  sing N N 213 
LYS NZ  HZ1  sing N N 214 
LYS NZ  HZ2  sing N N 215 
LYS NZ  HZ3  sing N N 216 
LYS OXT HXT  sing N N 217 
MET N   CA   sing N N 218 
MET N   H    sing N N 219 
MET N   H2   sing N N 220 
MET CA  C    sing N N 221 
MET CA  CB   sing N N 222 
MET CA  HA   sing N N 223 
MET C   O    doub N N 224 
MET C   OXT  sing N N 225 
MET CB  CG   sing N N 226 
MET CB  HB2  sing N N 227 
MET CB  HB3  sing N N 228 
MET CG  SD   sing N N 229 
MET CG  HG2  sing N N 230 
MET CG  HG3  sing N N 231 
MET SD  CE   sing N N 232 
MET CE  HE1  sing N N 233 
MET CE  HE2  sing N N 234 
MET CE  HE3  sing N N 235 
MET OXT HXT  sing N N 236 
PHE N   CA   sing N N 237 
PHE N   H    sing N N 238 
PHE N   H2   sing N N 239 
PHE CA  C    sing N N 240 
PHE CA  CB   sing N N 241 
PHE CA  HA   sing N N 242 
PHE C   O    doub N N 243 
PHE C   OXT  sing N N 244 
PHE CB  CG   sing N N 245 
PHE CB  HB2  sing N N 246 
PHE CB  HB3  sing N N 247 
PHE CG  CD1  doub Y N 248 
PHE CG  CD2  sing Y N 249 
PHE CD1 CE1  sing Y N 250 
PHE CD1 HD1  sing N N 251 
PHE CD2 CE2  doub Y N 252 
PHE CD2 HD2  sing N N 253 
PHE CE1 CZ   doub Y N 254 
PHE CE1 HE1  sing N N 255 
PHE CE2 CZ   sing Y N 256 
PHE CE2 HE2  sing N N 257 
PHE CZ  HZ   sing N N 258 
PHE OXT HXT  sing N N 259 
PRO N   CA   sing N N 260 
PRO N   CD   sing N N 261 
PRO N   H    sing N N 262 
PRO CA  C    sing N N 263 
PRO CA  CB   sing N N 264 
PRO CA  HA   sing N N 265 
PRO C   O    doub N N 266 
PRO C   OXT  sing N N 267 
PRO CB  CG   sing N N 268 
PRO CB  HB2  sing N N 269 
PRO CB  HB3  sing N N 270 
PRO CG  CD   sing N N 271 
PRO CG  HG2  sing N N 272 
PRO CG  HG3  sing N N 273 
PRO CD  HD2  sing N N 274 
PRO CD  HD3  sing N N 275 
PRO OXT HXT  sing N N 276 
SER N   CA   sing N N 277 
SER N   H    sing N N 278 
SER N   H2   sing N N 279 
SER CA  C    sing N N 280 
SER CA  CB   sing N N 281 
SER CA  HA   sing N N 282 
SER C   O    doub N N 283 
SER C   OXT  sing N N 284 
SER CB  OG   sing N N 285 
SER CB  HB2  sing N N 286 
SER CB  HB3  sing N N 287 
SER OG  HG   sing N N 288 
SER OXT HXT  sing N N 289 
THR N   CA   sing N N 290 
THR N   H    sing N N 291 
THR N   H2   sing N N 292 
THR CA  C    sing N N 293 
THR CA  CB   sing N N 294 
THR CA  HA   sing N N 295 
THR C   O    doub N N 296 
THR C   OXT  sing N N 297 
THR CB  OG1  sing N N 298 
THR CB  CG2  sing N N 299 
THR CB  HB   sing N N 300 
THR OG1 HG1  sing N N 301 
THR CG2 HG21 sing N N 302 
THR CG2 HG22 sing N N 303 
THR CG2 HG23 sing N N 304 
THR OXT HXT  sing N N 305 
TYR N   CA   sing N N 306 
TYR N   H    sing N N 307 
TYR N   H2   sing N N 308 
TYR CA  C    sing N N 309 
TYR CA  CB   sing N N 310 
TYR CA  HA   sing N N 311 
TYR C   O    doub N N 312 
TYR C   OXT  sing N N 313 
TYR CB  CG   sing N N 314 
TYR CB  HB2  sing N N 315 
TYR CB  HB3  sing N N 316 
TYR CG  CD1  doub Y N 317 
TYR CG  CD2  sing Y N 318 
TYR CD1 CE1  sing Y N 319 
TYR CD1 HD1  sing N N 320 
TYR CD2 CE2  doub Y N 321 
TYR CD2 HD2  sing N N 322 
TYR CE1 CZ   doub Y N 323 
TYR CE1 HE1  sing N N 324 
TYR CE2 CZ   sing Y N 325 
TYR CE2 HE2  sing N N 326 
TYR CZ  OH   sing N N 327 
TYR OH  HH   sing N N 328 
TYR OXT HXT  sing N N 329 
VAL N   CA   sing N N 330 
VAL N   H    sing N N 331 
VAL N   H2   sing N N 332 
VAL CA  C    sing N N 333 
VAL CA  CB   sing N N 334 
VAL CA  HA   sing N N 335 
VAL C   O    doub N N 336 
VAL C   OXT  sing N N 337 
VAL CB  CG1  sing N N 338 
VAL CB  CG2  sing N N 339 
VAL CB  HB   sing N N 340 
VAL CG1 HG11 sing N N 341 
VAL CG1 HG12 sing N N 342 
VAL CG1 HG13 sing N N 343 
VAL CG2 HG21 sing N N 344 
VAL CG2 HG22 sing N N 345 
VAL CG2 HG23 sing N N 346 
VAL OXT HXT  sing N N 347 
# 
_atom_sites.entry_id                    1BOW 
_atom_sites.fract_transf_matrix[1][1]   0.00466377 
_atom_sites.fract_transf_matrix[1][2]   -0.00500548 
_atom_sites.fract_transf_matrix[1][3]   0.01117863 
_atom_sites.fract_transf_matrix[2][1]   0.01063602 
_atom_sites.fract_transf_matrix[2][2]   -0.00427666 
_atom_sites.fract_transf_matrix[2][3]   -0.00635236 
_atom_sites.fract_transf_matrix[3][1]   0.00482766 
_atom_sites.fract_transf_matrix[3][2]   0.00900727 
_atom_sites.fract_transf_matrix[3][3]   0.00201909 
_atom_sites.fract_transf_vector[1]      0.397644 
_atom_sites.fract_transf_vector[2]      0.193699 
_atom_sites.fract_transf_vector[3]      0.576741 
# 
loop_
_atom_type.symbol 
C  
MN 
N  
O  
S  
# 
loop_
_atom_site.group_PDB 
_atom_site.id 
_atom_site.type_symbol 
_atom_site.label_atom_id 
_atom_site.label_alt_id 
_atom_site.label_comp_id 
_atom_site.label_asym_id 
_atom_site.label_entity_id 
_atom_site.label_seq_id 
_atom_site.pdbx_PDB_ins_code 
_atom_site.Cartn_x 
_atom_site.Cartn_y 
_atom_site.Cartn_z 
_atom_site.occupancy 
_atom_site.B_iso_or_equiv 
_atom_site.pdbx_formal_charge 
_atom_site.auth_seq_id 
_atom_site.auth_comp_id 
_atom_site.auth_asym_id 
_atom_site.auth_atom_id 
_atom_site.pdbx_PDB_model_num 
ATOM   1    N  N   . ARG A 1 1   ? -12.002 11.149  10.372  1.00 96.28  ? 1   ARG A N   1 
ATOM   2    C  CA  . ARG A 1 1   ? -11.734 10.563  9.053   1.00 94.59  ? 1   ARG A CA  1 
ATOM   3    C  C   . ARG A 1 1   ? -10.296 10.018  8.950   1.00 82.59  ? 1   ARG A C   1 
ATOM   4    O  O   . ARG A 1 1   ? -9.817  9.683   7.861   1.00 82.75  ? 1   ARG A O   1 
ATOM   5    C  CB  . ARG A 1 1   ? -12.005 11.590  7.945   1.00 96.31  ? 1   ARG A CB  1 
ATOM   6    N  N   . LEU A 1 2   ? -9.624  9.931   10.091  1.00 59.32  ? 2   LEU A N   1 
ATOM   7    C  CA  . LEU A 1 2   ? -8.257  9.430   10.143  1.00 46.83  ? 2   LEU A CA  1 
ATOM   8    C  C   . LEU A 1 2   ? -8.204  8.316   11.151  1.00 51.33  ? 2   LEU A C   1 
ATOM   9    O  O   . LEU A 1 2   ? -8.409  8.535   12.350  1.00 53.45  ? 2   LEU A O   1 
ATOM   10   C  CB  . LEU A 1 2   ? -7.310  10.533  10.584  1.00 40.66  ? 2   LEU A CB  1 
ATOM   11   C  CG  . LEU A 1 2   ? -5.932  10.573  9.951   1.00 35.00  ? 2   LEU A CG  1 
ATOM   12   C  CD1 . LEU A 1 2   ? -6.041  10.897  8.473   1.00 28.29  ? 2   LEU A CD1 1 
ATOM   13   C  CD2 . LEU A 1 2   ? -5.061  11.602  10.673  1.00 24.63  ? 2   LEU A CD2 1 
ATOM   14   N  N   . GLY A 1 3   ? -7.936  7.114   10.667  1.00 48.76  ? 3   GLY A N   1 
ATOM   15   C  CA  . GLY A 1 3   ? -7.857  5.952   11.539  1.00 48.75  ? 3   GLY A CA  1 
ATOM   16   C  C   . GLY A 1 3   ? -9.150  5.138   11.508  1.00 50.56  ? 3   GLY A C   1 
ATOM   17   O  O   . GLY A 1 3   ? -9.526  4.518   12.499  1.00 57.40  ? 3   GLY A O   1 
ATOM   18   N  N   . GLU A 1 4   ? -9.833  5.149   10.369  1.00 38.05  ? 4   GLU A N   1 
ATOM   19   C  CA  . GLU A 1 4   ? -11.062 4.405   10.214  1.00 39.73  ? 4   GLU A CA  1 
ATOM   20   C  C   . GLU A 1 4   ? -11.319 4.064   8.756   1.00 42.37  ? 4   GLU A C   1 
ATOM   21   O  O   . GLU A 1 4   ? -11.012 4.853   7.857   1.00 47.45  ? 4   GLU A O   1 
ATOM   22   C  CB  . GLU A 1 4   ? -12.252 5.147   10.823  1.00 45.49  ? 4   GLU A CB  1 
ATOM   23   C  CG  . GLU A 1 4   ? -11.980 6.597   11.210  1.00 80.61  ? 4   GLU A CG  1 
ATOM   24   C  CD  . GLU A 1 4   ? -13.152 7.228   11.968  1.00 100.00 ? 4   GLU A CD  1 
ATOM   25   O  OE1 . GLU A 1 4   ? -13.876 6.473   12.669  1.00 100.00 ? 4   GLU A OE1 1 
ATOM   26   O  OE2 . GLU A 1 4   ? -13.341 8.472   11.861  1.00 100.00 ? 4   GLU A OE2 1 
ATOM   27   N  N   . VAL A 1 5   ? -11.876 2.877   8.534   1.00 33.32  ? 5   VAL A N   1 
ATOM   28   C  CA  . VAL A 1 5   ? -12.181 2.377   7.203   1.00 27.45  ? 5   VAL A CA  1 
ATOM   29   C  C   . VAL A 1 5   ? -13.370 3.056   6.568   1.00 32.81  ? 5   VAL A C   1 
ATOM   30   O  O   . VAL A 1 5   ? -14.428 3.193   7.177   1.00 32.64  ? 5   VAL A O   1 
ATOM   31   C  CB  . VAL A 1 5   ? -12.428 0.844   7.202   1.00 23.03  ? 5   VAL A CB  1 
ATOM   32   C  CG1 . VAL A 1 5   ? -12.446 0.336   5.811   1.00 22.47  ? 5   VAL A CG1 1 
ATOM   33   C  CG2 . VAL A 1 5   ? -11.380 0.116   8.014   1.00 19.93  ? 5   VAL A CG2 1 
ATOM   34   N  N   . PHE A 1 6   ? -13.181 3.478   5.332   1.00 31.43  ? 6   PHE A N   1 
ATOM   35   C  CA  . PHE A 1 6   ? -14.220 4.135   4.577   1.00 32.18  ? 6   PHE A CA  1 
ATOM   36   C  C   . PHE A 1 6   ? -14.156 3.481   3.235   1.00 31.61  ? 6   PHE A C   1 
ATOM   37   O  O   . PHE A 1 6   ? -13.136 2.915   2.882   1.00 33.70  ? 6   PHE A O   1 
ATOM   38   C  CB  . PHE A 1 6   ? -13.855 5.596   4.371   1.00 36.52  ? 6   PHE A CB  1 
ATOM   39   C  CG  . PHE A 1 6   ? -14.224 6.492   5.512   1.00 47.34  ? 6   PHE A CG  1 
ATOM   40   C  CD1 . PHE A 1 6   ? -15.521 6.961   5.657   1.00 59.06  ? 6   PHE A CD1 1 
ATOM   41   C  CD2 . PHE A 1 6   ? -13.269 6.884   6.441   1.00 57.03  ? 6   PHE A CD2 1 
ATOM   42   C  CE1 . PHE A 1 6   ? -15.857 7.802   6.713   1.00 63.01  ? 6   PHE A CE1 1 
ATOM   43   C  CE2 . PHE A 1 6   ? -13.600 7.725   7.501   1.00 57.61  ? 6   PHE A CE2 1 
ATOM   44   C  CZ  . PHE A 1 6   ? -14.890 8.182   7.634   1.00 58.56  ? 6   PHE A CZ  1 
ATOM   45   N  N   . VAL A 1 7   ? -15.237 3.552   2.475   1.00 23.40  ? 7   VAL A N   1 
ATOM   46   C  CA  . VAL A 1 7   ? -15.237 2.956   1.158   1.00 22.17  ? 7   VAL A CA  1 
ATOM   47   C  C   . VAL A 1 7   ? -15.459 4.048   0.142   1.00 35.88  ? 7   VAL A C   1 
ATOM   48   O  O   . VAL A 1 7   ? -16.516 4.669   0.110   1.00 42.91  ? 7   VAL A O   1 
ATOM   49   C  CB  . VAL A 1 7   ? -16.295 1.904   0.991   1.00 19.90  ? 7   VAL A CB  1 
ATOM   50   C  CG1 . VAL A 1 7   ? -16.259 1.372   -0.441  1.00 22.90  ? 7   VAL A CG1 1 
ATOM   51   C  CG2 . VAL A 1 7   ? -16.041 0.800   1.940   1.00 16.78  ? 7   VAL A CG2 1 
ATOM   52   N  N   . LEU A 1 8   ? -14.456 4.299   -0.683  1.00 32.37  ? 8   LEU A N   1 
ATOM   53   C  CA  . LEU A 1 8   ? -14.588 5.331   -1.682  1.00 33.47  ? 8   LEU A CA  1 
ATOM   54   C  C   . LEU A 1 8   ? -14.485 4.783   -3.073  1.00 38.31  ? 8   LEU A C   1 
ATOM   55   O  O   . LEU A 1 8   ? -14.167 3.622   -3.279  1.00 41.33  ? 8   LEU A O   1 
ATOM   56   C  CB  . LEU A 1 8   ? -13.563 6.432   -1.491  1.00 38.23  ? 8   LEU A CB  1 
ATOM   57   C  CG  . LEU A 1 8   ? -12.368 6.193   -0.587  1.00 54.73  ? 8   LEU A CG  1 
ATOM   58   C  CD1 . LEU A 1 8   ? -11.415 7.385   -0.698  1.00 57.79  ? 8   LEU A CD1 1 
ATOM   59   C  CD2 . LEU A 1 8   ? -12.841 5.999   0.852   1.00 70.73  ? 8   LEU A CD2 1 
ATOM   60   N  N   . ASP A 1 9   ? -14.771 5.635   -4.041  1.00 38.09  ? 9   ASP A N   1 
ATOM   61   C  CA  . ASP A 1 9   ? -14.707 5.240   -5.422  1.00 42.86  ? 9   ASP A CA  1 
ATOM   62   C  C   . ASP A 1 9   ? -13.567 6.016   -6.023  1.00 49.82  ? 9   ASP A C   1 
ATOM   63   O  O   . ASP A 1 9   ? -13.711 7.192   -6.344  1.00 55.05  ? 9   ASP A O   1 
ATOM   64   C  CB  . ASP A 1 9   ? -16.021 5.538   -6.137  1.00 48.10  ? 9   ASP A CB  1 
ATOM   65   C  CG  . ASP A 1 9   ? -16.849 4.292   -6.353  1.00 86.28  ? 9   ASP A CG  1 
ATOM   66   O  OD1 . ASP A 1 9   ? -17.347 3.743   -5.347  1.00 93.55  ? 9   ASP A OD1 1 
ATOM   67   O  OD2 . ASP A 1 9   ? -16.986 3.854   -7.522  1.00 100.00 ? 9   ASP A OD2 1 
ATOM   68   N  N   . GLU A 1 10  ? -12.425 5.348   -6.152  1.00 42.00  ? 10  GLU A N   1 
ATOM   69   C  CA  . GLU A 1 10  ? -11.273 5.977   -6.703  1.00 34.61  ? 10  GLU A CA  1 
ATOM   70   C  C   . GLU A 1 10  ? -11.308 5.889   -8.191  1.00 37.56  ? 10  GLU A C   1 
ATOM   71   O  O   . GLU A 1 10  ? -11.985 5.030   -8.793  1.00 29.70  ? 10  GLU A O   1 
ATOM   72   C  CB  . GLU A 1 10  ? -9.968  5.334   -6.187  1.00 34.22  ? 10  GLU A CB  1 
ATOM   73   C  CG  . GLU A 1 10  ? -9.929  5.120   -4.679  1.00 40.98  ? 10  GLU A CG  1 
ATOM   74   C  CD  . GLU A 1 10  ? -9.566  6.376   -3.923  1.00 45.34  ? 10  GLU A CD  1 
ATOM   75   O  OE1 . GLU A 1 10  ? -9.800  7.474   -4.463  1.00 43.24  ? 10  GLU A OE1 1 
ATOM   76   O  OE2 . GLU A 1 10  ? -9.041  6.268   -2.793  1.00 70.01  ? 10  GLU A OE2 1 
ATOM   77   N  N   . GLU A 1 11  ? -10.544 6.823   -8.789  1.00 40.04  ? 11  GLU A N   1 
ATOM   78   C  CA  . GLU A 1 11  ? -10.404 6.902   -10.248 1.00 34.48  ? 11  GLU A CA  1 
ATOM   79   C  C   . GLU A 1 11  ? -9.198  6.004   -10.423 1.00 40.45  ? 11  GLU A C   1 
ATOM   80   O  O   . GLU A 1 11  ? -8.741  5.391   -9.462  1.00 44.43  ? 11  GLU A O   1 
ATOM   81   N  N   . GLU A 1 12  ? -8.649  5.952   -11.618 1.00 30.19  ? 12  GLU A N   1 
ATOM   82   C  CA  . GLU A 1 12  ? -7.497  5.110   -11.823 1.00 28.68  ? 12  GLU A CA  1 
ATOM   83   C  C   . GLU A 1 12  ? -6.221  5.876   -11.779 1.00 35.76  ? 12  GLU A C   1 
ATOM   84   O  O   . GLU A 1 12  ? -6.141  6.959   -12.352 1.00 37.88  ? 12  GLU A O   1 
ATOM   85   C  CB  . GLU A 1 12  ? -7.616  4.380   -13.137 1.00 29.94  ? 12  GLU A CB  1 
ATOM   86   C  CG  . GLU A 1 12  ? -6.406  4.494   -13.992 1.00 32.29  ? 12  GLU A CG  1 
ATOM   87   C  CD  . GLU A 1 12  ? -6.601  3.774   -15.292 1.00 55.99  ? 12  GLU A CD  1 
ATOM   88   O  OE1 . GLU A 1 12  ? -7.146  2.640   -15.277 1.00 78.43  ? 12  GLU A OE1 1 
ATOM   89   O  OE2 . GLU A 1 12  ? -6.267  4.355   -16.333 1.00 41.71  ? 12  GLU A OE2 1 
ATOM   90   N  N   . ILE A 1 13  ? -5.227  5.316   -11.088 1.00 31.97  ? 13  ILE A N   1 
ATOM   91   C  CA  . ILE A 1 13  ? -3.916  5.936   -10.938 1.00 31.48  ? 13  ILE A CA  1 
ATOM   92   C  C   . ILE A 1 13  ? -2.891  5.168   -11.763 1.00 38.40  ? 13  ILE A C   1 
ATOM   93   O  O   . ILE A 1 13  ? -2.836  3.945   -11.677 1.00 44.68  ? 13  ILE A O   1 
ATOM   94   C  CB  . ILE A 1 13  ? -3.447  5.853   -9.462  1.00 36.91  ? 13  ILE A CB  1 
ATOM   95   C  CG1 . ILE A 1 13  ? -4.589  6.182   -8.484  1.00 42.15  ? 13  ILE A CG1 1 
ATOM   96   C  CG2 . ILE A 1 13  ? -2.256  6.738   -9.220  1.00 32.62  ? 13  ILE A CG2 1 
ATOM   97   C  CD1 . ILE A 1 13  ? -4.265  5.849   -7.005  1.00 56.27  ? 13  ILE A CD1 1 
ATOM   98   N  N   . ARG A 1 14  ? -2.079  5.870   -12.558 1.00 30.19  ? 14  ARG A N   1 
ATOM   99   C  CA  . ARG A 1 14  ? -1.065  5.179   -13.361 1.00 26.33  ? 14  ARG A CA  1 
ATOM   100  C  C   . ARG A 1 14  ? 0.193   5.105   -12.521 1.00 24.44  ? 14  ARG A C   1 
ATOM   101  O  O   . ARG A 1 14  ? 0.563   6.083   -11.875 1.00 22.53  ? 14  ARG A O   1 
ATOM   102  C  CB  . ARG A 1 14  ? -0.811  5.850   -14.716 1.00 25.60  ? 14  ARG A CB  1 
ATOM   103  C  CG  . ARG A 1 14  ? -1.050  4.902   -15.927 1.00 44.19  ? 14  ARG A CG  1 
ATOM   104  C  CD  . ARG A 1 14  ? -1.636  5.630   -17.148 1.00 48.30  ? 14  ARG A CD  1 
ATOM   105  N  NE  . ARG A 1 14  ? -0.735  6.688   -17.617 1.00 99.59  ? 14  ARG A NE  1 
ATOM   106  C  CZ  . ARG A 1 14  ? -1.116  7.931   -17.926 1.00 100.00 ? 14  ARG A CZ  1 
ATOM   107  N  NH1 . ARG A 1 14  ? -2.399  8.277   -17.832 1.00 100.00 ? 14  ARG A NH1 1 
ATOM   108  N  NH2 . ARG A 1 14  ? -0.210  8.821   -18.339 1.00 100.00 ? 14  ARG A NH2 1 
ATOM   109  N  N   . ILE A 1 15  ? 0.844   3.940   -12.518 1.00 18.38  ? 15  ILE A N   1 
ATOM   110  C  CA  . ILE A 1 15  ? 2.045   3.749   -11.728 1.00 14.63  ? 15  ILE A CA  1 
ATOM   111  C  C   . ILE A 1 15  ? 3.153   2.950   -12.377 1.00 24.56  ? 15  ILE A C   1 
ATOM   112  O  O   . ILE A 1 15  ? 2.968   2.238   -13.370 1.00 28.12  ? 15  ILE A O   1 
ATOM   113  C  CB  . ILE A 1 15  ? 1.713   2.958   -10.460 1.00 17.43  ? 15  ILE A CB  1 
ATOM   114  C  CG1 . ILE A 1 15  ? 1.311   1.519   -10.828 1.00 20.15  ? 15  ILE A CG1 1 
ATOM   115  C  CG2 . ILE A 1 15  ? 0.626   3.632   -9.673  1.00 15.26  ? 15  ILE A CG2 1 
ATOM   116  C  CD1 . ILE A 1 15  ? 1.128   0.609   -9.633  1.00 5.33   ? 15  ILE A CD1 1 
ATOM   117  N  N   . ILE A 1 16  ? 4.320   3.068   -11.771 1.00 22.54  ? 16  ILE A N   1 
ATOM   118  C  CA  . ILE A 1 16  ? 5.487   2.375   -12.210 1.00 22.27  ? 16  ILE A CA  1 
ATOM   119  C  C   . ILE A 1 16  ? 5.783   1.536   -10.992 1.00 27.24  ? 16  ILE A C   1 
ATOM   120  O  O   . ILE A 1 16  ? 5.742   2.035   -9.854  1.00 27.15  ? 16  ILE A O   1 
ATOM   121  C  CB  . ILE A 1 16  ? 6.648   3.341   -12.451 1.00 25.74  ? 16  ILE A CB  1 
ATOM   122  C  CG1 . ILE A 1 16  ? 6.770   3.629   -13.932 1.00 26.69  ? 16  ILE A CG1 1 
ATOM   123  C  CG2 . ILE A 1 16  ? 7.926   2.725   -11.988 1.00 33.75  ? 16  ILE A CG2 1 
ATOM   124  C  CD1 . ILE A 1 16  ? 5.652   3.014   -14.744 1.00 68.16  ? 16  ILE A CD1 1 
ATOM   125  N  N   . GLN A 1 17  ? 6.071   0.264   -11.203 1.00 20.52  ? 17  GLN A N   1 
ATOM   126  C  CA  . GLN A 1 17  ? 6.353   -0.586  -10.068 1.00 20.99  ? 17  GLN A CA  1 
ATOM   127  C  C   . GLN A 1 17  ? 7.340   -1.658  -10.406 1.00 18.49  ? 17  GLN A C   1 
ATOM   128  O  O   . GLN A 1 17  ? 7.594   -1.921  -11.568 1.00 14.84  ? 17  GLN A O   1 
ATOM   129  C  CB  . GLN A 1 17  ? 5.066   -1.245  -9.610  1.00 23.73  ? 17  GLN A CB  1 
ATOM   130  C  CG  . GLN A 1 17  ? 4.566   -2.278  -10.602 1.00 7.77   ? 17  GLN A CG  1 
ATOM   131  C  CD  . GLN A 1 17  ? 3.527   -3.191  -10.008 1.00 37.48  ? 17  GLN A CD  1 
ATOM   132  O  OE1 . GLN A 1 17  ? 3.003   -2.921  -8.935  1.00 45.37  ? 17  GLN A OE1 1 
ATOM   133  N  NE2 . GLN A 1 17  ? 3.209   -4.274  -10.712 1.00 32.83  ? 17  GLN A NE2 1 
ATOM   134  N  N   . THR A 1 18  ? 7.892   -2.278  -9.371  1.00 22.84  ? 18  THR A N   1 
ATOM   135  C  CA  . THR A 1 18  ? 8.857   -3.354  -9.526  1.00 22.99  ? 18  THR A CA  1 
ATOM   136  C  C   . THR A 1 18  ? 8.680   -4.406  -8.442  1.00 27.92  ? 18  THR A C   1 
ATOM   137  O  O   . THR A 1 18  ? 7.920   -4.220  -7.476  1.00 27.55  ? 18  THR A O   1 
ATOM   138  C  CB  . THR A 1 18  ? 10.329  -2.882  -9.514  1.00 24.10  ? 18  THR A CB  1 
ATOM   139  O  OG1 . THR A 1 18  ? 10.601  -2.149  -8.316  1.00 40.90  ? 18  THR A OG1 1 
ATOM   140  C  CG2 . THR A 1 18  ? 10.589  -2.037  -10.660 1.00 41.71  ? 18  THR A CG2 1 
ATOM   141  N  N   . GLU A 1 19  ? 9.389   -5.511  -8.620  1.00 20.10  ? 19  GLU A N   1 
ATOM   142  C  CA  . GLU A 1 19  ? 9.344   -6.616  -7.701  1.00 17.90  ? 19  GLU A CA  1 
ATOM   143  C  C   . GLU A 1 19  ? 10.015  -6.253  -6.370  1.00 27.78  ? 19  GLU A C   1 
ATOM   144  O  O   . GLU A 1 19  ? 11.084  -5.675  -6.352  1.00 26.89  ? 19  GLU A O   1 
ATOM   145  C  CB  . GLU A 1 19  ? 10.027  -7.818  -8.346  1.00 15.11  ? 19  GLU A CB  1 
ATOM   146  C  CG  . GLU A 1 19  ? 9.102   -8.962  -8.559  1.00 18.63  ? 19  GLU A CG  1 
ATOM   147  C  CD  . GLU A 1 19  ? 8.011   -8.639  -9.541  1.00 31.42  ? 19  GLU A CD  1 
ATOM   148  O  OE1 . GLU A 1 19  ? 8.299   -8.001  -10.563 1.00 53.19  ? 19  GLU A OE1 1 
ATOM   149  O  OE2 . GLU A 1 19  ? 6.867   -9.032  -9.300  1.00 25.32  ? 19  GLU A OE2 1 
ATOM   150  N  N   . ALA A 1 20  ? 9.376   -6.592  -5.260  1.00 30.86  ? 20  ALA A N   1 
ATOM   151  C  CA  . ALA A 1 20  ? 9.933   -6.298  -3.947  1.00 32.35  ? 20  ALA A CA  1 
ATOM   152  C  C   . ALA A 1 20  ? 10.594  -7.565  -3.478  1.00 47.63  ? 20  ALA A C   1 
ATOM   153  O  O   . ALA A 1 20  ? 10.069  -8.276  -2.616  1.00 56.20  ? 20  ALA A O   1 
ATOM   154  C  CB  . ALA A 1 20  ? 8.848   -5.893  -2.979  1.00 32.94  ? 20  ALA A CB  1 
ATOM   155  N  N   . GLU A 1 21  ? 11.744  -7.844  -4.062  1.00 47.37  ? 21  GLU A N   1 
ATOM   156  C  CA  . GLU A 1 21  ? 12.521  -9.028  -3.740  1.00 53.92  ? 21  GLU A CA  1 
ATOM   157  C  C   . GLU A 1 21  ? 12.641  -9.272  -2.223  1.00 69.07  ? 21  GLU A C   1 
ATOM   158  O  O   . GLU A 1 21  ? 13.504  -8.695  -1.565  1.00 71.71  ? 21  GLU A O   1 
ATOM   159  C  CB  . GLU A 1 21  ? 13.913  -8.927  -4.398  1.00 56.96  ? 21  GLU A CB  1 
ATOM   160  C  CG  . GLU A 1 21  ? 13.910  -8.363  -5.862  1.00 84.88  ? 21  GLU A CG  1 
ATOM   161  C  CD  . GLU A 1 21  ? 14.965  -7.237  -6.124  1.00 100.00 ? 21  GLU A CD  1 
ATOM   162  O  OE1 . GLU A 1 21  ? 15.992  -7.176  -5.405  1.00 100.00 ? 21  GLU A OE1 1 
ATOM   163  O  OE2 . GLU A 1 21  ? 14.764  -6.421  -7.063  1.00 100.00 ? 21  GLU A OE2 1 
ATOM   164  N  N   . GLY A 1 22  ? 11.761  -10.125 -1.684  1.00 68.54  ? 22  GLY A N   1 
ATOM   165  C  CA  . GLY A 1 22  ? 11.744  -10.478 -0.254  1.00 67.56  ? 22  GLY A CA  1 
ATOM   166  C  C   . GLY A 1 22  ? 11.259  -9.456  0.791   1.00 59.96  ? 22  GLY A C   1 
ATOM   167  O  O   . GLY A 1 22  ? 10.451  -9.798  1.667   1.00 63.73  ? 22  GLY A O   1 
ATOM   168  N  N   . ILE A 1 23  ? 11.765  -8.224  0.702   1.00 42.07  ? 23  ILE A N   1 
ATOM   169  C  CA  . ILE A 1 23  ? 11.415  -7.131  1.631   1.00 31.86  ? 23  ILE A CA  1 
ATOM   170  C  C   . ILE A 1 23  ? 9.944   -7.083  2.130   1.00 32.30  ? 23  ILE A C   1 
ATOM   171  O  O   . ILE A 1 23  ? 9.006   -7.298  1.361   1.00 37.61  ? 23  ILE A O   1 
ATOM   172  C  CB  . ILE A 1 23  ? 11.914  -5.761  1.118   1.00 30.75  ? 23  ILE A CB  1 
ATOM   173  C  CG1 . ILE A 1 23  ? 11.690  -4.690  2.166   1.00 31.33  ? 23  ILE A CG1 1 
ATOM   174  C  CG2 . ILE A 1 23  ? 11.204  -5.352  -0.169  1.00 28.94  ? 23  ILE A CG2 1 
ATOM   175  C  CD1 . ILE A 1 23  ? 11.062  -3.468  1.602   1.00 58.56  ? 23  ILE A CD1 1 
ATOM   176  N  N   . GLY A 1 24  ? 9.752   -6.813  3.421   1.00 22.32  ? 24  GLY A N   1 
ATOM   177  C  CA  . GLY A 1 24  ? 8.407   -6.753  4.002   1.00 21.18  ? 24  GLY A CA  1 
ATOM   178  C  C   . GLY A 1 24  ? 8.283   -5.705  5.100   1.00 25.90  ? 24  GLY A C   1 
ATOM   179  O  O   . GLY A 1 24  ? 9.270   -5.069  5.464   1.00 23.90  ? 24  GLY A O   1 
ATOM   180  N  N   . PRO A 1 25  ? 7.067   -5.530  5.619   1.00 26.07  ? 25  PRO A N   1 
ATOM   181  C  CA  . PRO A 1 25  ? 6.806   -4.553  6.672   1.00 22.94  ? 25  PRO A CA  1 
ATOM   182  C  C   . PRO A 1 25  ? 7.807   -4.668  7.800   1.00 36.72  ? 25  PRO A C   1 
ATOM   183  O  O   . PRO A 1 25  ? 8.293   -3.653  8.303   1.00 42.13  ? 25  PRO A O   1 
ATOM   184  C  CB  . PRO A 1 25  ? 5.398   -4.916  7.153   1.00 22.55  ? 25  PRO A CB  1 
ATOM   185  C  CG  . PRO A 1 25  ? 4.771   -5.606  5.993   1.00 25.84  ? 25  PRO A CG  1 
ATOM   186  C  CD  . PRO A 1 25  ? 5.884   -6.368  5.346   1.00 25.38  ? 25  PRO A CD  1 
ATOM   187  N  N   . GLU A 1 26  ? 8.128   -5.889  8.206   1.00 37.46  ? 26  GLU A N   1 
ATOM   188  C  CA  . GLU A 1 26  ? 9.094   -6.103  9.285   1.00 41.41  ? 26  GLU A CA  1 
ATOM   189  C  C   . GLU A 1 26  ? 10.401  -5.314  9.056   1.00 46.06  ? 26  GLU A C   1 
ATOM   190  O  O   . GLU A 1 26  ? 11.016  -4.842  10.005  1.00 47.29  ? 26  GLU A O   1 
ATOM   191  C  CB  . GLU A 1 26  ? 9.411   -7.597  9.458   1.00 43.79  ? 26  GLU A CB  1 
ATOM   192  C  CG  . GLU A 1 26  ? 9.149   -8.440  8.192   1.00 85.73  ? 26  GLU A CG  1 
ATOM   193  C  CD  . GLU A 1 26  ? 10.028  -9.697  8.106   1.00 100.00 ? 26  GLU A CD  1 
ATOM   194  O  OE1 . GLU A 1 26  ? 10.531  -10.140 9.174   1.00 100.00 ? 26  GLU A OE1 1 
ATOM   195  O  OE2 . GLU A 1 26  ? 10.210  -10.250 6.981   1.00 100.00 ? 26  GLU A OE2 1 
ATOM   196  N  N   . ASN A 1 27  ? 10.805  -5.163  7.799   1.00 38.41  ? 27  ASN A N   1 
ATOM   197  C  CA  . ASN A 1 27  ? 12.033  -4.432  7.477   1.00 35.31  ? 27  ASN A CA  1 
ATOM   198  C  C   . ASN A 1 27  ? 11.850  -2.915  7.476   1.00 43.49  ? 27  ASN A C   1 
ATOM   199  O  O   . ASN A 1 27  ? 12.764  -2.173  7.818   1.00 46.10  ? 27  ASN A O   1 
ATOM   200  C  CB  . ASN A 1 27  ? 12.625  -4.890  6.140   1.00 22.34  ? 27  ASN A CB  1 
ATOM   201  C  CG  . ASN A 1 27  ? 12.525  -6.394  5.941   1.00 51.55  ? 27  ASN A CG  1 
ATOM   202  O  OD1 . ASN A 1 27  ? 11.938  -6.855  4.970   1.00 59.53  ? 27  ASN A OD1 1 
ATOM   203  N  ND2 . ASN A 1 27  ? 13.117  -7.158  6.848   1.00 64.15  ? 27  ASN A ND2 1 
ATOM   204  N  N   . VAL A 1 28  ? 10.667  -2.458  7.085   1.00 38.88  ? 28  VAL A N   1 
ATOM   205  C  CA  . VAL A 1 28  ? 10.385  -1.031  7.034   1.00 35.29  ? 28  VAL A CA  1 
ATOM   206  C  C   . VAL A 1 28  ? 10.159  -0.512  8.445   1.00 44.42  ? 28  VAL A C   1 
ATOM   207  O  O   . VAL A 1 28  ? 10.418  0.652   8.748   1.00 45.96  ? 28  VAL A O   1 
ATOM   208  C  CB  . VAL A 1 28  ? 9.137   -0.753  6.172   1.00 33.27  ? 28  VAL A CB  1 
ATOM   209  C  CG1 . VAL A 1 28  ? 8.088   0.004   6.964   1.00 30.53  ? 28  VAL A CG1 1 
ATOM   210  C  CG2 . VAL A 1 28  ? 9.508   -0.001  4.925   1.00 34.18  ? 28  VAL A CG2 1 
ATOM   211  N  N   . LEU A 1 29  ? 9.677   -1.382  9.315   1.00 43.09  ? 29  LEU A N   1 
ATOM   212  C  CA  . LEU A 1 29  ? 9.419   -0.991  10.694  1.00 46.83  ? 29  LEU A CA  1 
ATOM   213  C  C   . LEU A 1 29  ? 10.702  -0.986  11.508  1.00 60.20  ? 29  LEU A C   1 
ATOM   214  O  O   . LEU A 1 29  ? 10.740  -0.478  12.627  1.00 58.45  ? 29  LEU A O   1 
ATOM   215  C  CB  . LEU A 1 29  ? 8.405   -1.931  11.326  1.00 46.33  ? 29  LEU A CB  1 
ATOM   216  C  CG  . LEU A 1 29  ? 6.974   -1.521  11.041  1.00 49.70  ? 29  LEU A CG  1 
ATOM   217  C  CD1 . LEU A 1 29  ? 6.556   -1.955  9.649   1.00 49.86  ? 29  LEU A CD1 1 
ATOM   218  C  CD2 . LEU A 1 29  ? 6.060   -2.081  12.093  1.00 45.19  ? 29  LEU A CD2 1 
ATOM   219  N  N   . ASN A 1 30  ? 11.754  -1.561  10.936  1.00 65.13  ? 30  ASN A N   1 
ATOM   220  C  CA  . ASN A 1 30  ? 13.056  -1.624  11.590  1.00 68.60  ? 30  ASN A CA  1 
ATOM   221  C  C   . ASN A 1 30  ? 13.899  -0.447  11.073  1.00 73.88  ? 30  ASN A C   1 
ATOM   222  O  O   . ASN A 1 30  ? 15.086  -0.303  11.402  1.00 77.11  ? 30  ASN A O   1 
ATOM   223  C  CB  . ASN A 1 30  ? 13.754  -2.951  11.266  1.00 72.69  ? 30  ASN A CB  1 
ATOM   224  C  CG  . ASN A 1 30  ? 13.216  -4.105  12.079  1.00 100.00 ? 30  ASN A CG  1 
ATOM   225  O  OD1 . ASN A 1 30  ? 12.395  -3.917  12.983  1.00 100.00 ? 30  ASN A OD1 1 
ATOM   226  N  ND2 . ASN A 1 30  ? 13.677  -5.315  11.764  1.00 100.00 ? 30  ASN A ND2 1 
ATOM   227  N  N   . ALA A 1 31  ? 13.262  0.382   10.251  1.00 61.18  ? 31  ALA A N   1 
ATOM   228  C  CA  . ALA A 1 31  ? 13.896  1.547   9.666   1.00 54.50  ? 31  ALA A CA  1 
ATOM   229  C  C   . ALA A 1 31  ? 12.810  2.566   9.370   1.00 56.60  ? 31  ALA A C   1 
ATOM   230  O  O   . ALA A 1 31  ? 11.951  2.848   10.214  1.00 62.63  ? 31  ALA A O   1 
ATOM   231  C  CB  . ALA A 1 31  ? 14.632  1.164   8.385   1.00 52.53  ? 31  ALA A CB  1 
ATOM   232  N  N   . SER A 1 32  ? 12.825  3.083   8.157   1.00 42.77  ? 32  SER A N   1 
ATOM   233  C  CA  . SER A 1 32  ? 11.843  4.054   7.744   1.00 42.12  ? 32  SER A CA  1 
ATOM   234  C  C   . SER A 1 32  ? 11.319  3.597   6.413   1.00 44.62  ? 32  SER A C   1 
ATOM   235  O  O   . SER A 1 32  ? 11.883  2.719   5.774   1.00 43.03  ? 32  SER A O   1 
ATOM   236  C  CB  . SER A 1 32  ? 12.518  5.403   7.559   1.00 52.11  ? 32  SER A CB  1 
ATOM   237  O  OG  . SER A 1 32  ? 13.637  5.282   6.689   1.00 65.94  ? 32  SER A OG  1 
ATOM   238  N  N   . TYR A 1 33  ? 10.240  4.200   5.966   1.00 39.38  ? 33  TYR A N   1 
ATOM   239  C  CA  . TYR A 1 33  ? 9.708   3.814   4.689   1.00 34.60  ? 33  TYR A CA  1 
ATOM   240  C  C   . TYR A 1 33  ? 10.708  4.233   3.626   1.00 40.47  ? 33  TYR A C   1 
ATOM   241  O  O   . TYR A 1 33  ? 10.553  3.937   2.459   1.00 46.51  ? 33  TYR A O   1 
ATOM   242  C  CB  . TYR A 1 33  ? 8.375   4.488   4.468   1.00 34.67  ? 33  TYR A CB  1 
ATOM   243  C  CG  . TYR A 1 33  ? 7.208   3.621   4.868   1.00 36.43  ? 33  TYR A CG  1 
ATOM   244  C  CD1 . TYR A 1 33  ? 6.906   2.470   4.149   1.00 36.84  ? 33  TYR A CD1 1 
ATOM   245  C  CD2 . TYR A 1 33  ? 6.408   3.947   5.950   1.00 36.52  ? 33  TYR A CD2 1 
ATOM   246  C  CE1 . TYR A 1 33  ? 5.842   1.677   4.492   1.00 39.18  ? 33  TYR A CE1 1 
ATOM   247  C  CE2 . TYR A 1 33  ? 5.337   3.147   6.316   1.00 31.71  ? 33  TYR A CE2 1 
ATOM   248  C  CZ  . TYR A 1 33  ? 5.064   2.014   5.585   1.00 50.95  ? 33  TYR A CZ  1 
ATOM   249  O  OH  . TYR A 1 33  ? 4.004   1.223   5.944   1.00 60.84  ? 33  TYR A OH  1 
ATOM   250  N  N   . SER A 1 34  ? 11.746  4.933   4.050   1.00 40.56  ? 34  SER A N   1 
ATOM   251  C  CA  . SER A 1 34  ? 12.772  5.386   3.145   1.00 40.52  ? 34  SER A CA  1 
ATOM   252  C  C   . SER A 1 34  ? 13.329  4.190   2.432   1.00 41.67  ? 34  SER A C   1 
ATOM   253  O  O   . SER A 1 34  ? 13.849  4.305   1.337   1.00 42.53  ? 34  SER A O   1 
ATOM   254  C  CB  . SER A 1 34  ? 13.875  6.085   3.914   1.00 46.05  ? 34  SER A CB  1 
ATOM   255  O  OG  . SER A 1 34  ? 13.609  7.474   3.996   1.00 87.66  ? 34  SER A OG  1 
ATOM   256  N  N   . LYS A 1 35  ? 13.214  3.029   3.061   1.00 36.63  ? 35  LYS A N   1 
ATOM   257  C  CA  . LYS A 1 35  ? 13.713  1.799   2.461   1.00 39.18  ? 35  LYS A CA  1 
ATOM   258  C  C   . LYS A 1 35  ? 13.087  1.531   1.077   1.00 43.71  ? 35  LYS A C   1 
ATOM   259  O  O   . LYS A 1 35  ? 13.800  1.381   0.092   1.00 47.25  ? 35  LYS A O   1 
ATOM   260  C  CB  . LYS A 1 35  ? 13.470  0.623   3.392   1.00 48.00  ? 35  LYS A CB  1 
ATOM   261  C  CG  . LYS A 1 35  ? 13.757  0.913   4.850   1.00 74.97  ? 35  LYS A CG  1 
ATOM   262  C  CD  . LYS A 1 35  ? 15.226  1.150   5.081   1.00 100.00 ? 35  LYS A CD  1 
ATOM   263  C  CE  . LYS A 1 35  ? 15.879  -0.068  5.718   1.00 100.00 ? 35  LYS A CE  1 
ATOM   264  N  NZ  . LYS A 1 35  ? 16.603  -0.903  4.714   1.00 100.00 ? 35  LYS A NZ  1 
ATOM   265  N  N   . LEU A 1 36  ? 11.758  1.478   1.007   1.00 33.51  ? 36  LEU A N   1 
ATOM   266  C  CA  . LEU A 1 36  ? 11.075  1.236   -0.259  1.00 28.40  ? 36  LEU A CA  1 
ATOM   267  C  C   . LEU A 1 36  ? 11.548  2.194   -1.341  1.00 36.34  ? 36  LEU A C   1 
ATOM   268  O  O   . LEU A 1 36  ? 11.799  1.780   -2.469  1.00 35.72  ? 36  LEU A O   1 
ATOM   269  C  CB  . LEU A 1 36  ? 9.562   1.369   -0.090  1.00 24.73  ? 36  LEU A CB  1 
ATOM   270  C  CG  . LEU A 1 36  ? 9.009   0.620   1.118   1.00 25.87  ? 36  LEU A CG  1 
ATOM   271  C  CD1 . LEU A 1 36  ? 7.492   0.725   1.193   1.00 24.02  ? 36  LEU A CD1 1 
ATOM   272  C  CD2 . LEU A 1 36  ? 9.436   -0.815  1.043   1.00 23.99  ? 36  LEU A CD2 1 
ATOM   273  N  N   . LYS A 1 37  ? 11.659  3.472   -0.985  1.00 36.55  ? 37  LYS A N   1 
ATOM   274  C  CA  . LYS A 1 37  ? 12.092  4.518   -1.912  1.00 39.59  ? 37  LYS A CA  1 
ATOM   275  C  C   . LYS A 1 37  ? 13.241  4.077   -2.795  1.00 43.56  ? 37  LYS A C   1 
ATOM   276  O  O   . LYS A 1 37  ? 13.238  4.303   -4.005  1.00 41.00  ? 37  LYS A O   1 
ATOM   277  C  CB  . LYS A 1 37  ? 12.485  5.777   -1.140  1.00 44.05  ? 37  LYS A CB  1 
ATOM   278  C  CG  . LYS A 1 37  ? 12.639  7.023   -2.001  1.00 71.31  ? 37  LYS A CG  1 
ATOM   279  C  CD  . LYS A 1 37  ? 12.213  8.278   -1.237  1.00 94.66  ? 37  LYS A CD  1 
ATOM   280  C  CE  . LYS A 1 37  ? 12.060  9.489   -2.166  1.00 100.00 ? 37  LYS A CE  1 
ATOM   281  N  NZ  . LYS A 1 37  ? 11.167  9.223   -3.342  1.00 100.00 ? 37  LYS A NZ  1 
ATOM   282  N  N   . LYS A 1 38  ? 14.208  3.428   -2.165  1.00 42.57  ? 38  LYS A N   1 
ATOM   283  C  CA  . LYS A 1 38  ? 15.398  2.925   -2.832  1.00 44.90  ? 38  LYS A CA  1 
ATOM   284  C  C   . LYS A 1 38  ? 15.118  2.021   -4.004  1.00 54.68  ? 38  LYS A C   1 
ATOM   285  O  O   . LYS A 1 38  ? 15.813  2.061   -5.009  1.00 61.23  ? 38  LYS A O   1 
ATOM   286  C  CB  . LYS A 1 38  ? 16.283  2.175   -1.836  1.00 49.10  ? 38  LYS A CB  1 
ATOM   287  C  CG  . LYS A 1 38  ? 17.407  3.028   -1.235  1.00 100.00 ? 38  LYS A CG  1 
ATOM   288  C  CD  . LYS A 1 38  ? 16.923  3.839   -0.023  1.00 100.00 ? 38  LYS A CD  1 
ATOM   289  C  CE  . LYS A 1 38  ? 17.773  5.099   0.207   1.00 100.00 ? 38  LYS A CE  1 
ATOM   290  N  NZ  . LYS A 1 38  ? 17.572  5.671   1.582   1.00 100.00 ? 38  LYS A NZ  1 
ATOM   291  N  N   . PHE A 1 39  ? 14.102  1.193   -3.866  1.00 50.95  ? 39  PHE A N   1 
ATOM   292  C  CA  . PHE A 1 39  ? 13.718  0.255   -4.908  1.00 50.21  ? 39  PHE A CA  1 
ATOM   293  C  C   . PHE A 1 39  ? 13.156  0.902   -6.138  1.00 53.71  ? 39  PHE A C   1 
ATOM   294  O  O   . PHE A 1 39  ? 13.210  0.357   -7.239  1.00 53.34  ? 39  PHE A O   1 
ATOM   295  C  CB  . PHE A 1 39  ? 12.604  -0.598  -4.367  1.00 50.98  ? 39  PHE A CB  1 
ATOM   296  C  CG  . PHE A 1 39  ? 13.054  -1.881  -3.851  1.00 52.83  ? 39  PHE A CG  1 
ATOM   297  C  CD1 . PHE A 1 39  ? 13.200  -2.953  -4.696  1.00 57.27  ? 39  PHE A CD1 1 
ATOM   298  C  CD2 . PHE A 1 39  ? 13.342  -2.026  -2.506  1.00 58.37  ? 39  PHE A CD2 1 
ATOM   299  C  CE1 . PHE A 1 39  ? 13.622  -4.165  -4.214  1.00 65.25  ? 39  PHE A CE1 1 
ATOM   300  C  CE2 . PHE A 1 39  ? 13.763  -3.231  -2.011  1.00 63.58  ? 39  PHE A CE2 1 
ATOM   301  C  CZ  . PHE A 1 39  ? 13.907  -4.311  -2.865  1.00 64.79  ? 39  PHE A CZ  1 
ATOM   302  N  N   . ILE A 1 40  ? 12.590  2.068   -5.940  1.00 49.78  ? 40  ILE A N   1 
ATOM   303  C  CA  . ILE A 1 40  ? 11.972  2.777   -7.011  1.00 47.59  ? 40  ILE A CA  1 
ATOM   304  C  C   . ILE A 1 40  ? 12.617  4.093   -7.427  1.00 65.83  ? 40  ILE A C   1 
ATOM   305  O  O   . ILE A 1 40  ? 11.993  4.890   -8.112  1.00 67.63  ? 40  ILE A O   1 
ATOM   306  C  CB  . ILE A 1 40  ? 10.496  2.965   -6.634  1.00 47.07  ? 40  ILE A CB  1 
ATOM   307  C  CG1 . ILE A 1 40  ? 9.587   2.799   -7.827  1.00 49.85  ? 40  ILE A CG1 1 
ATOM   308  C  CG2 . ILE A 1 40  ? 10.269  4.168   -5.715  1.00 36.00  ? 40  ILE A CG2 1 
ATOM   309  C  CD1 . ILE A 1 40  ? 9.312   1.355   -8.141  1.00 69.88  ? 40  ILE A CD1 1 
ATOM   310  N  N   . GLU A 1 41  ? 13.868  4.317   -7.028  1.00 75.33  ? 41  GLU A N   1 
ATOM   311  C  CA  . GLU A 1 41  ? 14.576  5.564   -7.379  1.00 81.81  ? 41  GLU A CA  1 
ATOM   312  C  C   . GLU A 1 41  ? 14.912  5.732   -8.874  1.00 89.30  ? 41  GLU A C   1 
ATOM   313  O  O   . GLU A 1 41  ? 15.274  6.830   -9.315  1.00 88.41  ? 41  GLU A O   1 
ATOM   314  C  CB  . GLU A 1 41  ? 15.844  5.736   -6.525  1.00 84.64  ? 41  GLU A CB  1 
ATOM   315  C  CG  . GLU A 1 41  ? 15.727  6.790   -5.414  1.00 100.00 ? 41  GLU A CG  1 
ATOM   316  C  CD  . GLU A 1 41  ? 16.748  6.580   -4.283  1.00 100.00 ? 41  GLU A CD  1 
ATOM   317  O  OE1 . GLU A 1 41  ? 17.805  5.942   -4.541  1.00 100.00 ? 41  GLU A OE1 1 
ATOM   318  O  OE2 . GLU A 1 41  ? 16.497  7.061   -3.142  1.00 100.00 ? 41  GLU A OE2 1 
ATOM   319  N  N   . SER A 1 42  ? 14.791  4.650   -9.642  1.00 87.54  ? 42  SER A N   1 
ATOM   320  C  CA  . SER A 1 42  ? 15.084  4.671   -11.080 1.00 96.09  ? 42  SER A CA  1 
ATOM   321  C  C   . SER A 1 42  ? 13.844  4.939   -11.937 1.00 79.27  ? 42  SER A C   1 
ATOM   322  O  O   . SER A 1 42  ? 13.182  5.971   -11.802 1.00 67.95  ? 42  SER A O   1 
ATOM   323  C  CB  . SER A 1 42  ? 15.735  3.349   -11.513 1.00 100.00 ? 42  SER A CB  1 
ATOM   324  O  OG  . SER A 1 42  ? 15.979  2.492   -10.399 1.00 100.00 ? 42  SER A OG  1 
ATOM   325  N  N   . ASN A 1 48  ? 7.593   9.914   -9.356  1.00 83.78  ? 48  ASN A N   1 
ATOM   326  C  CA  . ASN A 1 48  ? 6.782   10.804  -8.516  1.00 85.43  ? 48  ASN A CA  1 
ATOM   327  C  C   . ASN A 1 48  ? 7.346   10.943  -7.093  1.00 88.17  ? 48  ASN A C   1 
ATOM   328  O  O   . ASN A 1 48  ? 8.403   10.378  -6.769  1.00 93.08  ? 48  ASN A O   1 
ATOM   329  C  CB  . ASN A 1 48  ? 5.329   10.312  -8.454  1.00 94.83  ? 48  ASN A CB  1 
ATOM   330  C  CG  . ASN A 1 48  ? 4.376   11.325  -7.806  1.00 96.62  ? 48  ASN A CG  1 
ATOM   331  O  OD1 . ASN A 1 48  ? 4.109   12.382  -8.366  1.00 100.00 ? 48  ASN A OD1 1 
ATOM   332  N  ND2 . ASN A 1 48  ? 3.870   10.999  -6.612  1.00 49.44  ? 48  ASN A ND2 1 
ATOM   333  N  N   . ASN A 1 49  ? 6.613   11.700  -6.261  1.00 73.58  ? 49  ASN A N   1 
ATOM   334  C  CA  . ASN A 1 49  ? 6.949   11.984  -4.858  1.00 68.30  ? 49  ASN A CA  1 
ATOM   335  C  C   . ASN A 1 49  ? 6.497   10.952  -3.798  1.00 57.88  ? 49  ASN A C   1 
ATOM   336  O  O   . ASN A 1 49  ? 7.246   10.665  -2.860  1.00 60.81  ? 49  ASN A O   1 
ATOM   337  C  CB  . ASN A 1 49  ? 6.460   13.378  -4.475  1.00 76.17  ? 49  ASN A CB  1 
ATOM   338  C  CG  . ASN A 1 49  ? 6.770   13.725  -3.040  1.00 100.00 ? 49  ASN A CG  1 
ATOM   339  O  OD1 . ASN A 1 49  ? 7.927   13.637  -2.599  1.00 100.00 ? 49  ASN A OD1 1 
ATOM   340  N  ND2 . ASN A 1 49  ? 5.736   14.112  -2.286  1.00 100.00 ? 49  ASN A ND2 1 
ATOM   341  N  N   . SER A 1 50  ? 5.286   10.404  -3.934  1.00 37.16  ? 50  SER A N   1 
ATOM   342  C  CA  . SER A 1 50  ? 4.799   9.409   -2.974  1.00 26.77  ? 50  SER A CA  1 
ATOM   343  C  C   . SER A 1 50  ? 5.101   8.048   -3.556  1.00 32.92  ? 50  SER A C   1 
ATOM   344  O  O   . SER A 1 50  ? 5.178   7.892   -4.768  1.00 38.32  ? 50  SER A O   1 
ATOM   345  C  CB  . SER A 1 50  ? 3.301   9.528   -2.748  1.00 16.04  ? 50  SER A CB  1 
ATOM   346  O  OG  . SER A 1 50  ? 2.603   9.566   -3.977  1.00 34.99  ? 50  SER A OG  1 
ATOM   347  N  N   . TYR A 1 51  ? 5.288   7.060   -2.695  1.00 33.80  ? 51  TYR A N   1 
ATOM   348  C  CA  . TYR A 1 51  ? 5.581   5.703   -3.149  1.00 32.28  ? 51  TYR A CA  1 
ATOM   349  C  C   . TYR A 1 51  ? 4.719   4.726   -2.404  1.00 34.72  ? 51  TYR A C   1 
ATOM   350  O  O   . TYR A 1 51  ? 3.966   5.119   -1.518  1.00 38.55  ? 51  TYR A O   1 
ATOM   351  C  CB  . TYR A 1 51  ? 7.070   5.359   -2.969  1.00 30.11  ? 51  TYR A CB  1 
ATOM   352  C  CG  . TYR A 1 51  ? 7.696   5.765   -1.659  1.00 29.26  ? 51  TYR A CG  1 
ATOM   353  C  CD1 . TYR A 1 51  ? 8.027   7.084   -1.407  1.00 33.73  ? 51  TYR A CD1 1 
ATOM   354  C  CD2 . TYR A 1 51  ? 8.011   4.821   -0.702  1.00 32.99  ? 51  TYR A CD2 1 
ATOM   355  C  CE1 . TYR A 1 51  ? 8.624   7.462   -0.201  1.00 35.97  ? 51  TYR A CE1 1 
ATOM   356  C  CE2 . TYR A 1 51  ? 8.611   5.183   0.494   1.00 40.67  ? 51  TYR A CE2 1 
ATOM   357  C  CZ  . TYR A 1 51  ? 8.899   6.511   0.747   1.00 50.41  ? 51  TYR A CZ  1 
ATOM   358  O  OH  . TYR A 1 51  ? 9.515   6.846   1.924   1.00 54.68  ? 51  TYR A OH  1 
ATOM   359  N  N   . GLY A 1 52  ? 4.823   3.450   -2.739  1.00 24.42  ? 52  GLY A N   1 
ATOM   360  C  CA  . GLY A 1 52  ? 4.014   2.467   -2.048  1.00 17.68  ? 52  GLY A CA  1 
ATOM   361  C  C   . GLY A 1 52  ? 4.441   1.039   -2.229  1.00 16.57  ? 52  GLY A C   1 
ATOM   362  O  O   . GLY A 1 52  ? 5.394   0.721   -2.943  1.00 19.32  ? 52  GLY A O   1 
ATOM   363  N  N   . ALA A 1 53  ? 3.715   0.167   -1.575  1.00 18.45  ? 53  ALA A N   1 
ATOM   364  C  CA  . ALA A 1 53  ? 4.010   -1.232  -1.668  1.00 16.08  ? 53  ALA A CA  1 
ATOM   365  C  C   . ALA A 1 53  ? 2.697   -1.974  -1.767  1.00 18.43  ? 53  ALA A C   1 
ATOM   366  O  O   . ALA A 1 53  ? 1.634   -1.429  -1.463  1.00 17.72  ? 53  ALA A O   1 
ATOM   367  C  CB  . ALA A 1 53  ? 4.760   -1.661  -0.479  1.00 17.01  ? 53  ALA A CB  1 
ATOM   368  N  N   . THR A 1 54  ? 2.772   -3.216  -2.202  1.00 14.59  ? 54  THR A N   1 
ATOM   369  C  CA  . THR A 1 54  ? 1.603   -4.048  -2.356  1.00 14.46  ? 54  THR A CA  1 
ATOM   370  C  C   . THR A 1 54  ? 1.813   -5.384  -1.700  1.00 20.73  ? 54  THR A C   1 
ATOM   371  O  O   . THR A 1 54  ? 2.895   -5.934  -1.735  1.00 23.38  ? 54  THR A O   1 
ATOM   372  C  CB  . THR A 1 54  ? 1.394   -4.359  -3.824  1.00 16.85  ? 54  THR A CB  1 
ATOM   373  O  OG1 . THR A 1 54  ? 0.518   -3.393  -4.393  1.00 38.16  ? 54  THR A OG1 1 
ATOM   374  C  CG2 . THR A 1 54  ? 0.812   -5.736  -3.990  1.00 21.59  ? 54  THR A CG2 1 
ATOM   375  N  N   . PHE A 1 55  ? 0.776   -5.925  -1.104  1.00 15.85  ? 55  PHE A N   1 
ATOM   376  C  CA  . PHE A 1 55  ? 0.924   -7.216  -0.489  1.00 12.07  ? 55  PHE A CA  1 
ATOM   377  C  C   . PHE A 1 55  ? -0.369  -7.991  -0.508  1.00 22.46  ? 55  PHE A C   1 
ATOM   378  O  O   . PHE A 1 55  ? -1.452  -7.405  -0.476  1.00 27.12  ? 55  PHE A O   1 
ATOM   379  C  CB  . PHE A 1 55  ? 1.556   -7.138  0.881   1.00 12.69  ? 55  PHE A CB  1 
ATOM   380  C  CG  . PHE A 1 55  ? 0.731   -6.431  1.880   1.00 13.38  ? 55  PHE A CG  1 
ATOM   381  C  CD1 . PHE A 1 55  ? -0.304  -7.086  2.523   1.00 15.43  ? 55  PHE A CD1 1 
ATOM   382  C  CD2 . PHE A 1 55  ? 0.992   -5.113  2.189   1.00 16.03  ? 55  PHE A CD2 1 
ATOM   383  C  CE1 . PHE A 1 55  ? -1.058  -6.442  3.442   1.00 17.28  ? 55  PHE A CE1 1 
ATOM   384  C  CE2 . PHE A 1 55  ? 0.239   -4.454  3.113   1.00 19.19  ? 55  PHE A CE2 1 
ATOM   385  C  CZ  . PHE A 1 55  ? -0.793  -5.111  3.743   1.00 19.73  ? 55  PHE A CZ  1 
ATOM   386  N  N   . SER A 1 56  ? -0.250  -9.314  -0.570  1.00 17.88  ? 56  SER A N   1 
ATOM   387  C  CA  . SER A 1 56  ? -1.406  -10.211 -0.605  1.00 16.72  ? 56  SER A CA  1 
ATOM   388  C  C   . SER A 1 56  ? -2.343  -9.994  0.581   1.00 20.76  ? 56  SER A C   1 
ATOM   389  O  O   . SER A 1 56  ? -1.894  -9.860  1.716   1.00 23.30  ? 56  SER A O   1 
ATOM   390  C  CB  . SER A 1 56  ? -0.933  -11.674 -0.657  1.00 17.82  ? 56  SER A CB  1 
ATOM   391  O  OG  . SER A 1 56  ? -2.012  -12.586 -0.715  1.00 19.08  ? 56  SER A OG  1 
ATOM   392  N  N   . PHE A 1 57  ? -3.644  -9.943  0.320   1.00 19.04  ? 57  PHE A N   1 
ATOM   393  C  CA  . PHE A 1 57  ? -4.583  -9.741  1.413   1.00 20.73  ? 57  PHE A CA  1 
ATOM   394  C  C   . PHE A 1 57  ? -4.853  -11.031 2.146   1.00 21.88  ? 57  PHE A C   1 
ATOM   395  O  O   . PHE A 1 57  ? -5.350  -11.985 1.567   1.00 22.05  ? 57  PHE A O   1 
ATOM   396  C  CB  . PHE A 1 57  ? -5.915  -9.181  0.951   1.00 24.59  ? 57  PHE A CB  1 
ATOM   397  C  CG  . PHE A 1 57  ? -6.903  -9.018  2.076   1.00 25.66  ? 57  PHE A CG  1 
ATOM   398  C  CD1 . PHE A 1 57  ? -6.860  -7.900  2.901   1.00 31.02  ? 57  PHE A CD1 1 
ATOM   399  C  CD2 . PHE A 1 57  ? -7.856  -9.983  2.325   1.00 28.70  ? 57  PHE A CD2 1 
ATOM   400  C  CE1 . PHE A 1 57  ? -7.764  -7.747  3.954   1.00 32.21  ? 57  PHE A CE1 1 
ATOM   401  C  CE2 . PHE A 1 57  ? -8.760  -9.839  3.369   1.00 32.83  ? 57  PHE A CE2 1 
ATOM   402  C  CZ  . PHE A 1 57  ? -8.708  -8.712  4.190   1.00 31.91  ? 57  PHE A CZ  1 
ATOM   403  N  N   . GLN A 1 58  ? -4.533  -11.050 3.427   1.00 15.91  ? 58  GLN A N   1 
ATOM   404  C  CA  . GLN A 1 58  ? -4.743  -12.223 4.248   1.00 13.35  ? 58  GLN A CA  1 
ATOM   405  C  C   . GLN A 1 58  ? -5.037  -11.770 5.660   1.00 23.44  ? 58  GLN A C   1 
ATOM   406  O  O   . GLN A 1 58  ? -4.721  -10.644 6.040   1.00 28.23  ? 58  GLN A O   1 
ATOM   407  C  CB  . GLN A 1 58  ? -3.486  -13.089 4.249   1.00 16.99  ? 58  GLN A CB  1 
ATOM   408  C  CG  . GLN A 1 58  ? -2.991  -13.483 2.870   1.00 18.88  ? 58  GLN A CG  1 
ATOM   409  C  CD  . GLN A 1 58  ? -3.769  -14.637 2.296   1.00 34.54  ? 58  GLN A CD  1 
ATOM   410  O  OE1 . GLN A 1 58  ? -4.510  -15.309 3.010   1.00 55.88  ? 58  GLN A OE1 1 
ATOM   411  N  NE2 . GLN A 1 58  ? -3.603  -14.887 0.999   1.00 20.24  ? 58  GLN A NE2 1 
ATOM   412  N  N   . PRO A 1 59  ? -5.641  -12.644 6.446   1.00 22.63  ? 59  PRO A N   1 
ATOM   413  C  CA  . PRO A 1 59  ? -5.955  -12.312 7.822   1.00 21.86  ? 59  PRO A CA  1 
ATOM   414  C  C   . PRO A 1 59  ? -4.700  -12.681 8.614   1.00 25.17  ? 59  PRO A C   1 
ATOM   415  O  O   . PRO A 1 59  ? -4.665  -13.694 9.319   1.00 26.62  ? 59  PRO A O   1 
ATOM   416  C  CB  . PRO A 1 59  ? -7.080  -13.277 8.146   1.00 20.23  ? 59  PRO A CB  1 
ATOM   417  C  CG  . PRO A 1 59  ? -6.738  -14.468 7.382   1.00 23.05  ? 59  PRO A CG  1 
ATOM   418  C  CD  . PRO A 1 59  ? -6.117  -13.986 6.093   1.00 19.31  ? 59  PRO A CD  1 
ATOM   419  N  N   . TYR A 1 60  ? -3.667  -11.854 8.473   1.00 21.36  ? 60  TYR A N   1 
ATOM   420  C  CA  . TYR A 1 60  ? -2.388  -12.071 9.149   1.00 18.63  ? 60  TYR A CA  1 
ATOM   421  C  C   . TYR A 1 60  ? -2.564  -12.002 10.637  1.00 24.29  ? 60  TYR A C   1 
ATOM   422  O  O   . TYR A 1 60  ? -3.385  -11.242 11.137  1.00 31.38  ? 60  TYR A O   1 
ATOM   423  C  CB  . TYR A 1 60  ? -1.368  -11.018 8.711   1.00 18.08  ? 60  TYR A CB  1 
ATOM   424  C  CG  . TYR A 1 60  ? -1.025  -11.052 7.232   1.00 20.85  ? 60  TYR A CG  1 
ATOM   425  C  CD1 . TYR A 1 60  ? -0.069  -11.914 6.743   1.00 18.03  ? 60  TYR A CD1 1 
ATOM   426  C  CD2 . TYR A 1 60  ? -1.658  -10.191 6.328   1.00 27.00  ? 60  TYR A CD2 1 
ATOM   427  C  CE1 . TYR A 1 60  ? 0.249   -11.950 5.383   1.00 17.76  ? 60  TYR A CE1 1 
ATOM   428  C  CE2 . TYR A 1 60  ? -1.348  -10.216 4.963   1.00 23.53  ? 60  TYR A CE2 1 
ATOM   429  C  CZ  . TYR A 1 60  ? -0.397  -11.103 4.502   1.00 19.54  ? 60  TYR A CZ  1 
ATOM   430  O  OH  . TYR A 1 60  ? -0.076  -11.131 3.174   1.00 17.03  ? 60  TYR A OH  1 
ATOM   431  N  N   . THR A 1 61  ? -1.788  -12.803 11.348  1.00 17.09  ? 61  THR A N   1 
ATOM   432  C  CA  . THR A 1 61  ? -1.838  -12.831 12.793  1.00 16.01  ? 61  THR A CA  1 
ATOM   433  C  C   . THR A 1 61  ? -0.548  -12.229 13.329  1.00 28.09  ? 61  THR A C   1 
ATOM   434  O  O   . THR A 1 61  ? -0.338  -12.171 14.531  1.00 34.59  ? 61  THR A O   1 
ATOM   435  C  CB  . THR A 1 61  ? -1.967  -14.238 13.314  1.00 26.18  ? 61  THR A CB  1 
ATOM   436  O  OG1 . THR A 1 61  ? -0.718  -14.922 13.139  1.00 43.06  ? 61  THR A OG1 1 
ATOM   437  C  CG2 . THR A 1 61  ? -3.034  -14.960 12.566  1.00 30.13  ? 61  THR A CG2 1 
ATOM   438  N  N   . SER A 1 62  ? 0.321   -11.769 12.433  1.00 23.10  ? 62  SER A N   1 
ATOM   439  C  CA  . SER A 1 62  ? 1.575   -11.172 12.865  1.00 20.16  ? 62  SER A CA  1 
ATOM   440  C  C   . SER A 1 62  ? 2.399   -10.696 11.705  1.00 26.76  ? 62  SER A C   1 
ATOM   441  O  O   . SER A 1 62  ? 2.352   -11.283 10.619  1.00 23.30  ? 62  SER A O   1 
ATOM   442  C  CB  . SER A 1 62  ? 2.392   -12.170 13.658  1.00 25.25  ? 62  SER A CB  1 
ATOM   443  O  OG  . SER A 1 62  ? 3.076   -13.043 12.780  1.00 38.38  ? 62  SER A OG  1 
ATOM   444  N  N   . ILE A 1 63  ? 3.159   -9.625  11.950  1.00 29.12  ? 63  ILE A N   1 
ATOM   445  C  CA  . ILE A 1 63  ? 4.033   -9.036  10.934  1.00 26.32  ? 63  ILE A CA  1 
ATOM   446  C  C   . ILE A 1 63  ? 5.251   -9.884  10.986  1.00 45.14  ? 63  ILE A C   1 
ATOM   447  O  O   . ILE A 1 63  ? 5.946   -9.891  11.996  1.00 66.53  ? 63  ILE A O   1 
ATOM   448  C  CB  . ILE A 1 63  ? 4.552   -7.671  11.330  1.00 27.08  ? 63  ILE A CB  1 
ATOM   449  C  CG1 . ILE A 1 63  ? 3.434   -6.791  11.835  1.00 30.97  ? 63  ILE A CG1 1 
ATOM   450  C  CG2 . ILE A 1 63  ? 5.190   -7.017  10.160  1.00 29.43  ? 63  ILE A CG2 1 
ATOM   451  C  CD1 . ILE A 1 63  ? 3.261   -5.546  11.002  1.00 64.65  ? 63  ILE A CD1 1 
ATOM   452  N  N   . ASP A 1 64  ? 5.509   -10.594 9.909   1.00 32.33  ? 64  ASP A N   1 
ATOM   453  C  CA  . ASP A 1 64  ? 6.666   -11.499 9.766   1.00 35.32  ? 64  ASP A CA  1 
ATOM   454  C  C   . ASP A 1 64  ? 6.093   -12.479 8.789   1.00 38.34  ? 64  ASP A C   1 
ATOM   455  O  O   . ASP A 1 64  ? 6.793   -13.097 7.972   1.00 44.64  ? 64  ASP A O   1 
ATOM   456  C  CB  . ASP A 1 64  ? 7.091   -12.208 11.087  1.00 40.00  ? 64  ASP A CB  1 
ATOM   457  C  CG  . ASP A 1 64  ? 5.916   -12.830 11.847  1.00 90.78  ? 64  ASP A CG  1 
ATOM   458  O  OD1 . ASP A 1 64  ? 5.240   -13.710 11.279  1.00 100.00 ? 64  ASP A OD1 1 
ATOM   459  O  OD2 . ASP A 1 64  ? 5.686   -12.436 13.019  1.00 100.00 ? 64  ASP A OD2 1 
ATOM   460  N  N   . GLU A 1 65  ? 4.775   -12.588 8.871   1.00 24.14  ? 65  GLU A N   1 
ATOM   461  C  CA  . GLU A 1 65  ? 4.027   -13.448 8.011   1.00 25.91  ? 65  GLU A CA  1 
ATOM   462  C  C   . GLU A 1 65  ? 4.013   -12.682 6.694   1.00 34.11  ? 65  GLU A C   1 
ATOM   463  O  O   . GLU A 1 65  ? 3.971   -13.276 5.618   1.00 43.06  ? 65  GLU A O   1 
ATOM   464  C  CB  . GLU A 1 65  ? 2.588   -13.592 8.538   1.00 27.73  ? 65  GLU A CB  1 
ATOM   465  C  CG  . GLU A 1 65  ? 2.296   -14.897 9.301   1.00 30.60  ? 65  GLU A CG  1 
ATOM   466  C  CD  . GLU A 1 65  ? 0.885   -14.948 9.882   1.00 63.39  ? 65  GLU A CD  1 
ATOM   467  O  OE1 . GLU A 1 65  ? 0.238   -13.880 9.962   1.00 73.05  ? 65  GLU A OE1 1 
ATOM   468  O  OE2 . GLU A 1 65  ? 0.427   -16.053 10.258  1.00 84.49  ? 65  GLU A OE2 1 
ATOM   469  N  N   . MET A 1 66  ? 4.055   -11.348 6.792   1.00 25.02  ? 66  MET A N   1 
ATOM   470  C  CA  . MET A 1 66  ? 4.030   -10.470 5.626   1.00 17.90  ? 66  MET A CA  1 
ATOM   471  C  C   . MET A 1 66  ? 5.298   -10.290 4.854   1.00 25.97  ? 66  MET A C   1 
ATOM   472  O  O   . MET A 1 66  ? 6.389   -10.364 5.397   1.00 35.02  ? 66  MET A O   1 
ATOM   473  C  CB  . MET A 1 66  ? 3.470   -9.109  5.983   1.00 16.84  ? 66  MET A CB  1 
ATOM   474  C  CG  . MET A 1 66  ? 2.374   -9.161  7.012   1.00 19.89  ? 66  MET A CG  1 
ATOM   475  S  SD  . MET A 1 66  ? 1.682   -7.544  7.322   1.00 28.87  ? 66  MET A SD  1 
ATOM   476  C  CE  . MET A 1 66  ? 1.317   -6.947  5.614   1.00 23.74  ? 66  MET A CE  1 
ATOM   477  N  N   . THR A 1 67  ? 5.118   -10.050 3.566   1.00 19.77  ? 67  THR A N   1 
ATOM   478  C  CA  . THR A 1 67  ? 6.219   -9.821  2.647   1.00 20.66  ? 67  THR A CA  1 
ATOM   479  C  C   . THR A 1 67  ? 5.596   -9.056  1.488   1.00 21.38  ? 67  THR A C   1 
ATOM   480  O  O   . THR A 1 67  ? 4.561   -9.442  0.976   1.00 25.81  ? 67  THR A O   1 
ATOM   481  C  CB  . THR A 1 67  ? 6.911   -11.123 2.171   1.00 30.63  ? 67  THR A CB  1 
ATOM   482  O  OG1 . THR A 1 67  ? 7.146   -11.066 0.760   1.00 23.94  ? 67  THR A OG1 1 
ATOM   483  C  CG2 . THR A 1 67  ? 6.087   -12.321 2.497   1.00 34.41  ? 67  THR A CG2 1 
ATOM   484  N  N   . TYR A 1 68  ? 6.222   -7.961  1.099   1.00 16.06  ? 68  TYR A N   1 
ATOM   485  C  CA  . TYR A 1 68  ? 5.719   -7.142  0.013   1.00 14.47  ? 68  TYR A CA  1 
ATOM   486  C  C   . TYR A 1 68  ? 5.897   -7.865  -1.325  1.00 20.80  ? 68  TYR A C   1 
ATOM   487  O  O   . TYR A 1 68  ? 6.776   -8.720  -1.466  1.00 26.30  ? 68  TYR A O   1 
ATOM   488  C  CB  . TYR A 1 68  ? 6.466   -5.809  -0.010  1.00 14.81  ? 68  TYR A CB  1 
ATOM   489  C  CG  . TYR A 1 68  ? 6.148   -4.846  1.144   1.00 19.98  ? 68  TYR A CG  1 
ATOM   490  C  CD1 . TYR A 1 68  ? 4.847   -4.491  1.460   1.00 18.40  ? 68  TYR A CD1 1 
ATOM   491  C  CD2 . TYR A 1 68  ? 7.175   -4.284  1.896   1.00 23.26  ? 68  TYR A CD2 1 
ATOM   492  C  CE1 . TYR A 1 68  ? 4.571   -3.604  2.500   1.00 17.28  ? 68  TYR A CE1 1 
ATOM   493  C  CE2 . TYR A 1 68  ? 6.914   -3.401  2.931   1.00 19.35  ? 68  TYR A CE2 1 
ATOM   494  C  CZ  . TYR A 1 68  ? 5.620   -3.066  3.226   1.00 24.31  ? 68  TYR A CZ  1 
ATOM   495  O  OH  . TYR A 1 68  ? 5.384   -2.185  4.254   1.00 17.86  ? 68  TYR A OH  1 
ATOM   496  N  N   . ARG A 1 69  ? 5.056   -7.513  -2.300  1.00 10.25  ? 69  ARG A N   1 
ATOM   497  C  CA  . ARG A 1 69  ? 5.077   -8.107  -3.640  1.00 5.83   ? 69  ARG A CA  1 
ATOM   498  C  C   . ARG A 1 69  ? 5.699   -7.198  -4.703  1.00 10.06  ? 69  ARG A C   1 
ATOM   499  O  O   . ARG A 1 69  ? 6.523   -7.640  -5.486  1.00 15.67  ? 69  ARG A O   1 
ATOM   500  C  CB  . ARG A 1 69  ? 3.664   -8.515  -4.034  1.00 6.36   ? 69  ARG A CB  1 
ATOM   501  C  CG  . ARG A 1 69  ? 3.472   -8.993  -5.487  1.00 18.28  ? 69  ARG A CG  1 
ATOM   502  C  CD  . ARG A 1 69  ? 2.029   -9.489  -5.675  1.00 1.00   ? 69  ARG A CD  1 
ATOM   503  N  NE  . ARG A 1 69  ? 1.925   -10.920 -5.367  1.00 36.97  ? 69  ARG A NE  1 
ATOM   504  C  CZ  . ARG A 1 69  ? 0.917   -11.475 -4.706  1.00 17.19  ? 69  ARG A CZ  1 
ATOM   505  N  NH1 . ARG A 1 69  ? -0.077  -10.731 -4.291  1.00 13.94  ? 69  ARG A NH1 1 
ATOM   506  N  NH2 . ARG A 1 69  ? 0.902   -12.774 -4.472  1.00 43.47  ? 69  ARG A NH2 1 
ATOM   507  N  N   . HIS A 1 70  ? 5.296   -5.929  -4.725  1.00 11.93  ? 70  HIS A N   1 
ATOM   508  C  CA  . HIS A 1 70  ? 5.815   -4.934  -5.681  1.00 10.26  ? 70  HIS A CA  1 
ATOM   509  C  C   . HIS A 1 70  ? 5.923   -3.536  -4.993  1.00 12.84  ? 70  HIS A C   1 
ATOM   510  O  O   . HIS A 1 70  ? 5.135   -3.218  -4.099  1.00 11.56  ? 70  HIS A O   1 
ATOM   511  C  CB  . HIS A 1 70  ? 4.821   -4.740  -6.863  1.00 9.32   ? 70  HIS A CB  1 
ATOM   512  C  CG  . HIS A 1 70  ? 4.571   -5.960  -7.692  1.00 13.18  ? 70  HIS A CG  1 
ATOM   513  N  ND1 . HIS A 1 70  ? 3.302   -6.322  -8.096  1.00 15.95  ? 70  HIS A ND1 1 
ATOM   514  C  CD2 . HIS A 1 70  ? 5.409   -6.884  -8.219  1.00 13.96  ? 70  HIS A CD2 1 
ATOM   515  C  CE1 . HIS A 1 70  ? 3.369   -7.424  -8.818  1.00 12.35  ? 70  HIS A CE1 1 
ATOM   516  N  NE2 . HIS A 1 70  ? 4.632   -7.784  -8.910  1.00 11.12  ? 70  HIS A NE2 1 
ATOM   517  N  N   . ILE A 1 71  ? 6.875   -2.708  -5.421  1.00 10.73  ? 71  ILE A N   1 
ATOM   518  C  CA  . ILE A 1 71  ? 7.020   -1.358  -4.861  1.00 12.12  ? 71  ILE A CA  1 
ATOM   519  C  C   . ILE A 1 71  ? 6.633   -0.522  -6.067  1.00 18.46  ? 71  ILE A C   1 
ATOM   520  O  O   . ILE A 1 71  ? 7.053   -0.824  -7.184  1.00 19.58  ? 71  ILE A O   1 
ATOM   521  C  CB  . ILE A 1 71  ? 8.458   -1.031  -4.478  1.00 19.32  ? 71  ILE A CB  1 
ATOM   522  C  CG1 . ILE A 1 71  ? 9.083   -2.216  -3.747  1.00 22.05  ? 71  ILE A CG1 1 
ATOM   523  C  CG2 . ILE A 1 71  ? 8.493   0.162   -3.547  1.00 21.10  ? 71  ILE A CG2 1 
ATOM   524  C  CD1 . ILE A 1 71  ? 8.160   -2.839  -2.784  1.00 24.81  ? 71  ILE A CD1 1 
ATOM   525  N  N   . PHE A 1 72  ? 5.831   0.516   -5.882  1.00 15.35  ? 72  PHE A N   1 
ATOM   526  C  CA  . PHE A 1 72  ? 5.429   1.325   -7.037  1.00 18.15  ? 72  PHE A CA  1 
ATOM   527  C  C   . PHE A 1 72  ? 5.429   2.816   -6.715  1.00 21.96  ? 72  PHE A C   1 
ATOM   528  O  O   . PHE A 1 72  ? 5.651   3.216   -5.582  1.00 22.63  ? 72  PHE A O   1 
ATOM   529  C  CB  . PHE A 1 72  ? 3.993   0.959   -7.380  1.00 20.30  ? 72  PHE A CB  1 
ATOM   530  C  CG  . PHE A 1 72  ? 3.032   1.355   -6.308  1.00 21.02  ? 72  PHE A CG  1 
ATOM   531  C  CD1 . PHE A 1 72  ? 2.859   0.568   -5.196  1.00 26.25  ? 72  PHE A CD1 1 
ATOM   532  C  CD2 . PHE A 1 72  ? 2.330   2.533   -6.392  1.00 25.90  ? 72  PHE A CD2 1 
ATOM   533  C  CE1 . PHE A 1 72  ? 1.975   0.942   -4.186  1.00 28.41  ? 72  PHE A CE1 1 
ATOM   534  C  CE2 . PHE A 1 72  ? 1.448   2.909   -5.388  1.00 24.02  ? 72  PHE A CE2 1 
ATOM   535  C  CZ  . PHE A 1 72  ? 1.274   2.110   -4.289  1.00 23.19  ? 72  PHE A CZ  1 
ATOM   536  N  N   . THR A 1 73  ? 5.155   3.626   -7.732  1.00 20.21  ? 73  THR A N   1 
ATOM   537  C  CA  . THR A 1 73  ? 5.093   5.087   -7.580  1.00 21.14  ? 73  THR A CA  1 
ATOM   538  C  C   . THR A 1 73  ? 4.145   5.649   -8.606  1.00 23.71  ? 73  THR A C   1 
ATOM   539  O  O   . THR A 1 73  ? 4.176   5.247   -9.764  1.00 24.34  ? 73  THR A O   1 
ATOM   540  C  CB  . THR A 1 73  ? 6.419   5.743   -7.820  1.00 31.48  ? 73  THR A CB  1 
ATOM   541  O  OG1 . THR A 1 73  ? 7.434   5.040   -7.106  1.00 66.17  ? 73  THR A OG1 1 
ATOM   542  C  CG2 . THR A 1 73  ? 6.364   7.163   -7.334  1.00 10.71  ? 73  THR A CG2 1 
ATOM   543  N  N   . PRO A 1 74  ? 3.303   6.584   -8.197  1.00 21.26  ? 74  PRO A N   1 
ATOM   544  C  CA  . PRO A 1 74  ? 2.358   7.165   -9.133  1.00 21.04  ? 74  PRO A CA  1 
ATOM   545  C  C   . PRO A 1 74  ? 3.135   7.904   -10.219 1.00 37.62  ? 74  PRO A C   1 
ATOM   546  O  O   . PRO A 1 74  ? 4.264   8.302   -10.003 1.00 38.26  ? 74  PRO A O   1 
ATOM   547  C  CB  . PRO A 1 74  ? 1.571   8.131   -8.263  1.00 17.26  ? 74  PRO A CB  1 
ATOM   548  C  CG  . PRO A 1 74  ? 1.628   7.521   -6.902  1.00 17.15  ? 74  PRO A CG  1 
ATOM   549  C  CD  . PRO A 1 74  ? 3.004   6.979   -6.809  1.00 18.39  ? 74  PRO A CD  1 
ATOM   550  N  N   . VAL A 1 75  ? 2.527   8.069   -11.389 1.00 39.37  ? 75  VAL A N   1 
ATOM   551  C  CA  . VAL A 1 75  ? 3.168   8.762   -12.500 1.00 42.12  ? 75  VAL A CA  1 
ATOM   552  C  C   . VAL A 1 75  ? 2.396   10.032  -12.873 1.00 68.65  ? 75  VAL A C   1 
ATOM   553  O  O   . VAL A 1 75  ? 1.446   10.426  -12.182 1.00 69.60  ? 75  VAL A O   1 
ATOM   554  C  CB  . VAL A 1 75  ? 3.319   7.847   -13.730 1.00 42.01  ? 75  VAL A CB  1 
ATOM   555  C  CG1 . VAL A 1 75  ? 3.474   6.424   -13.294 1.00 43.64  ? 75  VAL A CG1 1 
ATOM   556  C  CG2 . VAL A 1 75  ? 2.123   7.980   -14.645 1.00 39.30  ? 75  VAL A CG2 1 
ATOM   557  N  N   . LEU A 1 76  ? 2.814   10.671  -13.967 1.00 75.49  ? 76  LEU A N   1 
ATOM   558  C  CA  . LEU A 1 76  ? 2.183   11.904  -14.441 1.00 96.26  ? 76  LEU A CA  1 
ATOM   559  C  C   . LEU A 1 76  ? 2.032   11.947  -15.977 1.00 100.00 ? 76  LEU A C   1 
ATOM   560  O  O   . LEU A 1 76  ? 1.720   12.995  -16.564 1.00 100.00 ? 76  LEU A O   1 
ATOM   561  C  CB  . LEU A 1 76  ? 2.995   13.103  -13.957 1.00 95.13  ? 76  LEU A CB  1 
ATOM   562  C  CG  . LEU A 1 76  ? 4.509   12.860  -13.872 1.00 100.00 ? 76  LEU A CG  1 
ATOM   563  C  CD1 . LEU A 1 76  ? 4.894   12.002  -12.672 1.00 100.00 ? 76  LEU A CD1 1 
ATOM   564  C  CD2 . LEU A 1 76  ? 5.056   12.253  -15.172 1.00 100.00 ? 76  LEU A CD2 1 
ATOM   565  N  N   . ILE A 1 81  ? 7.827   9.521   -19.680 1.00 100.00 ? 81  ILE A N   1 
ATOM   566  C  CA  . ILE A 1 81  ? 6.992   8.323   -19.553 1.00 99.28  ? 81  ILE A CA  1 
ATOM   567  C  C   . ILE A 1 81  ? 7.604   7.116   -20.285 1.00 98.95  ? 81  ILE A C   1 
ATOM   568  O  O   . ILE A 1 81  ? 7.377   5.967   -19.905 1.00 91.99  ? 81  ILE A O   1 
ATOM   569  C  CB  . ILE A 1 81  ? 5.535   8.574   -20.057 1.00 100.00 ? 81  ILE A CB  1 
ATOM   570  C  CG1 . ILE A 1 81  ? 4.924   9.824   -19.372 1.00 100.00 ? 81  ILE A CG1 1 
ATOM   571  C  CG2 . ILE A 1 81  ? 4.660   7.323   -19.808 1.00 99.45  ? 81  ILE A CG2 1 
ATOM   572  C  CD1 . ILE A 1 81  ? 4.962   11.120  -20.201 1.00 79.04  ? 81  ILE A CD1 1 
ATOM   573  N  N   . SER A 1 82  ? 8.377   7.399   -21.333 1.00 98.05  ? 82  SER A N   1 
ATOM   574  C  CA  . SER A 1 82  ? 9.031   6.355   -22.120 1.00 97.35  ? 82  SER A CA  1 
ATOM   575  C  C   . SER A 1 82  ? 10.466  6.237   -21.659 1.00 97.03  ? 82  SER A C   1 
ATOM   576  O  O   . SER A 1 82  ? 10.859  6.865   -20.666 1.00 96.49  ? 82  SER A O   1 
ATOM   577  C  CB  . SER A 1 82  ? 8.992   6.676   -23.623 1.00 100.00 ? 82  SER A CB  1 
ATOM   578  O  OG  . SER A 1 82  ? 8.734   8.049   -23.857 1.00 100.00 ? 82  SER A OG  1 
ATOM   579  N  N   . SER A 1 83  ? 11.254  5.444   -22.377 1.00 87.67  ? 83  SER A N   1 
ATOM   580  C  CA  . SER A 1 83  ? 12.640  5.268   -22.007 1.00 85.66  ? 83  SER A CA  1 
ATOM   581  C  C   . SER A 1 83  ? 12.692  4.558   -20.650 1.00 82.02  ? 83  SER A C   1 
ATOM   582  O  O   . SER A 1 83  ? 13.486  4.916   -19.775 1.00 83.26  ? 83  SER A O   1 
ATOM   583  C  CB  . SER A 1 83  ? 13.331  6.639   -21.921 1.00 94.31  ? 83  SER A CB  1 
ATOM   584  O  OG  . SER A 1 83  ? 14.712  6.521   -21.620 1.00 100.00 ? 83  SER A OG  1 
ATOM   585  N  N   . ILE A 1 84  ? 11.832  3.554   -20.480 1.00 68.81  ? 84  ILE A N   1 
ATOM   586  C  CA  . ILE A 1 84  ? 11.777  2.781   -19.238 1.00 61.04  ? 84  ILE A CA  1 
ATOM   587  C  C   . ILE A 1 84  ? 12.275  1.390   -19.560 1.00 52.56  ? 84  ILE A C   1 
ATOM   588  O  O   . ILE A 1 84  ? 11.922  0.816   -20.592 1.00 56.85  ? 84  ILE A O   1 
ATOM   589  C  CB  . ILE A 1 84  ? 10.347  2.679   -18.649 1.00 64.79  ? 84  ILE A CB  1 
ATOM   590  C  CG1 . ILE A 1 84  ? 9.759   1.290   -18.896 1.00 65.99  ? 84  ILE A CG1 1 
ATOM   591  C  CG2 . ILE A 1 84  ? 9.440   3.744   -19.233 1.00 69.62  ? 84  ILE A CG2 1 
ATOM   592  C  CD1 . ILE A 1 84  ? 9.218   0.633   -17.654 1.00 80.14  ? 84  ILE A CD1 1 
ATOM   593  N  N   . THR A 1 85  ? 13.104  0.849   -18.685 1.00 35.29  ? 85  THR A N   1 
ATOM   594  C  CA  . THR A 1 85  ? 13.646  -0.472  -18.889 1.00 30.35  ? 85  THR A CA  1 
ATOM   595  C  C   . THR A 1 85  ? 12.601  -1.446  -18.462 1.00 34.27  ? 85  THR A C   1 
ATOM   596  O  O   . THR A 1 85  ? 11.573  -1.062  -17.907 1.00 40.82  ? 85  THR A O   1 
ATOM   597  C  CB  . THR A 1 85  ? 14.784  -0.697  -17.918 1.00 33.25  ? 85  THR A CB  1 
ATOM   598  O  OG1 . THR A 1 85  ? 14.367  -0.293  -16.604 1.00 31.45  ? 85  THR A OG1 1 
ATOM   599  C  CG2 . THR A 1 85  ? 15.980  0.099   -18.334 1.00 43.22  ? 85  THR A CG2 1 
ATOM   600  N  N   . PRO A 1 86  ? 12.862  -2.735  -18.664 1.00 20.67  ? 86  PRO A N   1 
ATOM   601  C  CA  . PRO A 1 86  ? 11.909  -3.748  -18.229 1.00 21.94  ? 86  PRO A CA  1 
ATOM   602  C  C   . PRO A 1 86  ? 12.257  -3.774  -16.760 1.00 31.40  ? 86  PRO A C   1 
ATOM   603  O  O   . PRO A 1 86  ? 12.812  -2.808  -16.243 1.00 38.16  ? 86  PRO A O   1 
ATOM   604  C  CB  . PRO A 1 86  ? 12.412  -5.028  -18.876 1.00 22.88  ? 86  PRO A CB  1 
ATOM   605  C  CG  . PRO A 1 86  ? 13.375  -4.586  -19.909 1.00 27.17  ? 86  PRO A CG  1 
ATOM   606  C  CD  . PRO A 1 86  ? 13.960  -3.322  -19.428 1.00 20.68  ? 86  PRO A CD  1 
ATOM   607  N  N   . ASP A 1 87  ? 11.959  -4.844  -16.060 1.00 21.98  ? 87  ASP A N   1 
ATOM   608  C  CA  . ASP A 1 87  ? 12.302  -4.852  -14.626 1.00 27.84  ? 87  ASP A CA  1 
ATOM   609  C  C   . ASP A 1 87  ? 11.577  -3.732  -13.864 1.00 27.54  ? 87  ASP A C   1 
ATOM   610  O  O   . ASP A 1 87  ? 11.717  -3.584  -12.664 1.00 37.47  ? 87  ASP A O   1 
ATOM   611  C  CB  . ASP A 1 87  ? 13.848  -4.894  -14.365 1.00 30.25  ? 87  ASP A CB  1 
ATOM   612  C  CG  . ASP A 1 87  ? 14.500  -3.512  -14.292 1.00 53.39  ? 87  ASP A CG  1 
ATOM   613  O  OD1 . ASP A 1 87  ? 14.231  -2.755  -13.343 1.00 67.47  ? 87  ASP A OD1 1 
ATOM   614  O  OD2 . ASP A 1 87  ? 15.269  -3.182  -15.215 1.00 70.01  ? 87  ASP A OD2 1 
ATOM   615  N  N   . MET A 1 88  ? 10.788  -2.977  -14.606 1.00 17.01  ? 88  MET A N   1 
ATOM   616  C  CA  . MET A 1 88  ? 10.000  -1.880  -14.132 1.00 18.12  ? 88  MET A CA  1 
ATOM   617  C  C   . MET A 1 88  ? 8.780   -2.046  -14.991 1.00 20.11  ? 88  MET A C   1 
ATOM   618  O  O   . MET A 1 88  ? 8.897   -2.213  -16.206 1.00 21.67  ? 88  MET A O   1 
ATOM   619  C  CB  . MET A 1 88  ? 10.687  -0.590  -14.493 1.00 23.00  ? 88  MET A CB  1 
ATOM   620  C  CG  . MET A 1 88  ? 11.879  -0.326  -13.635 1.00 33.91  ? 88  MET A CG  1 
ATOM   621  S  SD  . MET A 1 88  ? 11.420  0.604   -12.171 1.00 44.14  ? 88  MET A SD  1 
ATOM   622  C  CE  . MET A 1 88  ? 12.819  0.142   -11.045 1.00 44.89  ? 88  MET A CE  1 
ATOM   623  N  N   . GLU A 1 89  ? 7.612   -2.014  -14.378 1.00 8.83   ? 89  GLU A N   1 
ATOM   624  C  CA  . GLU A 1 89  ? 6.393   -2.187  -15.133 1.00 8.06   ? 89  GLU A CA  1 
ATOM   625  C  C   . GLU A 1 89  ? 5.468   -1.020  -15.066 1.00 13.50  ? 89  GLU A C   1 
ATOM   626  O  O   . GLU A 1 89  ? 5.380   -0.347  -14.038 1.00 20.43  ? 89  GLU A O   1 
ATOM   627  C  CB  . GLU A 1 89  ? 5.660   -3.434  -14.631 1.00 8.38   ? 89  GLU A CB  1 
ATOM   628  C  CG  . GLU A 1 89  ? 4.226   -3.604  -15.136 1.00 25.34  ? 89  GLU A CG  1 
ATOM   629  C  CD  . GLU A 1 89  ? 3.513   -4.813  -14.511 1.00 37.51  ? 89  GLU A CD  1 
ATOM   630  O  OE1 . GLU A 1 89  ? 3.945   -5.263  -13.423 1.00 18.07  ? 89  GLU A OE1 1 
ATOM   631  O  OE2 . GLU A 1 89  ? 2.545   -5.320  -15.123 1.00 34.52  ? 89  GLU A OE2 1 
ATOM   632  N  N   . ILE A 1 90  ? 4.762   -0.785  -16.165 1.00 11.66  ? 90  ILE A N   1 
ATOM   633  C  CA  . ILE A 1 90  ? 3.797   0.307   -16.219 1.00 14.07  ? 90  ILE A CA  1 
ATOM   634  C  C   . ILE A 1 90  ? 2.426   -0.318  -16.076 1.00 16.53  ? 90  ILE A C   1 
ATOM   635  O  O   . ILE A 1 90  ? 2.080   -1.200  -16.846 1.00 23.08  ? 90  ILE A O   1 
ATOM   636  C  CB  . ILE A 1 90  ? 3.769   0.982   -17.587 1.00 20.61  ? 90  ILE A CB  1 
ATOM   637  C  CG1 . ILE A 1 90  ? 5.149   1.068   -18.181 1.00 20.98  ? 90  ILE A CG1 1 
ATOM   638  C  CG2 . ILE A 1 90  ? 3.131   2.361   -17.493 1.00 29.61  ? 90  ILE A CG2 1 
ATOM   639  C  CD1 . ILE A 1 90  ? 5.106   1.524   -19.615 1.00 35.00  ? 90  ILE A CD1 1 
ATOM   640  N  N   . THR A 1 91  ? 1.651   0.132   -15.100 1.00 11.97  ? 91  THR A N   1 
ATOM   641  C  CA  . THR A 1 91  ? 0.291   -0.388  -14.867 1.00 13.63  ? 91  THR A CA  1 
ATOM   642  C  C   . THR A 1 91  ? -0.495  0.695   -14.185 1.00 24.61  ? 91  THR A C   1 
ATOM   643  O  O   . THR A 1 91  ? -0.105  1.851   -14.185 1.00 26.69  ? 91  THR A O   1 
ATOM   644  C  CB  . THR A 1 91  ? 0.236   -1.585  -13.894 1.00 10.12  ? 91  THR A CB  1 
ATOM   645  O  OG1 . THR A 1 91  ? 1.529   -1.842  -13.334 1.00 20.94  ? 91  THR A OG1 1 
ATOM   646  C  CG2 . THR A 1 91  ? -0.310  -2.800  -14.580 1.00 12.85  ? 91  THR A CG2 1 
ATOM   647  N  N   . THR A 1 92  ? -1.608  0.313   -13.583 1.00 21.38  ? 92  THR A N   1 
ATOM   648  C  CA  . THR A 1 92  ? -2.428  1.273   -12.897 1.00 18.61  ? 92  THR A CA  1 
ATOM   649  C  C   . THR A 1 92  ? -2.996  0.661   -11.646 1.00 26.75  ? 92  THR A C   1 
ATOM   650  O  O   . THR A 1 92  ? -2.733  -0.495  -11.314 1.00 28.95  ? 92  THR A O   1 
ATOM   651  C  CB  . THR A 1 92  ? -3.621  1.634   -13.762 1.00 23.62  ? 92  THR A CB  1 
ATOM   652  O  OG1 . THR A 1 92  ? -4.349  0.443   -14.057 1.00 26.87  ? 92  THR A OG1 1 
ATOM   653  C  CG2 . THR A 1 92  ? -3.175  2.264   -15.053 1.00 36.71  ? 92  THR A CG2 1 
ATOM   654  N  N   . ILE A 1 93  ? -3.786  1.465   -10.960 1.00 22.36  ? 93  ILE A N   1 
ATOM   655  C  CA  . ILE A 1 93  ? -4.471  1.072   -9.764  1.00 16.79  ? 93  ILE A CA  1 
ATOM   656  C  C   . ILE A 1 93  ? -5.855  1.416   -10.278 1.00 28.84  ? 93  ILE A C   1 
ATOM   657  O  O   . ILE A 1 93  ? -6.377  2.510   -10.056 1.00 35.11  ? 93  ILE A O   1 
ATOM   658  C  CB  . ILE A 1 93  ? -4.115  1.936   -8.583  1.00 16.82  ? 93  ILE A CB  1 
ATOM   659  C  CG1 . ILE A 1 93  ? -2.661  1.742   -8.191  1.00 14.27  ? 93  ILE A CG1 1 
ATOM   660  C  CG2 . ILE A 1 93  ? -4.988  1.575   -7.402  1.00 13.95  ? 93  ILE A CG2 1 
ATOM   661  C  CD1 . ILE A 1 93  ? -2.306  2.475   -6.940  1.00 2.31   ? 93  ILE A CD1 1 
ATOM   662  N  N   . PRO A 1 94  ? -6.417  0.462   -11.005 1.00 27.98  ? 94  PRO A N   1 
ATOM   663  C  CA  . PRO A 1 94  ? -7.733  0.564   -11.625 1.00 25.80  ? 94  PRO A CA  1 
ATOM   664  C  C   . PRO A 1 94  ? -8.765  1.348   -10.866 1.00 25.09  ? 94  PRO A C   1 
ATOM   665  O  O   . PRO A 1 94  ? -8.793  1.343   -9.637  1.00 18.43  ? 94  PRO A O   1 
ATOM   666  C  CB  . PRO A 1 94  ? -8.181  -0.900  -11.708 1.00 26.60  ? 94  PRO A CB  1 
ATOM   667  C  CG  . PRO A 1 94  ? -7.325  -1.649  -10.630 1.00 31.43  ? 94  PRO A CG  1 
ATOM   668  C  CD  . PRO A 1 94  ? -6.362  -0.643  -10.037 1.00 26.94  ? 94  PRO A CD  1 
ATOM   669  N  N   . LYS A 1 95  ? -9.629  2.027   -11.600 1.00 31.05  ? 95  LYS A N   1 
ATOM   670  C  CA  . LYS A 1 95  ? -10.664 2.801   -10.953 1.00 34.68  ? 95  LYS A CA  1 
ATOM   671  C  C   . LYS A 1 95  ? -11.603 1.752   -10.354 1.00 34.87  ? 95  LYS A C   1 
ATOM   672  O  O   . LYS A 1 95  ? -11.777 0.683   -10.943 1.00 33.49  ? 95  LYS A O   1 
ATOM   673  C  CB  . LYS A 1 95  ? -11.377 3.695   -11.977 1.00 38.60  ? 95  LYS A CB  1 
ATOM   674  C  CG  . LYS A 1 95  ? -12.652 3.113   -12.570 1.00 59.00  ? 95  LYS A CG  1 
ATOM   675  C  CD  . LYS A 1 95  ? -13.676 4.218   -12.874 1.00 79.42  ? 95  LYS A CD  1 
ATOM   676  C  CE  . LYS A 1 95  ? -14.333 4.763   -11.590 1.00 100.00 ? 95  LYS A CE  1 
ATOM   677  N  NZ  . LYS A 1 95  ? -14.742 6.205   -11.689 1.00 100.00 ? 95  LYS A NZ  1 
ATOM   678  N  N   . GLY A 1 96  ? -12.188 2.043   -9.188  1.00 27.20  ? 96  GLY A N   1 
ATOM   679  C  CA  . GLY A 1 96  ? -13.101 1.096   -8.542  1.00 25.28  ? 96  GLY A CA  1 
ATOM   680  C  C   . GLY A 1 96  ? -13.512 1.513   -7.139  1.00 33.10  ? 96  GLY A C   1 
ATOM   681  O  O   . GLY A 1 96  ? -13.258 2.644   -6.723  1.00 34.69  ? 96  GLY A O   1 
ATOM   682  N  N   . ARG A 1 97  ? -14.154 0.595   -6.416  1.00 27.30  ? 97  ARG A N   1 
ATOM   683  C  CA  . ARG A 1 97  ? -14.596 0.864   -5.057  1.00 27.79  ? 97  ARG A CA  1 
ATOM   684  C  C   . ARG A 1 97  ? -13.510 0.346   -4.117  1.00 36.10  ? 97  ARG A C   1 
ATOM   685  O  O   . ARG A 1 97  ? -13.115 -0.810  -4.212  1.00 44.24  ? 97  ARG A O   1 
ATOM   686  C  CB  . ARG A 1 97  ? -15.915 0.159   -4.785  1.00 29.03  ? 97  ARG A CB  1 
ATOM   687  C  CG  . ARG A 1 97  ? -17.014 1.082   -4.293  1.00 66.00  ? 97  ARG A CG  1 
ATOM   688  C  CD  . ARG A 1 97  ? -18.386 0.406   -4.343  1.00 91.92  ? 97  ARG A CD  1 
ATOM   689  N  NE  . ARG A 1 97  ? -18.696 -0.306  -3.107  1.00 100.00 ? 97  ARG A NE  1 
ATOM   690  C  CZ  . ARG A 1 97  ? -19.348 -1.466  -3.044  1.00 100.00 ? 97  ARG A CZ  1 
ATOM   691  N  NH1 . ARG A 1 97  ? -19.760 -2.061  -4.169  1.00 100.00 ? 97  ARG A NH1 1 
ATOM   692  N  NH2 . ARG A 1 97  ? -19.589 -2.037  -1.872  1.00 100.00 ? 97  ARG A NH2 1 
ATOM   693  N  N   . TYR A 1 98  ? -13.031 1.202   -3.218  1.00 24.10  ? 98  TYR A N   1 
ATOM   694  C  CA  . TYR A 1 98  ? -11.982 0.833   -2.275  1.00 20.26  ? 98  TYR A CA  1 
ATOM   695  C  C   . TYR A 1 98  ? -12.319 0.992   -0.804  1.00 27.53  ? 98  TYR A C   1 
ATOM   696  O  O   . TYR A 1 98  ? -13.005 1.932   -0.398  1.00 28.11  ? 98  TYR A O   1 
ATOM   697  C  CB  . TYR A 1 98  ? -10.714 1.672   -2.561  1.00 20.27  ? 98  TYR A CB  1 
ATOM   698  C  CG  . TYR A 1 98  ? -10.016 1.281   -3.830  1.00 21.24  ? 98  TYR A CG  1 
ATOM   699  C  CD1 . TYR A 1 98  ? -10.466 1.738   -5.060  1.00 22.75  ? 98  TYR A CD1 1 
ATOM   700  C  CD2 . TYR A 1 98  ? -8.916  0.440   -3.809  1.00 21.32  ? 98  TYR A CD2 1 
ATOM   701  C  CE1 . TYR A 1 98  ? -9.845  1.356   -6.239  1.00 26.83  ? 98  TYR A CE1 1 
ATOM   702  C  CE2 . TYR A 1 98  ? -8.277  0.064   -4.983  1.00 20.78  ? 98  TYR A CE2 1 
ATOM   703  C  CZ  . TYR A 1 98  ? -8.755  0.517   -6.191  1.00 22.64  ? 98  TYR A CZ  1 
ATOM   704  O  OH  . TYR A 1 98  ? -8.127  0.159   -7.349  1.00 28.52  ? 98  TYR A OH  1 
ATOM   705  N  N   . ALA A 1 99  ? -11.805 0.069   -0.003  1.00 20.08  ? 99  ALA A N   1 
ATOM   706  C  CA  . ALA A 1 99  ? -11.997 0.101   1.433   1.00 15.28  ? 99  ALA A CA  1 
ATOM   707  C  C   . ALA A 1 99  ? -10.648 0.730   1.817   1.00 32.01  ? 99  ALA A C   1 
ATOM   708  O  O   . ALA A 1 99  ? -9.601  0.132   1.614   1.00 39.35  ? 99  ALA A O   1 
ATOM   709  C  CB  . ALA A 1 99  ? -12.114 -1.285  1.977   1.00 14.83  ? 99  ALA A CB  1 
ATOM   710  N  N   . CYS A 1 100 ? -10.678 1.949   2.338   1.00 25.61  ? 100 CYS A N   1 
ATOM   711  C  CA  . CYS A 1 100 ? -9.460  2.649   2.711   1.00 18.74  ? 100 CYS A CA  1 
ATOM   712  C  C   . CYS A 1 100 ? -9.347  2.966   4.189   1.00 21.86  ? 100 CYS A C   1 
ATOM   713  O  O   . CYS A 1 100 ? -10.337 3.151   4.872   1.00 28.28  ? 100 CYS A O   1 
ATOM   714  C  CB  . CYS A 1 100 ? -9.392  3.964   1.907   1.00 16.94  ? 100 CYS A CB  1 
ATOM   715  S  SG  . CYS A 1 100 ? -7.932  5.018   2.127   1.00 18.56  ? 100 CYS A SG  1 
ATOM   716  N  N   . ILE A 1 101 ? -8.120  3.023   4.674   1.00 16.30  ? 101 ILE A N   1 
ATOM   717  C  CA  . ILE A 1 101 ? -7.862  3.342   6.061   1.00 15.32  ? 101 ILE A CA  1 
ATOM   718  C  C   . ILE A 1 101 ? -6.585  4.154   6.095   1.00 27.45  ? 101 ILE A C   1 
ATOM   719  O  O   . ILE A 1 101 ? -5.505  3.646   5.813   1.00 19.99  ? 101 ILE A O   1 
ATOM   720  C  CB  . ILE A 1 101 ? -7.744  2.124   6.977   1.00 16.65  ? 101 ILE A CB  1 
ATOM   721  C  CG1 . ILE A 1 101 ? -7.567  2.609   8.413   1.00 18.36  ? 101 ILE A CG1 1 
ATOM   722  C  CG2 . ILE A 1 101 ? -6.568  1.223   6.574   1.00 8.98   ? 101 ILE A CG2 1 
ATOM   723  C  CD1 . ILE A 1 101 ? -7.054  1.562   9.347   1.00 54.49  ? 101 ILE A CD1 1 
ATOM   724  N  N   . ALA A 1 102 ? -6.720  5.435   6.421   1.00 34.53  ? 102 ALA A N   1 
ATOM   725  C  CA  . ALA A 1 102 ? -5.567  6.328   6.479   1.00 31.30  ? 102 ALA A CA  1 
ATOM   726  C  C   . ALA A 1 102 ? -5.148  6.722   7.883   1.00 30.32  ? 102 ALA A C   1 
ATOM   727  O  O   . ALA A 1 102 ? -5.979  6.966   8.756   1.00 35.51  ? 102 ALA A O   1 
ATOM   728  C  CB  . ALA A 1 102 ? -5.821  7.554   5.657   1.00 32.26  ? 102 ALA A CB  1 
ATOM   729  N  N   . TYR A 1 103 ? -3.844  6.792   8.091   1.00 19.63  ? 103 TYR A N   1 
ATOM   730  C  CA  . TYR A 1 103 ? -3.315  7.161   9.380   1.00 18.63  ? 103 TYR A CA  1 
ATOM   731  C  C   . TYR A 1 103 ? -1.911  7.740   9.282   1.00 25.49  ? 103 TYR A C   1 
ATOM   732  O  O   . TYR A 1 103 ? -1.294  7.738   8.213   1.00 26.77  ? 103 TYR A O   1 
ATOM   733  C  CB  . TYR A 1 103 ? -3.339  5.958   10.319  1.00 22.23  ? 103 TYR A CB  1 
ATOM   734  C  CG  . TYR A 1 103 ? -2.508  4.779   9.874   1.00 23.36  ? 103 TYR A CG  1 
ATOM   735  C  CD1 . TYR A 1 103 ? -2.977  3.889   8.913   1.00 22.90  ? 103 TYR A CD1 1 
ATOM   736  C  CD2 . TYR A 1 103 ? -1.253  4.541   10.429  1.00 27.65  ? 103 TYR A CD2 1 
ATOM   737  C  CE1 . TYR A 1 103 ? -2.206  2.794   8.508   1.00 22.70  ? 103 TYR A CE1 1 
ATOM   738  C  CE2 . TYR A 1 103 ? -0.482  3.457   10.030  1.00 29.32  ? 103 TYR A CE2 1 
ATOM   739  C  CZ  . TYR A 1 103 ? -0.965  2.590   9.071   1.00 30.29  ? 103 TYR A CZ  1 
ATOM   740  O  OH  . TYR A 1 103 ? -0.206  1.519   8.676   1.00 40.16  ? 103 TYR A OH  1 
ATOM   741  N  N   . ASN A 1 104 ? -1.412  8.245   10.400  1.00 27.06  ? 104 ASN A N   1 
ATOM   742  C  CA  . ASN A 1 104 ? -0.079  8.817   10.436  1.00 30.70  ? 104 ASN A CA  1 
ATOM   743  C  C   . ASN A 1 104 ? 0.779   7.650   10.797  1.00 44.30  ? 104 ASN A C   1 
ATOM   744  O  O   . ASN A 1 104 ? 0.463   6.915   11.746  1.00 44.69  ? 104 ASN A O   1 
ATOM   745  C  CB  . ASN A 1 104 ? 0.024   9.879   11.514  1.00 42.56  ? 104 ASN A CB  1 
ATOM   746  C  CG  . ASN A 1 104 ? -0.020  11.264  10.951  1.00 66.57  ? 104 ASN A CG  1 
ATOM   747  O  OD1 . ASN A 1 104 ? -0.200  11.432  9.753   1.00 35.90  ? 104 ASN A OD1 1 
ATOM   748  N  ND2 . ASN A 1 104 ? 0.166   12.267  11.802  1.00 75.09  ? 104 ASN A ND2 1 
ATOM   749  N  N   . PHE A 1 105 ? 1.861   7.449   10.054  1.00 45.59  ? 105 PHE A N   1 
ATOM   750  C  CA  . PHE A 1 105 ? 2.714   6.316   10.352  1.00 44.30  ? 105 PHE A CA  1 
ATOM   751  C  C   . PHE A 1 105 ? 3.292   6.220   11.736  1.00 46.15  ? 105 PHE A C   1 
ATOM   752  O  O   . PHE A 1 105 ? 3.755   7.198   12.311  1.00 47.05  ? 105 PHE A O   1 
ATOM   753  C  CB  . PHE A 1 105 ? 3.783   6.015   9.304   1.00 45.89  ? 105 PHE A CB  1 
ATOM   754  C  CG  . PHE A 1 105 ? 4.576   4.762   9.619   1.00 46.54  ? 105 PHE A CG  1 
ATOM   755  C  CD1 . PHE A 1 105 ? 3.976   3.503   9.543   1.00 43.24  ? 105 PHE A CD1 1 
ATOM   756  C  CD2 . PHE A 1 105 ? 5.904   4.840   10.024  1.00 45.49  ? 105 PHE A CD2 1 
ATOM   757  C  CE1 . PHE A 1 105 ? 4.686   2.356   9.843   1.00 40.46  ? 105 PHE A CE1 1 
ATOM   758  C  CE2 . PHE A 1 105 ? 6.619   3.691   10.324  1.00 45.73  ? 105 PHE A CE2 1 
ATOM   759  C  CZ  . PHE A 1 105 ? 6.004   2.448   10.234  1.00 42.00  ? 105 PHE A CZ  1 
ATOM   760  N  N   . SER A 1 106 ? 3.267   4.999   12.246  1.00 43.78  ? 106 SER A N   1 
ATOM   761  C  CA  . SER A 1 106 ? 3.779   4.661   13.549  1.00 43.85  ? 106 SER A CA  1 
ATOM   762  C  C   . SER A 1 106 ? 3.770   3.147   13.604  1.00 47.20  ? 106 SER A C   1 
ATOM   763  O  O   . SER A 1 106 ? 2.771   2.515   13.258  1.00 45.29  ? 106 SER A O   1 
ATOM   764  C  CB  . SER A 1 106 ? 2.875   5.230   14.632  1.00 55.73  ? 106 SER A CB  1 
ATOM   765  O  OG  . SER A 1 106 ? 3.126   4.589   15.870  1.00 93.79  ? 106 SER A OG  1 
ATOM   766  N  N   . PRO A 1 107 ? 4.888   2.569   14.028  1.00 46.77  ? 107 PRO A N   1 
ATOM   767  C  CA  . PRO A 1 107 ? 5.012   1.125   14.122  1.00 46.50  ? 107 PRO A CA  1 
ATOM   768  C  C   . PRO A 1 107 ? 3.811   0.500   14.812  1.00 50.96  ? 107 PRO A C   1 
ATOM   769  O  O   . PRO A 1 107 ? 3.183   -0.410  14.282  1.00 55.26  ? 107 PRO A O   1 
ATOM   770  C  CB  . PRO A 1 107 ? 6.269   0.953   14.955  1.00 47.70  ? 107 PRO A CB  1 
ATOM   771  C  CG  . PRO A 1 107 ? 7.152   2.104   14.485  1.00 50.39  ? 107 PRO A CG  1 
ATOM   772  C  CD  . PRO A 1 107 ? 6.199   3.240   14.131  1.00 45.30  ? 107 PRO A CD  1 
ATOM   773  N  N   . GLU A 1 108 ? 3.482   1.003   15.981  1.00 49.80  ? 108 GLU A N   1 
ATOM   774  C  CA  . GLU A 1 108 ? 2.352   0.492   16.736  1.00 52.22  ? 108 GLU A CA  1 
ATOM   775  C  C   . GLU A 1 108 ? 1.082   0.461   15.905  1.00 57.75  ? 108 GLU A C   1 
ATOM   776  O  O   . GLU A 1 108 ? 0.328   -0.508  15.946  1.00 59.43  ? 108 GLU A O   1 
ATOM   777  C  CB  . GLU A 1 108 ? 2.147   1.355   17.978  1.00 55.57  ? 108 GLU A CB  1 
ATOM   778  C  CG  . GLU A 1 108 ? 3.462   1.849   18.609  1.00 85.21  ? 108 GLU A CG  1 
ATOM   779  C  CD  . GLU A 1 108 ? 3.543   3.379   18.695  1.00 100.00 ? 108 GLU A CD  1 
ATOM   780  O  OE1 . GLU A 1 108 ? 2.485   4.032   18.851  1.00 100.00 ? 108 GLU A OE1 1 
ATOM   781  O  OE2 . GLU A 1 108 ? 4.680   3.922   18.627  1.00 100.00 ? 108 GLU A OE2 1 
ATOM   782  N  N   . HIS A 1 109 ? 0.846   1.536   15.161  1.00 58.56  ? 109 HIS A N   1 
ATOM   783  C  CA  . HIS A 1 109 ? -0.337  1.673   14.317  1.00 62.23  ? 109 HIS A CA  1 
ATOM   784  C  C   . HIS A 1 109 ? -0.504  0.718   13.185  1.00 52.64  ? 109 HIS A C   1 
ATOM   785  O  O   . HIS A 1 109 ? -1.584  0.162   13.005  1.00 53.16  ? 109 HIS A O   1 
ATOM   786  C  CB  . HIS A 1 109 ? -0.392  3.055   13.732  1.00 72.42  ? 109 HIS A CB  1 
ATOM   787  C  CG  . HIS A 1 109 ? -0.669  4.105   14.740  1.00 84.39  ? 109 HIS A CG  1 
ATOM   788  N  ND1 . HIS A 1 109 ? 0.107   4.264   15.866  1.00 90.41  ? 109 HIS A ND1 1 
ATOM   789  C  CD2 . HIS A 1 109 ? -1.638  5.046   14.810  1.00 92.32  ? 109 HIS A CD2 1 
ATOM   790  C  CE1 . HIS A 1 109 ? -0.369  5.261   16.585  1.00 93.34  ? 109 HIS A CE1 1 
ATOM   791  N  NE2 . HIS A 1 109 ? -1.428  5.754   15.966  1.00 94.37  ? 109 HIS A NE2 1 
ATOM   792  N  N   . TYR A 1 110 ? 0.563   0.566   12.410  1.00 41.87  ? 110 TYR A N   1 
ATOM   793  C  CA  . TYR A 1 110 ? 0.588   -0.303  11.249  1.00 35.26  ? 110 TYR A CA  1 
ATOM   794  C  C   . TYR A 1 110 ? -0.257  -1.556  11.405  1.00 38.00  ? 110 TYR A C   1 
ATOM   795  O  O   . TYR A 1 110 ? -1.362  -1.629  10.853  1.00 36.77  ? 110 TYR A O   1 
ATOM   796  C  CB  . TYR A 1 110 ? 2.019   -0.634  10.859  1.00 27.95  ? 110 TYR A CB  1 
ATOM   797  C  CG  . TYR A 1 110 ? 2.153   -1.346  9.534   1.00 23.67  ? 110 TYR A CG  1 
ATOM   798  C  CD1 . TYR A 1 110 ? 2.307   -0.647  8.352   1.00 24.15  ? 110 TYR A CD1 1 
ATOM   799  C  CD2 . TYR A 1 110 ? 2.134   -2.716  9.473   1.00 23.25  ? 110 TYR A CD2 1 
ATOM   800  C  CE1 . TYR A 1 110 ? 2.438   -1.308  7.149   1.00 24.52  ? 110 TYR A CE1 1 
ATOM   801  C  CE2 . TYR A 1 110 ? 2.269   -3.376  8.284   1.00 20.90  ? 110 TYR A CE2 1 
ATOM   802  C  CZ  . TYR A 1 110 ? 2.417   -2.678  7.130   1.00 28.39  ? 110 TYR A CZ  1 
ATOM   803  O  OH  . TYR A 1 110 ? 2.546   -3.379  5.963   1.00 23.85  ? 110 TYR A OH  1 
ATOM   804  N  N   . PHE A 1 111 ? 0.243   -2.530  12.161  1.00 30.18  ? 111 PHE A N   1 
ATOM   805  C  CA  . PHE A 1 111 ? -0.495  -3.775  12.376  1.00 29.67  ? 111 PHE A CA  1 
ATOM   806  C  C   . PHE A 1 111 ? -1.911  -3.543  12.872  1.00 26.75  ? 111 PHE A C   1 
ATOM   807  O  O   . PHE A 1 111 ? -2.866  -4.157  12.405  1.00 27.31  ? 111 PHE A O   1 
ATOM   808  C  CB  . PHE A 1 111 ? 0.249   -4.694  13.339  1.00 32.65  ? 111 PHE A CB  1 
ATOM   809  C  CG  . PHE A 1 111 ? -0.041  -6.159  13.118  1.00 37.34  ? 111 PHE A CG  1 
ATOM   810  C  CD1 . PHE A 1 111 ? 0.022   -6.713  11.835  1.00 43.41  ? 111 PHE A CD1 1 
ATOM   811  C  CD2 . PHE A 1 111 ? -0.378  -6.986  14.181  1.00 35.93  ? 111 PHE A CD2 1 
ATOM   812  C  CE1 . PHE A 1 111 ? -0.249  -8.057  11.625  1.00 42.74  ? 111 PHE A CE1 1 
ATOM   813  C  CE2 . PHE A 1 111 ? -0.645  -8.322  13.973  1.00 40.03  ? 111 PHE A CE2 1 
ATOM   814  C  CZ  . PHE A 1 111 ? -0.583  -8.857  12.694  1.00 40.68  ? 111 PHE A CZ  1 
ATOM   815  N  N   . LEU A 1 112 ? -2.045  -2.663  13.838  1.00 20.68  ? 112 LEU A N   1 
ATOM   816  C  CA  . LEU A 1 112 ? -3.348  -2.374  14.385  1.00 21.31  ? 112 LEU A CA  1 
ATOM   817  C  C   . LEU A 1 112 ? -4.379  -2.018  13.333  1.00 28.27  ? 112 LEU A C   1 
ATOM   818  O  O   . LEU A 1 112 ? -5.469  -2.582  13.294  1.00 30.67  ? 112 LEU A O   1 
ATOM   819  C  CB  . LEU A 1 112 ? -3.227  -1.258  15.358  1.00 24.51  ? 112 LEU A CB  1 
ATOM   820  C  CG  . LEU A 1 112 ? -4.237  -1.376  16.462  1.00 40.04  ? 112 LEU A CG  1 
ATOM   821  C  CD1 . LEU A 1 112 ? -3.552  -0.953  17.759  1.00 47.38  ? 112 LEU A CD1 1 
ATOM   822  C  CD2 . LEU A 1 112 ? -5.405  -0.480  16.127  1.00 44.97  ? 112 LEU A CD2 1 
ATOM   823  N  N   . ASN A 1 113 ? -4.030  -1.074  12.477  1.00 25.83  ? 113 ASN A N   1 
ATOM   824  C  CA  . ASN A 1 113 ? -4.933  -0.644  11.427  1.00 24.89  ? 113 ASN A CA  1 
ATOM   825  C  C   . ASN A 1 113 ? -5.191  -1.722  10.413  1.00 32.16  ? 113 ASN A C   1 
ATOM   826  O  O   . ASN A 1 113 ? -6.298  -1.836  9.898   1.00 34.91  ? 113 ASN A O   1 
ATOM   827  C  CB  . ASN A 1 113 ? -4.380  0.565   10.750  1.00 25.12  ? 113 ASN A CB  1 
ATOM   828  C  CG  . ASN A 1 113 ? -4.315  1.720   11.660  1.00 41.45  ? 113 ASN A CG  1 
ATOM   829  O  OD1 . ASN A 1 113 ? -5.307  2.070   12.295  1.00 14.57  ? 113 ASN A OD1 1 
ATOM   830  N  ND2 . ASN A 1 113 ? -3.132  2.312   11.784  1.00 40.69  ? 113 ASN A ND2 1 
ATOM   831  N  N   . LEU A 1 114 ? -4.165  -2.515  10.121  1.00 23.72  ? 114 LEU A N   1 
ATOM   832  C  CA  . LEU A 1 114 ? -4.304  -3.600  9.164   1.00 22.46  ? 114 LEU A CA  1 
ATOM   833  C  C   . LEU A 1 114 ? -5.434  -4.467  9.690   1.00 33.06  ? 114 LEU A C   1 
ATOM   834  O  O   . LEU A 1 114 ? -6.314  -4.902  8.944   1.00 35.71  ? 114 LEU A O   1 
ATOM   835  C  CB  . LEU A 1 114 ? -3.032  -4.431  9.150   1.00 24.04  ? 114 LEU A CB  1 
ATOM   836  C  CG  . LEU A 1 114 ? -2.569  -5.015  7.813   1.00 29.68  ? 114 LEU A CG  1 
ATOM   837  C  CD1 . LEU A 1 114 ? -1.522  -6.076  8.042   1.00 27.89  ? 114 LEU A CD1 1 
ATOM   838  C  CD2 . LEU A 1 114 ? -3.723  -5.549  6.997   1.00 24.82  ? 114 LEU A CD2 1 
ATOM   839  N  N   . GLN A 1 115 ? -5.405  -4.699  10.996  1.00 30.00  ? 115 GLN A N   1 
ATOM   840  C  CA  . GLN A 1 115 ? -6.419  -5.504  11.632  1.00 28.44  ? 115 GLN A CA  1 
ATOM   841  C  C   . GLN A 1 115 ? -7.807  -4.912  11.434  1.00 32.56  ? 115 GLN A C   1 
ATOM   842  O  O   . GLN A 1 115 ? -8.754  -5.627  11.110  1.00 34.42  ? 115 GLN A O   1 
ATOM   843  C  CB  . GLN A 1 115 ? -6.089  -5.691  13.087  1.00 26.43  ? 115 GLN A CB  1 
ATOM   844  C  CG  . GLN A 1 115 ? -4.940  -6.640  13.279  1.00 16.03  ? 115 GLN A CG  1 
ATOM   845  C  CD  . GLN A 1 115 ? -5.142  -7.926  12.536  1.00 22.36  ? 115 GLN A CD  1 
ATOM   846  O  OE1 . GLN A 1 115 ? -4.191  -8.513  12.024  1.00 17.92  ? 115 GLN A OE1 1 
ATOM   847  N  NE2 . GLN A 1 115 ? -6.383  -8.386  12.478  1.00 34.31  ? 115 GLN A NE2 1 
ATOM   848  N  N   . LYS A 1 116 ? -7.933  -3.609  11.613  1.00 22.98  ? 116 LYS A N   1 
ATOM   849  C  CA  . LYS A 1 116 ? -9.228  -2.973  11.425  1.00 24.35  ? 116 LYS A CA  1 
ATOM   850  C  C   . LYS A 1 116 ? -9.743  -3.243  10.009  1.00 29.27  ? 116 LYS A C   1 
ATOM   851  O  O   . LYS A 1 116 ? -10.884 -3.660  9.802   1.00 28.78  ? 116 LYS A O   1 
ATOM   852  C  CB  . LYS A 1 116 ? -9.116  -1.466  11.633  1.00 23.00  ? 116 LYS A CB  1 
ATOM   853  C  CG  . LYS A 1 116 ? -8.242  -1.076  12.816  1.00 46.79  ? 116 LYS A CG  1 
ATOM   854  C  CD  . LYS A 1 116 ? -8.532  0.347   13.278  1.00 53.26  ? 116 LYS A CD  1 
ATOM   855  C  CE  . LYS A 1 116 ? -9.929  0.474   13.875  1.00 93.81  ? 116 LYS A CE  1 
ATOM   856  N  NZ  . LYS A 1 116 ? -11.022 0.118   12.915  1.00 100.00 ? 116 LYS A NZ  1 
ATOM   857  N  N   . LEU A 1 117 ? -8.889  -2.999  9.030   1.00 21.60  ? 117 LEU A N   1 
ATOM   858  C  CA  . LEU A 1 117 ? -9.281  -3.215  7.655   1.00 16.95  ? 117 LEU A CA  1 
ATOM   859  C  C   . LEU A 1 117 ? -9.661  -4.648  7.466   1.00 21.22  ? 117 LEU A C   1 
ATOM   860  O  O   . LEU A 1 117 ? -10.677 -4.943  6.856   1.00 23.46  ? 117 LEU A O   1 
ATOM   861  C  CB  . LEU A 1 117 ? -8.149  -2.860  6.724   1.00 15.75  ? 117 LEU A CB  1 
ATOM   862  C  CG  . LEU A 1 117 ? -8.456  -3.045  5.255   1.00 20.75  ? 117 LEU A CG  1 
ATOM   863  C  CD1 . LEU A 1 117 ? -9.382  -1.962  4.732   1.00 15.29  ? 117 LEU A CD1 1 
ATOM   864  C  CD2 . LEU A 1 117 ? -7.160  -3.033  4.515   1.00 27.18  ? 117 LEU A CD2 1 
ATOM   865  N  N   . ILE A 1 118 ? -8.848  -5.548  7.999   1.00 19.30  ? 118 ILE A N   1 
ATOM   866  C  CA  . ILE A 1 118 ? -9.146  -6.956  7.869   1.00 17.34  ? 118 ILE A CA  1 
ATOM   867  C  C   . ILE A 1 118 ? -10.505 -7.257  8.479   1.00 27.58  ? 118 ILE A C   1 
ATOM   868  O  O   . ILE A 1 118 ? -11.312 -7.939  7.876   1.00 33.96  ? 118 ILE A O   1 
ATOM   869  C  CB  . ILE A 1 118 ? -8.111  -7.839  8.546   1.00 15.43  ? 118 ILE A CB  1 
ATOM   870  C  CG1 . ILE A 1 118 ? -6.923  -8.043  7.630   1.00 9.93   ? 118 ILE A CG1 1 
ATOM   871  C  CG2 . ILE A 1 118 ? -8.728  -9.179  8.887   1.00 12.66  ? 118 ILE A CG2 1 
ATOM   872  C  CD1 . ILE A 1 118 ? -5.722  -8.483  8.340   1.00 10.52  ? 118 ILE A CD1 1 
ATOM   873  N  N   . LYS A 1 119 ? -10.758 -6.749  9.678   1.00 23.43  ? 119 LYS A N   1 
ATOM   874  C  CA  . LYS A 1 119 ? -12.040 -7.000  10.330  1.00 23.26  ? 119 LYS A CA  1 
ATOM   875  C  C   . LYS A 1 119 ? -13.180 -6.402  9.524   1.00 28.95  ? 119 LYS A C   1 
ATOM   876  O  O   . LYS A 1 119 ? -14.212 -7.022  9.313   1.00 32.67  ? 119 LYS A O   1 
ATOM   877  C  CB  . LYS A 1 119 ? -12.061 -6.415  11.744  1.00 21.36  ? 119 LYS A CB  1 
ATOM   878  C  CG  . LYS A 1 119 ? -11.073 -7.050  12.690  1.00 42.12  ? 119 LYS A CG  1 
ATOM   879  C  CD  . LYS A 1 119 ? -10.876 -6.181  13.928  1.00 75.28  ? 119 LYS A CD  1 
ATOM   880  C  CE  . LYS A 1 119 ? -9.807  -6.752  14.865  1.00 100.00 ? 119 LYS A CE  1 
ATOM   881  N  NZ  . LYS A 1 119 ? -9.268  -5.719  15.811  1.00 100.00 ? 119 LYS A NZ  1 
ATOM   882  N  N   . TYR A 1 120 ? -12.990 -5.178  9.082   1.00 23.00  ? 120 TYR A N   1 
ATOM   883  C  CA  . TYR A 1 120 ? -14.008 -4.510  8.321   1.00 21.62  ? 120 TYR A CA  1 
ATOM   884  C  C   . TYR A 1 120 ? -14.482 -5.302  7.132   1.00 29.76  ? 120 TYR A C   1 
ATOM   885  O  O   . TYR A 1 120 ? -15.646 -5.242  6.775   1.00 33.62  ? 120 TYR A O   1 
ATOM   886  C  CB  . TYR A 1 120 ? -13.512 -3.157  7.874   1.00 21.61  ? 120 TYR A CB  1 
ATOM   887  C  CG  . TYR A 1 120 ? -14.526 -2.406  7.067   1.00 24.27  ? 120 TYR A CG  1 
ATOM   888  C  CD1 . TYR A 1 120 ? -14.796 -2.761  5.748   1.00 26.49  ? 120 TYR A CD1 1 
ATOM   889  C  CD2 . TYR A 1 120 ? -15.217 -1.335  7.614   1.00 26.42  ? 120 TYR A CD2 1 
ATOM   890  C  CE1 . TYR A 1 120 ? -15.724 -2.078  5.002   1.00 28.26  ? 120 TYR A CE1 1 
ATOM   891  C  CE2 . TYR A 1 120 ? -16.149 -0.637  6.876   1.00 25.29  ? 120 TYR A CE2 1 
ATOM   892  C  CZ  . TYR A 1 120 ? -16.399 -1.014  5.565   1.00 40.63  ? 120 TYR A CZ  1 
ATOM   893  O  OH  . TYR A 1 120 ? -17.322 -0.326  4.812   1.00 59.85  ? 120 TYR A OH  1 
ATOM   894  N  N   . ILE A 1 121 ? -13.580 -6.031  6.505   1.00 26.34  ? 121 ILE A N   1 
ATOM   895  C  CA  . ILE A 1 121 ? -13.939 -6.825  5.346   1.00 26.32  ? 121 ILE A CA  1 
ATOM   896  C  C   . ILE A 1 121 ? -14.591 -8.161  5.743   1.00 32.20  ? 121 ILE A C   1 
ATOM   897  O  O   . ILE A 1 121 ? -15.479 -8.642  5.051   1.00 33.21  ? 121 ILE A O   1 
ATOM   898  C  CB  . ILE A 1 121 ? -12.708 -7.101  4.484   1.00 27.87  ? 121 ILE A CB  1 
ATOM   899  C  CG1 . ILE A 1 121 ? -12.093 -5.792  4.006   1.00 27.20  ? 121 ILE A CG1 1 
ATOM   900  C  CG2 . ILE A 1 121 ? -13.077 -7.969  3.311   1.00 29.83  ? 121 ILE A CG2 1 
ATOM   901  C  CD1 . ILE A 1 121 ? -12.893 -5.102  2.931   1.00 21.87  ? 121 ILE A CD1 1 
ATOM   902  N  N   . ALA A 1 122 ? -14.124 -8.750  6.852   1.00 30.29  ? 122 ALA A N   1 
ATOM   903  C  CA  . ALA A 1 122 ? -14.645 -10.031 7.378   1.00 32.59  ? 122 ALA A CA  1 
ATOM   904  C  C   . ALA A 1 122 ? -16.126 -9.845  7.693   1.00 44.19  ? 122 ALA A C   1 
ATOM   905  O  O   . ALA A 1 122 ? -16.980 -10.621 7.242   1.00 47.92  ? 122 ALA A O   1 
ATOM   906  C  CB  . ALA A 1 122 ? -13.885 -10.436 8.625   1.00 33.15  ? 122 ALA A CB  1 
ATOM   907  N  N   . ASP A 1 123 ? -16.424 -8.804  8.465   1.00 38.78  ? 123 ASP A N   1 
ATOM   908  C  CA  . ASP A 1 123 ? -17.794 -8.486  8.808   1.00 41.79  ? 123 ASP A CA  1 
ATOM   909  C  C   . ASP A 1 123 ? -18.090 -7.738  7.518   1.00 55.57  ? 123 ASP A C   1 
ATOM   910  O  O   . ASP A 1 123 ? -17.168 -7.464  6.757   1.00 68.07  ? 123 ASP A O   1 
ATOM   911  C  CB  . ASP A 1 123 ? -17.873 -7.507  9.991   1.00 45.37  ? 123 ASP A CB  1 
ATOM   912  C  CG  . ASP A 1 123 ? -16.744 -7.698  11.001  1.00 83.44  ? 123 ASP A CG  1 
ATOM   913  O  OD1 . ASP A 1 123 ? -16.222 -8.828  11.133  1.00 91.93  ? 123 ASP A OD1 1 
ATOM   914  O  OD2 . ASP A 1 123 ? -16.399 -6.709  11.688  1.00 92.39  ? 123 ASP A OD2 1 
ATOM   915  N  N   . ARG A 1 124 ? -19.336 -7.401  7.240   1.00 44.29  ? 124 ARG A N   1 
ATOM   916  C  CA  . ARG A 1 124 ? -19.644 -6.688  5.982   1.00 40.31  ? 124 ARG A CA  1 
ATOM   917  C  C   . ARG A 1 124 ? -19.453 -7.647  4.814   1.00 41.19  ? 124 ARG A C   1 
ATOM   918  O  O   . ARG A 1 124 ? -19.762 -7.308  3.673   1.00 41.38  ? 124 ARG A O   1 
ATOM   919  C  CB  . ARG A 1 124 ? -18.772 -5.441  5.791   1.00 32.07  ? 124 ARG A CB  1 
ATOM   920  C  CG  . ARG A 1 124 ? -19.539 -4.206  5.330   1.00 47.59  ? 124 ARG A CG  1 
ATOM   921  C  CD  . ARG A 1 124 ? -19.354 -3.073  6.321   1.00 55.44  ? 124 ARG A CD  1 
ATOM   922  N  NE  . ARG A 1 124 ? -18.450 -3.467  7.407   1.00 91.97  ? 124 ARG A NE  1 
ATOM   923  C  CZ  . ARG A 1 124 ? -18.233 -2.749  8.509   1.00 100.00 ? 124 ARG A CZ  1 
ATOM   924  N  NH1 . ARG A 1 124 ? -18.856 -1.582  8.681   1.00 100.00 ? 124 ARG A NH1 1 
ATOM   925  N  NH2 . ARG A 1 124 ? -17.394 -3.195  9.445   1.00 100.00 ? 124 ARG A NH2 1 
ATOM   926  N  N   . GLN A 1 125 ? -18.951 -8.844  5.133   1.00 37.65  ? 125 GLN A N   1 
ATOM   927  C  CA  . GLN A 1 125 ? -18.695 -9.928  4.183   1.00 39.48  ? 125 GLN A CA  1 
ATOM   928  C  C   . GLN A 1 125 ? -18.371 -9.493  2.769   1.00 45.51  ? 125 GLN A C   1 
ATOM   929  O  O   . GLN A 1 125 ? -18.992 -9.946  1.804   1.00 49.70  ? 125 GLN A O   1 
ATOM   930  C  CB  . GLN A 1 125 ? -19.859 -10.913 4.176   1.00 42.75  ? 125 GLN A CB  1 
ATOM   931  C  CG  . GLN A 1 125 ? -19.649 -12.110 5.081   1.00 77.79  ? 125 GLN A CG  1 
ATOM   932  C  CD  . GLN A 1 125 ? -18.496 -13.001 4.625   1.00 100.00 ? 125 GLN A CD  1 
ATOM   933  O  OE1 . GLN A 1 125 ? -18.402 -14.164 5.036   1.00 100.00 ? 125 GLN A OE1 1 
ATOM   934  N  NE2 . GLN A 1 125 ? -17.618 -12.463 3.768   1.00 100.00 ? 125 GLN A NE2 1 
ATOM   935  N  N   . LEU A 1 126 ? -17.395 -8.604  2.656   1.00 42.03  ? 126 LEU A N   1 
ATOM   936  C  CA  . LEU A 1 126 ? -16.984 -8.093  1.364   1.00 39.12  ? 126 LEU A CA  1 
ATOM   937  C  C   . LEU A 1 126 ? -16.088 -9.027  0.565   1.00 40.82  ? 126 LEU A C   1 
ATOM   938  O  O   . LEU A 1 126 ? -15.509 -9.987  1.089   1.00 48.61  ? 126 LEU A O   1 
ATOM   939  C  CB  . LEU A 1 126 ? -16.353 -6.713  1.509   1.00 37.78  ? 126 LEU A CB  1 
ATOM   940  C  CG  . LEU A 1 126 ? -17.252 -5.714  2.221   1.00 42.41  ? 126 LEU A CG  1 
ATOM   941  C  CD1 . LEU A 1 126 ? -16.470 -4.504  2.726   1.00 41.68  ? 126 LEU A CD1 1 
ATOM   942  C  CD2 . LEU A 1 126 ? -18.369 -5.305  1.286   1.00 43.21  ? 126 LEU A CD2 1 
ATOM   943  N  N   . THR A 1 127 ? -16.000 -8.724  -0.721  1.00 27.55  ? 127 THR A N   1 
ATOM   944  C  CA  . THR A 1 127 ? -15.213 -9.476  -1.670  1.00 24.66  ? 127 THR A CA  1 
ATOM   945  C  C   . THR A 1 127 ? -14.089 -8.590  -2.241  1.00 29.39  ? 127 THR A C   1 
ATOM   946  O  O   . THR A 1 127 ? -14.348 -7.637  -2.989  1.00 28.60  ? 127 THR A O   1 
ATOM   947  C  CB  . THR A 1 127 ? -16.109 -9.937  -2.829  1.00 31.36  ? 127 THR A CB  1 
ATOM   948  O  OG1 . THR A 1 127 ? -17.168 -10.761 -2.326  1.00 53.46  ? 127 THR A OG1 1 
ATOM   949  C  CG2 . THR A 1 127 ? -15.319 -10.705 -3.844  1.00 30.99  ? 127 THR A CG2 1 
ATOM   950  N  N   . VAL A 1 128 ? -12.851 -8.905  -1.878  1.00 24.88  ? 128 VAL A N   1 
ATOM   951  C  CA  . VAL A 1 128 ? -11.697 -8.146  -2.348  1.00 25.29  ? 128 VAL A CA  1 
ATOM   952  C  C   . VAL A 1 128 ? -11.202 -8.700  -3.698  1.00 28.79  ? 128 VAL A C   1 
ATOM   953  O  O   . VAL A 1 128 ? -11.167 -9.911  -3.896  1.00 26.77  ? 128 VAL A O   1 
ATOM   954  C  CB  . VAL A 1 128 ? -10.585 -8.075  -1.276  1.00 22.97  ? 128 VAL A CB  1 
ATOM   955  C  CG1 . VAL A 1 128 ? -11.183 -8.202  0.092   1.00 19.84  ? 128 VAL A CG1 1 
ATOM   956  C  CG2 . VAL A 1 128 ? -9.580  -9.136  -1.486  1.00 23.30  ? 128 VAL A CG2 1 
ATOM   957  N  N   . VAL A 1 129 ? -10.842 -7.805  -4.621  1.00 23.84  ? 129 VAL A N   1 
ATOM   958  C  CA  . VAL A 1 129 ? -10.368 -8.197  -5.958  1.00 21.77  ? 129 VAL A CA  1 
ATOM   959  C  C   . VAL A 1 129 ? -9.044  -7.513  -6.339  1.00 26.42  ? 129 VAL A C   1 
ATOM   960  O  O   . VAL A 1 129 ? -8.860  -7.040  -7.468  1.00 25.28  ? 129 VAL A O   1 
ATOM   961  C  CB  . VAL A 1 129 ? -11.432 -7.846  -7.012  1.00 25.11  ? 129 VAL A CB  1 
ATOM   962  C  CG1 . VAL A 1 129 ? -12.674 -8.633  -6.743  1.00 23.84  ? 129 VAL A CG1 1 
ATOM   963  C  CG2 . VAL A 1 129 ? -11.754 -6.356  -6.966  1.00 23.53  ? 129 VAL A CG2 1 
ATOM   964  N  N   . SER A 1 130 ? -8.129  -7.481  -5.382  1.00 17.27  ? 130 SER A N   1 
ATOM   965  C  CA  . SER A 1 130 ? -6.833  -6.879  -5.565  1.00 12.68  ? 130 SER A CA  1 
ATOM   966  C  C   . SER A 1 130 ? -6.003  -7.113  -4.313  1.00 19.25  ? 130 SER A C   1 
ATOM   967  O  O   . SER A 1 130 ? -6.460  -7.721  -3.334  1.00 24.74  ? 130 SER A O   1 
ATOM   968  C  CB  . SER A 1 130 ? -7.000  -5.378  -5.759  1.00 16.34  ? 130 SER A CB  1 
ATOM   969  O  OG  . SER A 1 130 ? -6.849  -4.706  -4.519  1.00 23.68  ? 130 SER A OG  1 
ATOM   970  N  N   . ASP A 1 131 ? -4.776  -6.630  -4.341  1.00 8.04   ? 131 ASP A N   1 
ATOM   971  C  CA  . ASP A 1 131 ? -3.905  -6.781  -3.197  1.00 6.64   ? 131 ASP A CA  1 
ATOM   972  C  C   . ASP A 1 131 ? -4.125  -5.551  -2.349  1.00 16.55  ? 131 ASP A C   1 
ATOM   973  O  O   . ASP A 1 131 ? -4.817  -4.613  -2.750  1.00 21.32  ? 131 ASP A O   1 
ATOM   974  C  CB  . ASP A 1 131 ? -2.443  -6.748  -3.635  1.00 4.00   ? 131 ASP A CB  1 
ATOM   975  C  CG  . ASP A 1 131 ? -1.880  -8.114  -3.933  1.00 33.32  ? 131 ASP A CG  1 
ATOM   976  O  OD1 . ASP A 1 131 ? -2.618  -9.146  -3.837  1.00 43.86  ? 131 ASP A OD1 1 
ATOM   977  O  OD2 . ASP A 1 131 ? -0.675  -8.135  -4.291  1.00 17.76  ? 131 ASP A OD2 1 
ATOM   978  N  N   . VAL A 1 132 ? -3.521  -5.542  -1.182  1.00 9.81   ? 132 VAL A N   1 
ATOM   979  C  CA  . VAL A 1 132 ? -3.648  -4.404  -0.325  1.00 8.41   ? 132 VAL A CA  1 
ATOM   980  C  C   . VAL A 1 132 ? -2.605  -3.445  -0.878  1.00 20.66  ? 132 VAL A C   1 
ATOM   981  O  O   . VAL A 1 132 ? -1.455  -3.832  -1.102  1.00 25.26  ? 132 VAL A O   1 
ATOM   982  C  CB  . VAL A 1 132 ? -3.274  -4.748  1.100   1.00 6.35   ? 132 VAL A CB  1 
ATOM   983  C  CG1 . VAL A 1 132 ? -3.446  -3.549  1.995   1.00 5.17   ? 132 VAL A CG1 1 
ATOM   984  C  CG2 . VAL A 1 132 ? -4.102  -5.896  1.584   1.00 5.22   ? 132 VAL A CG2 1 
ATOM   985  N  N   . TYR A 1 133 ? -3.002  -2.206  -1.114  1.00 15.18  ? 133 TYR A N   1 
ATOM   986  C  CA  . TYR A 1 133 ? -2.090  -1.204  -1.634  1.00 13.05  ? 133 TYR A CA  1 
ATOM   987  C  C   . TYR A 1 133 ? -1.717  -0.352  -0.452  1.00 21.76  ? 133 TYR A C   1 
ATOM   988  O  O   . TYR A 1 133 ? -2.595  0.129   0.261   1.00 26.40  ? 133 TYR A O   1 
ATOM   989  C  CB  . TYR A 1 133 ? -2.774  -0.329  -2.669  1.00 10.31  ? 133 TYR A CB  1 
ATOM   990  C  CG  . TYR A 1 133 ? -3.035  -1.025  -3.986  1.00 11.45  ? 133 TYR A CG  1 
ATOM   991  C  CD1 . TYR A 1 133 ? -2.021  -1.201  -4.923  1.00 7.56   ? 133 TYR A CD1 1 
ATOM   992  C  CD2 . TYR A 1 133 ? -4.299  -1.498  -4.300  1.00 16.06  ? 133 TYR A CD2 1 
ATOM   993  C  CE1 . TYR A 1 133 ? -2.265  -1.840  -6.138  1.00 2.65   ? 133 TYR A CE1 1 
ATOM   994  C  CE2 . TYR A 1 133 ? -4.547  -2.133  -5.507  1.00 16.06  ? 133 TYR A CE2 1 
ATOM   995  C  CZ  . TYR A 1 133 ? -3.533  -2.297  -6.419  1.00 11.71  ? 133 TYR A CZ  1 
ATOM   996  O  OH  . TYR A 1 133 ? -3.801  -2.928  -7.620  1.00 29.05  ? 133 TYR A OH  1 
ATOM   997  N  N   . GLU A 1 134 ? -0.419  -0.173  -0.233  1.00 13.93  ? 134 GLU A N   1 
ATOM   998  C  CA  . GLU A 1 134 ? 0.063   0.629   0.880   1.00 10.13  ? 134 GLU A CA  1 
ATOM   999  C  C   . GLU A 1 134 ? 0.684   1.854   0.276   1.00 19.81  ? 134 GLU A C   1 
ATOM   1000 O  O   . GLU A 1 134 ? 1.789   1.788   -0.262  1.00 27.07  ? 134 GLU A O   1 
ATOM   1001 C  CB  . GLU A 1 134 ? 1.112   -0.145  1.623   1.00 9.96   ? 134 GLU A CB  1 
ATOM   1002 C  CG  . GLU A 1 134 ? 1.300   0.255   3.039   1.00 11.62  ? 134 GLU A CG  1 
ATOM   1003 C  CD  . GLU A 1 134 ? 2.154   -0.749  3.757   1.00 38.78  ? 134 GLU A CD  1 
ATOM   1004 O  OE1 . GLU A 1 134 ? 1.647   -1.845  4.029   1.00 40.72  ? 134 GLU A OE1 1 
ATOM   1005 O  OE2 . GLU A 1 134 ? 3.341   -0.472  3.997   1.00 11.09  ? 134 GLU A OE2 1 
ATOM   1006 N  N   . LEU A 1 135 ? -0.024  2.975   0.352   1.00 17.63  ? 135 LEU A N   1 
ATOM   1007 C  CA  . LEU A 1 135 ? 0.469   4.239   -0.208  1.00 21.29  ? 135 LEU A CA  1 
ATOM   1008 C  C   . LEU A 1 135 ? 1.122   5.140   0.831   1.00 24.52  ? 135 LEU A C   1 
ATOM   1009 O  O   . LEU A 1 135 ? 0.479   5.553   1.794   1.00 29.07  ? 135 LEU A O   1 
ATOM   1010 C  CB  . LEU A 1 135 ? -0.666  4.995   -0.886  1.00 23.22  ? 135 LEU A CB  1 
ATOM   1011 C  CG  . LEU A 1 135 ? -0.386  5.640   -2.242  1.00 28.17  ? 135 LEU A CG  1 
ATOM   1012 C  CD1 . LEU A 1 135 ? -0.942  7.034   -2.244  1.00 23.98  ? 135 LEU A CD1 1 
ATOM   1013 C  CD2 . LEU A 1 135 ? 1.108   5.652   -2.555  1.00 37.26  ? 135 LEU A CD2 1 
ATOM   1014 N  N   . ILE A 1 136 ? 2.400   5.432   0.627   1.00 17.32  ? 136 ILE A N   1 
ATOM   1015 C  CA  . ILE A 1 136 ? 3.139   6.282   1.537   1.00 18.49  ? 136 ILE A CA  1 
ATOM   1016 C  C   . ILE A 1 136 ? 3.221   7.699   1.010   1.00 22.47  ? 136 ILE A C   1 
ATOM   1017 O  O   . ILE A 1 136 ? 3.664   7.945   -0.110  1.00 20.64  ? 136 ILE A O   1 
ATOM   1018 C  CB  . ILE A 1 136 ? 4.536   5.774   1.760   1.00 21.17  ? 136 ILE A CB  1 
ATOM   1019 C  CG1 . ILE A 1 136 ? 4.488   4.484   2.564   1.00 22.47  ? 136 ILE A CG1 1 
ATOM   1020 C  CG2 . ILE A 1 136 ? 5.336   6.791   2.525   1.00 22.00  ? 136 ILE A CG2 1 
ATOM   1021 C  CD1 . ILE A 1 136 ? 4.466   3.253   1.717   1.00 51.70  ? 136 ILE A CD1 1 
ATOM   1022 N  N   . ILE A 1 137 ? 2.778   8.633   1.824   1.00 21.26  ? 137 ILE A N   1 
ATOM   1023 C  CA  . ILE A 1 137 ? 2.796   10.028  1.446   1.00 21.99  ? 137 ILE A CA  1 
ATOM   1024 C  C   . ILE A 1 137 ? 3.561   10.790  2.483   1.00 33.95  ? 137 ILE A C   1 
ATOM   1025 O  O   . ILE A 1 137 ? 3.093   10.983  3.609   1.00 35.45  ? 137 ILE A O   1 
ATOM   1026 C  CB  . ILE A 1 137 ? 1.409   10.583  1.422   1.00 24.37  ? 137 ILE A CB  1 
ATOM   1027 C  CG1 . ILE A 1 137 ? 0.470   9.581   0.756   1.00 22.58  ? 137 ILE A CG1 1 
ATOM   1028 C  CG2 . ILE A 1 137 ? 1.405   11.940  0.775   1.00 22.65  ? 137 ILE A CG2 1 
ATOM   1029 C  CD1 . ILE A 1 137 ? -0.502  10.198  -0.173  1.00 33.81  ? 137 ILE A CD1 1 
ATOM   1030 N  N   . PRO A 1 138 ? 4.752   11.214  2.111   1.00 31.49  ? 138 PRO A N   1 
ATOM   1031 C  CA  . PRO A 1 138 ? 5.601   11.966  3.013   1.00 32.78  ? 138 PRO A CA  1 
ATOM   1032 C  C   . PRO A 1 138 ? 4.985   13.332  3.295   1.00 38.19  ? 138 PRO A C   1 
ATOM   1033 O  O   . PRO A 1 138 ? 4.633   14.064  2.365   1.00 38.22  ? 138 PRO A O   1 
ATOM   1034 C  CB  . PRO A 1 138 ? 6.912   12.130  2.214   1.00 36.24  ? 138 PRO A CB  1 
ATOM   1035 C  CG  . PRO A 1 138 ? 6.655   11.441  0.846   1.00 39.94  ? 138 PRO A CG  1 
ATOM   1036 C  CD  . PRO A 1 138 ? 5.182   11.331  0.715   1.00 32.93  ? 138 PRO A CD  1 
ATOM   1037 N  N   . ILE A 1 139 ? 4.853   13.669  4.577   1.00 39.90  ? 139 ILE A N   1 
ATOM   1038 C  CA  . ILE A 1 139 ? 4.285   14.965  4.984   1.00 43.92  ? 139 ILE A CA  1 
ATOM   1039 C  C   . ILE A 1 139 ? 5.458   15.847  5.453   1.00 66.43  ? 139 ILE A C   1 
ATOM   1040 O  O   . ILE A 1 139 ? 6.052   15.604  6.503   1.00 65.03  ? 139 ILE A O   1 
ATOM   1041 C  CB  . ILE A 1 139 ? 3.256   14.834  6.172   1.00 43.10  ? 139 ILE A CB  1 
ATOM   1042 C  CG1 . ILE A 1 139 ? 2.043   14.013  5.772   1.00 41.09  ? 139 ILE A CG1 1 
ATOM   1043 C  CG2 . ILE A 1 139 ? 2.782   16.189  6.628   1.00 38.08  ? 139 ILE A CG2 1 
ATOM   1044 C  CD1 . ILE A 1 139 ? 1.439   13.277  6.922   1.00 39.35  ? 139 ILE A CD1 1 
ATOM   1045 N  N   . HIS A 1 140 ? 5.792   16.863  4.667   1.00 81.43  ? 140 HIS A N   1 
ATOM   1046 C  CA  . HIS A 1 140 ? 6.886   17.762  5.021   1.00 88.84  ? 140 HIS A CA  1 
ATOM   1047 C  C   . HIS A 1 140 ? 6.328   19.150  5.352   1.00 95.94  ? 140 HIS A C   1 
ATOM   1048 O  O   . HIS A 1 140 ? 5.761   19.843  4.489   1.00 94.86  ? 140 HIS A O   1 
ATOM   1049 C  CB  . HIS A 1 140 ? 7.939   17.836  3.882   1.00 92.62  ? 140 HIS A CB  1 
ATOM   1050 C  CG  . HIS A 1 140 ? 9.188   17.047  4.157   1.00 97.40  ? 140 HIS A CG  1 
ATOM   1051 N  ND1 . HIS A 1 140 ? 9.286   15.694  3.910   1.00 100.00 ? 140 HIS A ND1 1 
ATOM   1052 C  CD2 . HIS A 1 140 ? 10.391  17.429  4.652   1.00 100.00 ? 140 HIS A CD2 1 
ATOM   1053 C  CE1 . HIS A 1 140 ? 10.497  15.274  4.239   1.00 100.00 ? 140 HIS A CE1 1 
ATOM   1054 N  NE2 . HIS A 1 140 ? 11.185  16.309  4.695   1.00 100.00 ? 140 HIS A NE2 1 
ATOM   1055 N  N   . TYR A 1 141 ? 6.486   19.541  6.613   1.00 93.25  ? 141 TYR A N   1 
ATOM   1056 C  CA  . TYR A 1 141 ? 6.004   20.830  7.090   1.00 88.36  ? 141 TYR A CA  1 
ATOM   1057 C  C   . TYR A 1 141 ? 6.823   22.006  6.543   1.00 100.00 ? 141 TYR A C   1 
ATOM   1058 O  O   . TYR A 1 141 ? 6.503   23.174  6.790   1.00 100.00 ? 141 TYR A O   1 
ATOM   1059 C  CB  . TYR A 1 141 ? 6.003   20.848  8.614   1.00 86.58  ? 141 TYR A CB  1 
ATOM   1060 C  CG  . TYR A 1 141 ? 5.367   19.630  9.244   1.00 83.59  ? 141 TYR A CG  1 
ATOM   1061 C  CD1 . TYR A 1 141 ? 4.114   19.197  8.853   1.00 84.56  ? 141 TYR A CD1 1 
ATOM   1062 C  CD2 . TYR A 1 141 ? 6.018   18.920  10.233  1.00 85.72  ? 141 TYR A CD2 1 
ATOM   1063 C  CE1 . TYR A 1 141 ? 3.531   18.087  9.430   1.00 84.79  ? 141 TYR A CE1 1 
ATOM   1064 C  CE2 . TYR A 1 141 ? 5.438   17.810  10.822  1.00 87.39  ? 141 TYR A CE2 1 
ATOM   1065 C  CZ  . TYR A 1 141 ? 4.194   17.398  10.413  1.00 94.13  ? 141 TYR A CZ  1 
ATOM   1066 O  OH  . TYR A 1 141 ? 3.606   16.289  10.986  1.00 100.00 ? 141 TYR A OH  1 
ATOM   1067 N  N   . GLU A 1 148 ? 7.327   13.135  9.124   1.00 59.00  ? 148 GLU A N   1 
ATOM   1068 C  CA  . GLU A 1 148 ? 6.127   12.311  9.358   1.00 61.11  ? 148 GLU A CA  1 
ATOM   1069 C  C   . GLU A 1 148 ? 5.556   11.705  8.074   1.00 49.62  ? 148 GLU A C   1 
ATOM   1070 O  O   . GLU A 1 148 ? 5.606   12.322  7.013   1.00 44.75  ? 148 GLU A O   1 
ATOM   1071 C  CB  . GLU A 1 148 ? 5.049   13.109  10.100  1.00 65.39  ? 148 GLU A CB  1 
ATOM   1072 C  CG  . GLU A 1 148 ? 5.198   13.076  11.624  1.00 91.93  ? 148 GLU A CG  1 
ATOM   1073 C  CD  . GLU A 1 148 ? 3.934   12.628  12.326  1.00 96.30  ? 148 GLU A CD  1 
ATOM   1074 O  OE1 . GLU A 1 148 ? 2.930   13.364  12.244  1.00 75.93  ? 148 GLU A OE1 1 
ATOM   1075 O  OE2 . GLU A 1 148 ? 3.946   11.541  12.952  1.00 99.04  ? 148 GLU A OE2 1 
ATOM   1076 N  N   . TYR A 1 149 ? 5.014   10.492  8.174   1.00 40.07  ? 149 TYR A N   1 
ATOM   1077 C  CA  . TYR A 1 149 ? 4.452   9.820   7.008   1.00 37.02  ? 149 TYR A CA  1 
ATOM   1078 C  C   . TYR A 1 149 ? 2.976   9.583   7.102   1.00 33.51  ? 149 TYR A C   1 
ATOM   1079 O  O   . TYR A 1 149 ? 2.424   9.336   8.169   1.00 33.09  ? 149 TYR A O   1 
ATOM   1080 C  CB  . TYR A 1 149 ? 5.114   8.457   6.783   1.00 38.50  ? 149 TYR A CB  1 
ATOM   1081 C  CG  . TYR A 1 149 ? 6.578   8.490   6.415   1.00 39.67  ? 149 TYR A CG  1 
ATOM   1082 C  CD1 . TYR A 1 149 ? 6.980   8.751   5.117   1.00 41.19  ? 149 TYR A CD1 1 
ATOM   1083 C  CD2 . TYR A 1 149 ? 7.559   8.237   7.370   1.00 43.61  ? 149 TYR A CD2 1 
ATOM   1084 C  CE1 . TYR A 1 149 ? 8.333   8.778   4.771   1.00 45.22  ? 149 TYR A CE1 1 
ATOM   1085 C  CE2 . TYR A 1 149 ? 8.915   8.253   7.037   1.00 54.43  ? 149 TYR A CE2 1 
ATOM   1086 C  CZ  . TYR A 1 149 ? 9.297   8.529   5.736   1.00 67.28  ? 149 TYR A CZ  1 
ATOM   1087 O  OH  . TYR A 1 149 ? 10.640  8.552   5.403   1.00 77.87  ? 149 TYR A OH  1 
ATOM   1088 N  N   . ARG A 1 150 ? 2.335   9.642   5.957   1.00 29.93  ? 150 ARG A N   1 
ATOM   1089 C  CA  . ARG A 1 150 ? 0.922   9.412   5.895   1.00 30.52  ? 150 ARG A CA  1 
ATOM   1090 C  C   . ARG A 1 150 ? 0.785   8.092   5.175   1.00 31.88  ? 150 ARG A C   1 
ATOM   1091 O  O   . ARG A 1 150 ? 1.450   7.860   4.159   1.00 29.31  ? 150 ARG A O   1 
ATOM   1092 C  CB  . ARG A 1 150 ? 0.243   10.489  5.080   1.00 29.99  ? 150 ARG A CB  1 
ATOM   1093 C  CG  . ARG A 1 150 ? -1.115  10.071  4.587   1.00 34.46  ? 150 ARG A CG  1 
ATOM   1094 C  CD  . ARG A 1 150 ? -2.139  10.156  5.709   1.00 32.53  ? 150 ARG A CD  1 
ATOM   1095 N  NE  . ARG A 1 150 ? -2.760  11.472  5.739   1.00 36.86  ? 150 ARG A NE  1 
ATOM   1096 C  CZ  . ARG A 1 150 ? -2.618  12.330  6.737   1.00 31.92  ? 150 ARG A CZ  1 
ATOM   1097 N  NH1 . ARG A 1 150 ? -1.886  12.000  7.778   1.00 29.39  ? 150 ARG A NH1 1 
ATOM   1098 N  NH2 . ARG A 1 150 ? -3.213  13.513  6.695   1.00 69.58  ? 150 ARG A NH2 1 
ATOM   1099 N  N   . VAL A 1 151 ? -0.059  7.218   5.697   1.00 26.42  ? 151 VAL A N   1 
ATOM   1100 C  CA  . VAL A 1 151 ? -0.246  5.927   5.069   1.00 24.57  ? 151 VAL A CA  1 
ATOM   1101 C  C   . VAL A 1 151 ? -1.668  5.673   4.694   1.00 25.87  ? 151 VAL A C   1 
ATOM   1102 O  O   . VAL A 1 151 ? -2.564  5.815   5.510   1.00 26.17  ? 151 VAL A O   1 
ATOM   1103 C  CB  . VAL A 1 151 ? 0.188   4.800   5.965   1.00 28.08  ? 151 VAL A CB  1 
ATOM   1104 C  CG1 . VAL A 1 151 ? -0.010  3.473   5.249   1.00 28.53  ? 151 VAL A CG1 1 
ATOM   1105 C  CG2 . VAL A 1 151 ? 1.621   4.972   6.360   1.00 26.76  ? 151 VAL A CG2 1 
ATOM   1106 N  N   . GLU A 1 152 ? -1.879  5.288   3.449   1.00 20.41  ? 152 GLU A N   1 
ATOM   1107 C  CA  . GLU A 1 152 ? -3.217  5.006   2.994   1.00 18.48  ? 152 GLU A CA  1 
ATOM   1108 C  C   . GLU A 1 152 ? -3.238  3.541   2.614   1.00 20.97  ? 152 GLU A C   1 
ATOM   1109 O  O   . GLU A 1 152 ? -2.636  3.152   1.623   1.00 21.39  ? 152 GLU A O   1 
ATOM   1110 C  CB  . GLU A 1 152 ? -3.563  5.875   1.787   1.00 18.50  ? 152 GLU A CB  1 
ATOM   1111 C  CG  . GLU A 1 152 ? -3.683  7.364   2.105   1.00 6.31   ? 152 GLU A CG  1 
ATOM   1112 C  CD  . GLU A 1 152 ? -4.263  8.214   0.935   1.00 24.50  ? 152 GLU A CD  1 
ATOM   1113 O  OE1 . GLU A 1 152 ? -4.515  7.660   -0.162  1.00 41.68  ? 152 GLU A OE1 1 
ATOM   1114 O  OE2 . GLU A 1 152 ? -4.457  9.438   1.122   1.00 39.93  ? 152 GLU A OE2 1 
ATOM   1115 N  N   . MET A 1 153 ? -3.911  2.722   3.409   1.00 17.84  ? 153 MET A N   1 
ATOM   1116 C  CA  . MET A 1 153 ? -3.993  1.288   3.117   1.00 17.40  ? 153 MET A CA  1 
ATOM   1117 C  C   . MET A 1 153 ? -5.353  1.084   2.474   1.00 27.56  ? 153 MET A C   1 
ATOM   1118 O  O   . MET A 1 153 ? -6.381  1.457   3.059   1.00 30.55  ? 153 MET A O   1 
ATOM   1119 C  CB  . MET A 1 153 ? -3.915  0.456   4.398   1.00 19.86  ? 153 MET A CB  1 
ATOM   1120 C  CG  . MET A 1 153 ? -2.514  0.249   4.900   1.00 28.22  ? 153 MET A CG  1 
ATOM   1121 S  SD  . MET A 1 153 ? -2.271  -1.272  5.827   1.00 34.11  ? 153 MET A SD  1 
ATOM   1122 C  CE  . MET A 1 153 ? -2.017  -0.576  7.484   1.00 32.10  ? 153 MET A CE  1 
ATOM   1123 N  N   . LYS A 1 154 ? -5.369  0.508   1.273   1.00 18.64  ? 154 LYS A N   1 
ATOM   1124 C  CA  . LYS A 1 154 ? -6.618  0.266   0.567   1.00 17.67  ? 154 LYS A CA  1 
ATOM   1125 C  C   . LYS A 1 154 ? -6.583  -1.006  -0.229  1.00 25.45  ? 154 LYS A C   1 
ATOM   1126 O  O   . LYS A 1 154 ? -5.523  -1.481  -0.600  1.00 27.50  ? 154 LYS A O   1 
ATOM   1127 C  CB  . LYS A 1 154 ? -6.950  1.426   -0.361  1.00 18.00  ? 154 LYS A CB  1 
ATOM   1128 C  CG  . LYS A 1 154 ? -5.814  1.866   -1.258  1.00 19.70  ? 154 LYS A CG  1 
ATOM   1129 C  CD  . LYS A 1 154 ? -6.279  2.933   -2.251  1.00 44.74  ? 154 LYS A CD  1 
ATOM   1130 C  CE  . LYS A 1 154 ? -5.981  4.346   -1.752  1.00 80.13  ? 154 LYS A CE  1 
ATOM   1131 N  NZ  . LYS A 1 154 ? -6.696  4.665   -0.474  1.00 100.00 ? 154 LYS A NZ  1 
ATOM   1132 N  N   . ILE A 1 155 ? -7.756  -1.555  -0.494  1.00 17.36  ? 155 ILE A N   1 
ATOM   1133 C  CA  . ILE A 1 155 ? -7.861  -2.772  -1.255  1.00 16.99  ? 155 ILE A CA  1 
ATOM   1134 C  C   . ILE A 1 155 ? -9.140  -2.714  -2.029  1.00 20.46  ? 155 ILE A C   1 
ATOM   1135 O  O   . ILE A 1 155 ? -10.159 -2.235  -1.537  1.00 23.31  ? 155 ILE A O   1 
ATOM   1136 C  CB  . ILE A 1 155 ? -7.915  -3.971  -0.354  1.00 23.29  ? 155 ILE A CB  1 
ATOM   1137 C  CG1 . ILE A 1 155 ? -8.553  -5.148  -1.091  1.00 30.40  ? 155 ILE A CG1 1 
ATOM   1138 C  CG2 . ILE A 1 155 ? -8.727  -3.637  0.855   1.00 24.40  ? 155 ILE A CG2 1 
ATOM   1139 C  CD1 . ILE A 1 155 ? -7.812  -6.456  -0.916  1.00 51.14  ? 155 ILE A CD1 1 
ATOM   1140 N  N   . ARG A 1 156 ? -9.090  -3.200  -3.252  1.00 18.78  ? 156 ARG A N   1 
ATOM   1141 C  CA  . ARG A 1 156 ? -10.257 -3.198  -4.115  1.00 19.95  ? 156 ARG A CA  1 
ATOM   1142 C  C   . ARG A 1 156 ? -11.337 -4.171  -3.692  1.00 27.83  ? 156 ARG A C   1 
ATOM   1143 O  O   . ARG A 1 156 ? -11.053 -5.280  -3.262  1.00 26.48  ? 156 ARG A O   1 
ATOM   1144 C  CB  . ARG A 1 156 ? -9.837  -3.520  -5.545  1.00 20.05  ? 156 ARG A CB  1 
ATOM   1145 C  CG  . ARG A 1 156 ? -10.673 -2.849  -6.595  1.00 14.73  ? 156 ARG A CG  1 
ATOM   1146 C  CD  . ARG A 1 156 ? -10.358 -3.393  -7.946  1.00 43.67  ? 156 ARG A CD  1 
ATOM   1147 N  NE  . ARG A 1 156 ? -11.411 -3.085  -8.903  1.00 32.17  ? 156 ARG A NE  1 
ATOM   1148 C  CZ  . ARG A 1 156 ? -11.418 -3.535  -10.149 1.00 41.48  ? 156 ARG A CZ  1 
ATOM   1149 N  NH1 . ARG A 1 156 ? -10.428 -4.311  -10.582 1.00 65.32  ? 156 ARG A NH1 1 
ATOM   1150 N  NH2 . ARG A 1 156 ? -12.408 -3.212  -10.967 1.00 23.55  ? 156 ARG A NH2 1 
ATOM   1151 N  N   . ILE A 1 157 ? -12.585 -3.746  -3.828  1.00 31.51  ? 157 ILE A N   1 
ATOM   1152 C  CA  . ILE A 1 157 ? -13.725 -4.594  -3.469  1.00 33.49  ? 157 ILE A CA  1 
ATOM   1153 C  C   . ILE A 1 157 ? -14.804 -4.607  -4.578  1.00 40.72  ? 157 ILE A C   1 
ATOM   1154 O  O   . ILE A 1 157 ? -14.873 -3.696  -5.405  1.00 38.26  ? 157 ILE A O   1 
ATOM   1155 C  CB  . ILE A 1 157 ? -14.325 -4.222  -2.099  1.00 32.08  ? 157 ILE A CB  1 
ATOM   1156 C  CG1 . ILE A 1 157 ? -14.859 -2.791  -2.112  1.00 31.57  ? 157 ILE A CG1 1 
ATOM   1157 C  CG2 . ILE A 1 157 ? -13.290 -4.376  -1.007  1.00 28.18  ? 157 ILE A CG2 1 
ATOM   1158 C  CD1 . ILE A 1 157 ? -15.545 -2.384  -0.805  1.00 22.34  ? 157 ILE A CD1 1 
ATOM   1159 N  N   . LEU A 1 158 ? -15.644 -5.641  -4.575  1.00 36.30  ? 158 LEU A N   1 
ATOM   1160 C  CA  . LEU A 1 158 ? -16.705 -5.773  -5.570  1.00 56.53  ? 158 LEU A CA  1 
ATOM   1161 C  C   . LEU A 1 158 ? -18.039 -5.202  -5.087  1.00 64.20  ? 158 LEU A C   1 
ATOM   1162 O  O   . LEU A 1 158 ? -18.096 -4.157  -4.443  1.00 73.35  ? 158 LEU A O   1 
ATOM   1163 C  CB  . LEU A 1 158 ? -16.904 -7.232  -5.933  1.00 57.13  ? 158 LEU A CB  1 
ATOM   1164 C  CG  . LEU A 1 158 ? -15.899 -7.795  -6.922  1.00 67.60  ? 158 LEU A CG  1 
ATOM   1165 C  CD1 . LEU A 1 158 ? -16.220 -9.262  -7.204  1.00 72.16  ? 158 LEU A CD1 1 
ATOM   1166 C  CD2 . LEU A 1 158 ? -15.890 -6.979  -8.211  1.00 72.08  ? 158 LEU A CD2 1 
HETATM 1167 MN MN  . MN  B 2 .   ? 5.281   -9.059  -10.176 0.50 18.53  ? 160 MN  A MN  1 
HETATM 1168 O  O   . HOH C 3 .   ? 1.488   -6.244  -12.785 1.00 21.84  ? 161 HOH A O   1 
HETATM 1169 O  O   . HOH C 3 .   ? 2.227   -10.663 -0.450  1.00 35.81  ? 162 HOH A O   1 
HETATM 1170 O  O   . HOH C 3 .   ? 8.175   -2.166  -18.861 1.00 33.29  ? 163 HOH A O   1 
HETATM 1171 O  O   . HOH C 3 .   ? 11.014  9.376   1.944   1.00 43.31  ? 164 HOH A O   1 
HETATM 1172 O  O   . HOH C 3 .   ? 9.925   2.783   11.978  1.00 65.50  ? 165 HOH A O   1 
HETATM 1173 O  O   . HOH C 3 .   ? -4.194  8.766   -14.309 1.00 62.43  ? 166 HOH A O   1 
HETATM 1174 O  O   . HOH C 3 .   ? 2.620   -11.194 2.642   1.00 38.15  ? 167 HOH A O   1 
HETATM 1175 O  O   . HOH C 3 .   ? 6.728   -5.794  -12.088 1.00 47.22  ? 168 HOH A O   1 
HETATM 1176 O  O   . HOH C 3 .   ? -1.970  -2.633  -17.440 1.00 49.71  ? 169 HOH A O   1 
HETATM 1177 O  O   . HOH C 3 .   ? -13.085 1.494   11.604  1.00 46.61  ? 170 HOH A O   1 
HETATM 1178 O  O   . HOH C 3 .   ? -12.736 -2.187  11.086  1.00 48.35  ? 171 HOH A O   1 
HETATM 1179 O  O   . HOH C 3 .   ? -18.194 -7.373  -2.644  1.00 46.12  ? 172 HOH A O   1 
HETATM 1180 O  O   . HOH C 3 .   ? -7.344  9.693   -2.132  1.00 76.06  ? 173 HOH A O   1 
HETATM 1181 O  O   . HOH C 3 .   ? 1.141   -3.580  -17.710 1.00 36.98  ? 174 HOH A O   1 
HETATM 1182 O  O   . HOH C 3 .   ? 16.661  -0.986  -0.021  1.00 52.44  ? 175 HOH A O   1 
HETATM 1183 O  O   . HOH C 3 .   ? -14.929 -12.531 2.373   1.00 75.69  ? 176 HOH A O   1 
HETATM 1184 O  O   . HOH C 3 .   ? -7.729  3.723   -7.580  1.00 27.91  ? 177 HOH A O   1 
HETATM 1185 O  O   . HOH C 3 .   ? 4.053   -12.647 -2.112  1.00 43.25  ? 178 HOH A O   1 
HETATM 1186 O  O   . HOH C 3 .   ? -1.858  -2.910  -9.576  1.00 21.51  ? 179 HOH A O   1 
HETATM 1187 O  O   . HOH C 3 .   ? 7.951   -10.041 -6.217  1.00 23.61  ? 180 HOH A O   1 
HETATM 1188 O  O   . HOH C 3 .   ? 12.464  10.404  -10.129 1.00 59.13  ? 181 HOH A O   1 
HETATM 1189 O  O   . HOH C 3 .   ? 9.900   12.878  5.426   1.00 60.77  ? 182 HOH A O   1 
HETATM 1190 O  O   . HOH C 3 .   ? -3.612  10.840  -2.427  1.00 76.32  ? 183 HOH A O   1 
HETATM 1191 O  O   . HOH C 3 .   ? 9.800   10.754  -0.445  1.00 50.04  ? 184 HOH A O   1 
HETATM 1192 O  O   . HOH C 3 .   ? -14.576 -1.873  -7.376  1.00 42.26  ? 185 HOH A O   1 
HETATM 1193 O  O   . HOH C 3 .   ? 6.188   -8.972  7.787   1.00 41.40  ? 186 HOH A O   1 
HETATM 1194 O  O   . HOH C 3 .   ? -4.987  13.682  2.252   1.00 64.64  ? 187 HOH A O   1 
HETATM 1195 O  O   . HOH C 3 .   ? -2.376  11.539  14.525  1.00 76.13  ? 188 HOH A O   1 
HETATM 1196 O  O   . HOH C 3 .   ? 4.048   -14.336 2.169   1.00 68.87  ? 189 HOH A O   1 
HETATM 1197 O  O   . HOH C 3 .   ? 3.976   25.517  7.424   1.00 62.44  ? 190 HOH A O   1 
# 
